data_8P0X
#
_entry.id   8P0X
#
_cell.length_a   1.00
_cell.length_b   1.00
_cell.length_c   1.00
_cell.angle_alpha   90.00
_cell.angle_beta   90.00
_cell.angle_gamma   90.00
#
_symmetry.space_group_name_H-M   'P 1'
#
loop_
_entity.id
_entity.type
_entity.pdbx_description
1 polymer 'Coiled-coil domain-containing protein 93'
2 polymer 'Coiled-coil domain-containing protein 22'
3 polymer 'Vacuolar protein sorting-associated protein 29'
4 polymer 'VPS35 endosomal protein-sorting factor-like'
5 polymer 'Vacuolar protein sorting-associated protein 26C'
#
loop_
_entity_poly.entity_id
_entity_poly.type
_entity_poly.pdbx_seq_one_letter_code
_entity_poly.pdbx_strand_id
1 'polypeptide(L)'
;MGLPRGPEGQGLPEVETREDEEQNVKLTEILELLVAAGYFRARIKGLSPFDKVVGGMTWCITTCNFDVDVDLLFQENSTI
GQKIALSEKIVSVLPRMKCPHQLEPHQIQGMDFIHIFPVVQWLVKRAIETKEEMGDYIRSYSVSQFQKTYSLPEDDDFIK
RKEKAIKTVVDLSEVYKPRRKYKRHQGAEELLDEESRIHATLLEYGRRYGFSRQSKMEKAEDKKTALPAGLSATEKADAH
EEDELRAAEEQRIQSLMTKMTAMANEESRLTASSVGQIVGLCSAEIKQIVSEYAEKQSELSAEESPEKLGTSQLHRRKVI
SLNKQIAQKTKHLEELRASHTSLQARYNEAKKTLTELKTYSEKLDKEQAALEKIESKADPSILQNLRALVAMNENLKSQE
QEFKAHCREEMTRLQQEIENLKAERAPRGDEKTLSSGEPPGTLTSAMTHDEDLDRRYNMEKEKLYKIRLLQARRNREIAI
LHRKIDEVPSRAELIQYQKRFIELYRQISAVHKETKQFFTLYNTLDDKKVYLEKEISLLNSIHENFSQAMASPAARDQFL
RQMEQIVEGIKQSRMKMEKKKQENKMRRDQLNDQYLELLEKQRLYFKTVKEFKEEGRKNEMLLSKVKAKAS
;
K
2 'polypeptide(L)'
;MEEADRILIHSLRQAGTAVPPDVQTLRAFTTELVVEAVVRCLRVINPAVGSGLSPLLPLAMSARFRLAMSLAQACMDLGY
PLELGYQNFLYPSEPDLRDLLLFLAERLPTDASEDADQPAGDSAILLRAIGSQIRDQLALPWVPPHLRTPKLQHLQGSAL
QKPFHASRLVVPELSSRGEPREFQASPLLLPVPTQVPQPVGRVASLLEHHALQLCQQTGRDRPGDEDWVHRTSRLPPQED
TRAQRQRLQKQLTEHLRQSWGLLGAPIQARDLGELLQAWGAGAKTGAPKGSRFTHSEKFTFHLEPQAQATQVSDVPATSR
RPEQVTWAAQEQELESLREQLEGVNRSIEEVEADMKTLGVSFVQAESECRHSKLSTAEREQALRLKSRAVELLPDGTANL
AKLQLVVENSAQRVIHLAGQWEKHRVPLLAEYRHLRKLQDCRELESSRRLAEIQELHQSVRAAAEEARRKEEVYKQLMSE
LETLPRDVSRLAYTQRILEIVGNIRKQKEEITKILSDTKELQKEINSLSGKLDRTFAVTDELVFKDAKKDDAVRKAYKYL
AALHENCSQLIQTIEDTGTIMREVRDLEEQIETELGKKTLSNLEKIREDYRALRQENAGLLGRVREA
;
L
3 'polypeptide(L)'
;MLVLVLGDLHIPHRCNSLPAKFKKLLVPGKIQHILCTGNLCTKESYDYLKTLAGDVHIVRGDFDENLNYPEQKVVTVGQF
KIGLIHGHQVIPWGDMASLALLQRQFDVDILISGHTHKFEAFEHENKFYINPGSATGAYNALETNIIPSFVLMDIQASTV
VTYVYQLIGDDVKVERIEYKKP
;
N
4 'polypeptide(L)'
;MAVFPWHSRNRNYKAEFASCRLEAVPLEFGDYHPLKPITVTESKTKKVNRKGSTSSTSSSSSSSVVDPLSSVLDGTDPLS
MFAATADPAALAAAMDSSRRKRDRDDNSVVGSDFEPWTNKRGEILARYTTTEKLSINLFMGSEKGKAGTATLAMSEKVRT
RLEELDDFEEGSQKELLNLTQQDYVNRIEELNQSLKDAWASDQKVKALKIVIQCSKLLSDTSVIQFYPSKFVLITDILDT
FGKLVYERIFSMCVDSRSVLPDHFSPENANDTAKETCLNWFFKIASIRELIPRFYVEASILKCNKFLSKTGISECLPRLT
CMIRGIGDPLVSVYARAYLCRVGMEVAPHLKETLNKNFFDFLLTFKQIHGDTVQNQLVVQGVELPSYLPLYPPAMDWIFQ
CISYHAPEALLTEMMERCKKLGNNALLLNSVMSAFRAEFIATRSMDFIGMIKECDESGFPKHLLFRSLGLNLALADPPES
DRLQILNEAWKVITKLKNPQDYINCAEVWVEYTCKHFTKREVNTVLADVIKHMTPDRAFEDSYPQLQLIIKKVIAHFHDF
SVLFSVEKFLPFLDMFQKESVRVEVCKCIMDAFIKHQQEPTKDPVILNALLHVCKTMHDSVNALTLEDEKRMLSYLINGF
IKMVSFGRDFEQQLSFYVESRSMFCNLEPVLVQLIHSVNRLAMETRKVMKGNHSRKTAAFVRACVAYCFITIPSLAGIFT
RLNLYLHSGQVALANQCLSQADAFFKAAISLVPEVPKMINIDGKMRPSESFLLEFLCNFFSTLLIVPDHPEHGVLFLVRE
LLNVIQDYTWEDNSDEKIRIYTCVLHLLSAMSQETYLYHIDKVDSNDSLYGGDSKFLAENNKLCETVMAQILEHLKTLAK
DEALKRQSSLGLSFFNSILAHGDLRNNKLNQLSVNLWHLAQRHGCADTRTMVKTLEYIKKQSKQPDMTHLTELALRLPLQ
TRT
;
O
5 'polypeptide(L)'
;MGTALDIKIKRANKVYHAGEVLSGVVVISSKDSVQHQGVSLTMEGTVNLQLSAKSVGVFEAFYNSVKPIQIINSTIEMVK
PGKFPSGKTEIPFEFPLHLKGNKVLYETYHGVFVNIQYTLRCDMKRSLLAKDLTKTCEFIVHSAPQKGKFTPSPVDFTIT
PETLQNVKERALLPKFLLRGHLNSTNCVITQPLTGELVVESSEAAIRSVELQLVRVETCGCAEGYARDATEIQNIQIADG
DVCRGLSVPIYMVFPRLFTCPTLETTNFKVEFEVNIVVLLHPDHLITENFPLKLCRI
;
P
#
# COMPACT_ATOMS: atom_id res chain seq x y z
N ALA A 446 76.22 -38.37 -25.28
CA ALA A 446 75.34 -37.28 -24.88
C ALA A 446 75.43 -37.05 -23.38
N MET A 447 75.68 -38.12 -22.64
CA MET A 447 75.61 -38.04 -21.19
C MET A 447 76.57 -36.99 -20.65
N THR A 448 77.75 -36.86 -21.27
CA THR A 448 78.67 -35.80 -20.88
C THR A 448 78.08 -34.44 -21.21
N HIS A 449 77.56 -34.30 -22.42
CA HIS A 449 76.85 -33.09 -22.81
C HIS A 449 75.70 -32.78 -21.87
N ASP A 450 74.88 -33.79 -21.58
CA ASP A 450 73.74 -33.58 -20.71
C ASP A 450 74.17 -33.13 -19.31
N GLU A 451 75.22 -33.77 -18.80
CA GLU A 451 75.80 -33.39 -17.52
C GLU A 451 76.27 -31.96 -17.55
N ASP A 452 76.92 -31.57 -18.64
CA ASP A 452 77.41 -30.19 -18.77
C ASP A 452 76.26 -29.21 -18.78
N LEU A 453 75.20 -29.53 -19.50
CA LEU A 453 74.01 -28.67 -19.56
C LEU A 453 73.41 -28.46 -18.19
N ASP A 454 73.16 -29.55 -17.47
CA ASP A 454 72.59 -29.41 -16.13
C ASP A 454 73.54 -28.73 -15.17
N ARG A 455 74.84 -29.02 -15.23
CA ARG A 455 75.79 -28.34 -14.37
C ARG A 455 75.72 -26.83 -14.56
N ARG A 456 75.83 -26.41 -15.82
CA ARG A 456 75.81 -24.98 -16.15
C ARG A 456 74.49 -24.36 -15.72
N TYR A 457 73.40 -25.05 -16.03
CA TYR A 457 72.07 -24.63 -15.61
C TYR A 457 71.99 -24.40 -14.11
N ASN A 458 72.44 -25.38 -13.33
CA ASN A 458 72.41 -25.26 -11.89
C ASN A 458 73.28 -24.11 -11.41
N MET A 459 74.47 -23.97 -12.01
CA MET A 459 75.39 -22.91 -11.62
C MET A 459 74.73 -21.55 -11.77
N GLU A 460 74.16 -21.32 -12.95
CA GLU A 460 73.56 -20.02 -13.20
C GLU A 460 72.29 -19.86 -12.40
N LYS A 461 71.61 -20.98 -12.13
CA LYS A 461 70.46 -20.96 -11.24
C LYS A 461 70.82 -20.41 -9.87
N GLU A 462 71.86 -20.93 -9.25
CA GLU A 462 72.16 -20.47 -7.90
C GLU A 462 72.78 -19.08 -7.93
N LYS A 463 73.60 -18.79 -8.93
CA LYS A 463 74.07 -17.43 -9.10
C LYS A 463 72.89 -16.47 -9.20
N LEU A 464 71.86 -16.89 -9.92
CA LEU A 464 70.64 -16.10 -10.00
C LEU A 464 69.92 -16.04 -8.66
N TYR A 465 69.99 -17.09 -7.85
CA TYR A 465 69.46 -16.99 -6.49
C TYR A 465 70.19 -15.94 -5.69
N LYS A 466 71.48 -15.84 -5.88
CA LYS A 466 72.26 -14.82 -5.18
C LYS A 466 71.86 -13.45 -5.68
N ILE A 467 71.63 -13.35 -6.98
CA ILE A 467 71.12 -12.13 -7.57
C ILE A 467 69.75 -11.81 -7.00
N ARG A 468 68.95 -12.85 -6.80
CA ARG A 468 67.61 -12.72 -6.25
C ARG A 468 67.65 -12.22 -4.83
N LEU A 469 68.68 -12.60 -4.07
CA LEU A 469 68.88 -12.01 -2.76
C LEU A 469 69.27 -10.55 -2.85
N LEU A 470 70.15 -10.20 -3.79
CA LEU A 470 70.41 -8.80 -4.03
C LEU A 470 69.13 -8.05 -4.36
N GLN A 471 68.35 -8.59 -5.27
CA GLN A 471 67.16 -7.93 -5.77
C GLN A 471 66.10 -7.86 -4.69
N ALA A 472 65.97 -8.90 -3.90
CA ALA A 472 65.10 -8.88 -2.74
C ALA A 472 65.52 -7.80 -1.76
N ARG A 473 66.81 -7.70 -1.49
CA ARG A 473 67.31 -6.66 -0.60
C ARG A 473 67.01 -5.27 -1.14
N ARG A 474 67.31 -5.03 -2.40
CA ARG A 474 67.05 -3.73 -2.99
C ARG A 474 65.56 -3.44 -3.09
N ASN A 475 64.77 -4.48 -3.31
CA ASN A 475 63.32 -4.34 -3.32
C ASN A 475 62.84 -3.90 -1.93
N ARG A 476 63.40 -4.52 -0.89
CA ARG A 476 63.09 -4.16 0.49
C ARG A 476 63.39 -2.70 0.75
N GLU A 477 64.56 -2.27 0.29
CA GLU A 477 64.95 -0.87 0.44
C GLU A 477 63.97 0.06 -0.26
N ILE A 478 63.65 -0.28 -1.51
CA ILE A 478 62.75 0.55 -2.30
C ILE A 478 61.39 0.63 -1.64
N ALA A 479 60.88 -0.51 -1.18
CA ALA A 479 59.60 -0.55 -0.51
C ALA A 479 59.62 0.29 0.76
N ILE A 480 60.72 0.24 1.49
CA ILE A 480 60.87 1.10 2.67
C ILE A 480 60.74 2.55 2.25
N LEU A 481 61.44 2.92 1.20
CA LEU A 481 61.41 4.29 0.73
C LEU A 481 60.00 4.70 0.34
N HIS A 482 59.31 3.82 -0.36
CA HIS A 482 57.93 4.10 -0.75
C HIS A 482 57.03 4.25 0.45
N ARG A 483 57.27 3.42 1.47
CA ARG A 483 56.54 3.56 2.72
C ARG A 483 56.76 4.95 3.29
N LYS A 484 58.02 5.35 3.38
CA LYS A 484 58.37 6.65 3.90
C LYS A 484 57.73 7.75 3.08
N ILE A 485 57.67 7.56 1.78
CA ILE A 485 57.07 8.52 0.87
C ILE A 485 55.57 8.64 1.14
N ASP A 486 54.92 7.50 1.29
CA ASP A 486 53.49 7.45 1.55
C ASP A 486 53.13 8.10 2.87
N GLU A 487 54.04 8.06 3.84
CA GLU A 487 53.69 8.44 5.21
C GLU A 487 53.18 9.86 5.31
N VAL A 488 53.64 10.77 4.45
CA VAL A 488 53.14 12.14 4.43
C VAL A 488 52.23 12.38 3.23
N PRO A 489 50.94 12.20 3.38
CA PRO A 489 50.02 12.23 2.24
C PRO A 489 49.85 13.64 1.65
N SER A 490 49.16 13.67 0.51
CA SER A 490 48.96 14.89 -0.26
C SER A 490 47.91 15.80 0.40
N ARG A 491 48.24 17.08 0.47
CA ARG A 491 47.30 18.04 1.04
C ARG A 491 45.97 18.02 0.30
N ALA A 492 45.99 17.71 -1.00
CA ALA A 492 44.72 17.54 -1.69
C ALA A 492 43.81 16.62 -0.90
N GLU A 493 44.35 15.48 -0.47
CA GLU A 493 43.60 14.58 0.38
C GLU A 493 43.32 15.18 1.74
N LEU A 494 44.33 15.83 2.32
CA LEU A 494 44.16 16.46 3.61
C LEU A 494 42.96 17.38 3.64
N ILE A 495 42.62 17.96 2.51
CA ILE A 495 41.42 18.78 2.45
C ILE A 495 40.20 17.96 2.81
N GLN A 496 40.13 16.75 2.27
CA GLN A 496 39.00 15.90 2.58
C GLN A 496 39.09 15.41 4.01
N TYR A 497 40.32 15.17 4.47
CA TYR A 497 40.51 14.83 5.87
C TYR A 497 39.79 15.84 6.74
N GLN A 498 40.09 17.11 6.51
CA GLN A 498 39.48 18.17 7.29
C GLN A 498 37.99 18.24 7.08
N LYS A 499 37.54 18.11 5.83
CA LYS A 499 36.12 18.07 5.56
C LYS A 499 35.44 17.03 6.43
N ARG A 500 36.08 15.88 6.56
CA ARG A 500 35.56 14.79 7.35
C ARG A 500 35.54 15.18 8.81
N PHE A 501 36.59 15.85 9.25
CA PHE A 501 36.63 16.34 10.61
C PHE A 501 35.51 17.34 10.86
N ILE A 502 35.29 18.21 9.89
CA ILE A 502 34.29 19.26 10.03
C ILE A 502 32.92 18.65 10.22
N GLU A 503 32.61 17.69 9.38
CA GLU A 503 31.33 17.05 9.48
C GLU A 503 31.24 16.31 10.79
N LEU A 504 32.36 15.72 11.20
CA LEU A 504 32.42 15.08 12.50
C LEU A 504 32.10 16.07 13.61
N TYR A 505 32.68 17.26 13.55
CA TYR A 505 32.46 18.23 14.61
C TYR A 505 30.98 18.47 14.75
N ARG A 506 30.36 18.79 13.62
CA ARG A 506 28.92 19.02 13.57
C ARG A 506 28.15 17.85 14.13
N GLN A 507 28.41 16.67 13.59
CA GLN A 507 27.69 15.46 13.94
C GLN A 507 27.79 15.21 15.42
N ILE A 508 29.01 15.14 15.91
CA ILE A 508 29.29 14.76 17.28
C ILE A 508 28.69 15.76 18.24
N SER A 509 28.83 17.04 17.93
CA SER A 509 28.26 18.05 18.81
C SER A 509 26.77 17.81 18.95
N ALA A 510 26.10 17.62 17.81
CA ALA A 510 24.68 17.32 17.88
C ALA A 510 24.47 16.07 18.73
N VAL A 511 25.21 15.03 18.42
CA VAL A 511 25.05 13.75 19.08
C VAL A 511 25.07 13.92 20.58
N HIS A 512 26.06 14.66 21.07
CA HIS A 512 26.15 14.91 22.49
C HIS A 512 24.96 15.68 22.99
N LYS A 513 24.55 16.68 22.23
CA LYS A 513 23.37 17.46 22.60
C LYS A 513 22.18 16.55 22.83
N GLU A 514 21.88 15.75 21.82
CA GLU A 514 20.76 14.83 21.88
C GLU A 514 20.94 13.88 23.03
N THR A 515 22.17 13.44 23.22
CA THR A 515 22.49 12.53 24.28
C THR A 515 22.01 13.09 25.58
N LYS A 516 22.40 14.33 25.86
CA LYS A 516 22.00 14.96 27.10
C LYS A 516 20.49 15.13 27.15
N GLN A 517 19.90 15.54 26.03
CA GLN A 517 18.47 15.81 26.00
C GLN A 517 17.70 14.60 26.45
N PHE A 518 17.94 13.49 25.79
CA PHE A 518 17.12 12.32 25.98
C PHE A 518 17.52 11.56 27.22
N PHE A 519 18.80 11.64 27.60
CA PHE A 519 19.20 11.18 28.92
C PHE A 519 18.35 11.83 29.99
N THR A 520 18.29 13.14 29.98
CA THR A 520 17.57 13.81 31.04
C THR A 520 16.09 13.54 30.90
N LEU A 521 15.63 13.45 29.65
CA LEU A 521 14.25 13.07 29.38
C LEU A 521 13.90 11.79 30.08
N TYR A 522 14.75 10.79 29.92
CA TYR A 522 14.53 9.52 30.59
C TYR A 522 14.56 9.69 32.10
N ASN A 523 15.52 10.48 32.60
CA ASN A 523 15.57 10.73 34.03
C ASN A 523 14.24 11.25 34.50
N THR A 524 13.67 12.15 33.73
CA THR A 524 12.41 12.79 34.06
C THR A 524 11.30 11.77 34.10
N LEU A 525 11.24 10.95 33.06
CA LEU A 525 10.15 9.99 32.95
C LEU A 525 10.25 9.00 34.09
N ASP A 526 11.46 8.60 34.43
CA ASP A 526 11.69 7.73 35.57
C ASP A 526 11.26 8.38 36.88
N ASP A 527 11.63 9.64 37.08
CA ASP A 527 11.26 10.34 38.31
C ASP A 527 9.74 10.37 38.47
N LYS A 528 9.06 10.73 37.38
CA LYS A 528 7.61 10.74 37.40
C LYS A 528 7.07 9.35 37.69
N LYS A 529 7.70 8.33 37.10
CA LYS A 529 7.33 6.96 37.41
C LYS A 529 7.46 6.66 38.90
N VAL A 530 8.55 7.12 39.51
CA VAL A 530 8.74 6.93 40.95
C VAL A 530 7.58 7.53 41.72
N TYR A 531 7.12 8.70 41.30
CA TYR A 531 5.98 9.27 41.97
C TYR A 531 4.71 8.48 41.71
N LEU A 532 4.57 7.91 40.53
CA LEU A 532 3.48 6.97 40.27
C LEU A 532 3.52 5.84 41.28
N GLU A 533 4.71 5.28 41.48
CA GLU A 533 4.90 4.16 42.39
C GLU A 533 4.48 4.53 43.80
N LYS A 534 4.96 5.66 44.31
CA LYS A 534 4.60 6.07 45.65
C LYS A 534 3.11 6.33 45.74
N GLU A 535 2.53 6.90 44.69
CA GLU A 535 1.12 7.20 44.66
C GLU A 535 0.27 5.94 44.77
N ILE A 536 0.61 4.92 43.99
CA ILE A 536 -0.11 3.65 44.05
C ILE A 536 0.06 3.03 45.44
N SER A 537 1.30 3.04 45.95
CA SER A 537 1.57 2.43 47.24
C SER A 537 0.72 3.07 48.33
N LEU A 538 0.73 4.39 48.38
CA LEU A 538 -0.03 5.08 49.40
C LEU A 538 -1.52 4.84 49.22
N LEU A 539 -2.02 4.87 47.98
CA LEU A 539 -3.44 4.64 47.76
C LEU A 539 -3.89 3.28 48.29
N ASN A 540 -3.18 2.23 47.91
CA ASN A 540 -3.59 0.90 48.35
C ASN A 540 -3.38 0.72 49.85
N SER A 541 -2.26 1.19 50.39
CA SER A 541 -2.06 1.14 51.83
C SER A 541 -3.17 1.85 52.57
N ILE A 542 -3.52 3.05 52.12
CA ILE A 542 -4.61 3.82 52.70
C ILE A 542 -5.93 3.09 52.61
N HIS A 543 -6.23 2.53 51.45
CA HIS A 543 -7.53 1.87 51.27
C HIS A 543 -7.62 0.64 52.14
N GLU A 544 -6.52 -0.09 52.30
CA GLU A 544 -6.54 -1.24 53.20
C GLU A 544 -6.67 -0.78 54.64
N ASN A 545 -5.90 0.23 55.02
CA ASN A 545 -6.01 0.80 56.36
C ASN A 545 -7.41 1.35 56.57
N PHE A 546 -7.96 1.96 55.52
CA PHE A 546 -9.35 2.38 55.53
C PHE A 546 -10.28 1.21 55.84
N SER A 547 -10.00 0.04 55.27
CA SER A 547 -10.74 -1.15 55.61
C SER A 547 -10.61 -1.50 57.09
N GLN A 548 -9.58 -1.01 57.77
CA GLN A 548 -9.44 -1.18 59.21
C GLN A 548 -9.88 0.03 60.02
N ALA A 549 -10.03 1.20 59.39
CA ALA A 549 -9.87 2.47 60.10
C ALA A 549 -10.99 2.78 61.08
N MET A 550 -12.15 2.12 60.97
CA MET A 550 -13.37 2.52 61.66
C MET A 550 -13.44 2.02 63.11
N ALA A 551 -12.31 1.63 63.72
CA ALA A 551 -12.35 0.87 64.96
C ALA A 551 -13.00 1.62 66.12
N SER A 552 -12.79 2.94 66.22
CA SER A 552 -13.35 3.66 67.36
C SER A 552 -13.40 5.15 67.05
N PRO A 553 -14.17 5.92 67.83
CA PRO A 553 -14.08 7.39 67.71
C PRO A 553 -12.72 7.94 68.03
N ALA A 554 -12.03 7.39 69.03
CA ALA A 554 -10.65 7.78 69.27
C ALA A 554 -9.79 7.45 68.05
N ALA A 555 -10.04 6.28 67.47
CA ALA A 555 -9.38 5.89 66.22
C ALA A 555 -9.78 6.83 65.10
N ARG A 556 -11.07 7.16 65.01
CA ARG A 556 -11.54 8.15 64.04
C ARG A 556 -10.76 9.45 64.17
N ASP A 557 -10.66 9.97 65.39
CA ASP A 557 -9.94 11.22 65.64
C ASP A 557 -8.49 11.09 65.20
N GLN A 558 -7.80 10.06 65.67
CA GLN A 558 -6.39 9.87 65.33
C GLN A 558 -6.22 9.76 63.82
N PHE A 559 -7.08 8.95 63.18
CA PHE A 559 -7.10 8.78 61.73
C PHE A 559 -7.19 10.10 61.00
N LEU A 560 -8.18 10.92 61.35
CA LEU A 560 -8.37 12.16 60.60
C LEU A 560 -7.27 13.15 60.89
N ARG A 561 -6.76 13.16 62.13
CA ARG A 561 -5.56 13.93 62.45
C ARG A 561 -4.40 13.53 61.55
N GLN A 562 -4.22 12.22 61.38
CA GLN A 562 -3.17 11.70 60.53
C GLN A 562 -3.38 12.09 59.09
N MET A 563 -4.62 12.03 58.63
CA MET A 563 -4.91 12.45 57.26
C MET A 563 -4.61 13.92 57.05
N GLU A 564 -4.95 14.74 58.03
CA GLU A 564 -4.60 16.16 57.98
C GLU A 564 -3.09 16.32 57.86
N GLN A 565 -2.35 15.63 58.71
CA GLN A 565 -0.90 15.78 58.73
C GLN A 565 -0.26 15.28 57.45
N ILE A 566 -0.78 14.17 56.91
CA ILE A 566 -0.28 13.59 55.68
C ILE A 566 -0.48 14.54 54.52
N VAL A 567 -1.72 15.03 54.35
CA VAL A 567 -2.00 15.90 53.23
C VAL A 567 -1.23 17.21 53.37
N GLU A 568 -1.04 17.69 54.60
CA GLU A 568 -0.21 18.87 54.81
C GLU A 568 1.23 18.66 54.38
N GLY A 569 1.87 17.58 54.82
CA GLY A 569 3.23 17.32 54.40
C GLY A 569 3.37 17.14 52.90
N ILE A 570 2.39 16.46 52.30
CA ILE A 570 2.38 16.29 50.86
C ILE A 570 2.28 17.64 50.17
N LYS A 571 1.38 18.48 50.65
CA LYS A 571 1.28 19.84 50.15
C LYS A 571 2.61 20.55 50.28
N GLN A 572 3.26 20.42 51.43
CA GLN A 572 4.55 21.06 51.64
C GLN A 572 5.55 20.66 50.57
N SER A 573 5.64 19.36 50.29
CA SER A 573 6.57 18.88 49.28
C SER A 573 6.18 19.39 47.89
N ARG A 574 4.91 19.21 47.54
CA ARG A 574 4.39 19.69 46.28
C ARG A 574 4.68 21.17 46.08
N MET A 575 4.46 21.96 47.12
CA MET A 575 4.67 23.39 47.05
C MET A 575 6.15 23.72 46.98
N LYS A 576 6.99 22.93 47.63
CA LYS A 576 8.42 23.04 47.41
C LYS A 576 8.74 22.90 45.93
N MET A 577 8.18 21.87 45.31
CA MET A 577 8.47 21.65 43.90
C MET A 577 7.82 22.70 43.01
N GLU A 578 6.67 23.23 43.40
CA GLU A 578 6.09 24.35 42.66
C GLU A 578 6.94 25.61 42.75
N LYS A 579 7.43 25.92 43.95
CA LYS A 579 8.34 27.04 44.11
C LYS A 579 9.58 26.82 43.26
N LYS A 580 10.08 25.59 43.23
CA LYS A 580 11.18 25.22 42.35
C LYS A 580 10.82 25.46 40.87
N LYS A 581 9.58 25.14 40.49
CA LYS A 581 9.10 25.43 39.15
C LYS A 581 9.17 26.92 38.87
N GLN A 582 8.68 27.73 39.80
CA GLN A 582 8.69 29.16 39.61
C GLN A 582 10.11 29.68 39.55
N GLU A 583 11.00 29.08 40.33
CA GLU A 583 12.42 29.40 40.27
C GLU A 583 12.96 29.16 38.86
N ASN A 584 12.64 28.01 38.29
CA ASN A 584 13.04 27.75 36.91
C ASN A 584 12.35 28.69 35.94
N LYS A 585 11.13 29.09 36.26
CA LYS A 585 10.41 30.04 35.43
C LYS A 585 11.14 31.37 35.39
N MET A 586 11.55 31.84 36.57
CA MET A 586 12.33 33.07 36.66
C MET A 586 13.66 32.90 35.94
N ARG A 587 14.26 31.73 36.09
CA ARG A 587 15.45 31.37 35.35
C ARG A 587 15.24 31.60 33.86
N ARG A 588 14.16 31.04 33.34
CA ARG A 588 13.78 31.23 31.95
C ARG A 588 13.58 32.69 31.64
N ASP A 589 13.00 33.43 32.58
CA ASP A 589 12.78 34.84 32.35
C ASP A 589 14.09 35.55 32.16
N GLN A 590 15.01 35.34 33.08
CA GLN A 590 16.31 35.96 33.03
C GLN A 590 16.99 35.63 31.71
N LEU A 591 16.99 34.34 31.38
CA LEU A 591 17.67 33.88 30.18
C LEU A 591 17.05 34.46 28.92
N ASN A 592 15.72 34.39 28.81
CA ASN A 592 15.03 34.92 27.67
C ASN A 592 15.31 36.40 27.51
N ASP A 593 15.20 37.14 28.59
CA ASP A 593 15.40 38.57 28.54
C ASP A 593 16.80 38.90 28.08
N GLN A 594 17.79 38.25 28.70
CA GLN A 594 19.17 38.45 28.29
C GLN A 594 19.34 38.14 26.82
N TYR A 595 18.69 37.08 26.35
CA TYR A 595 18.79 36.71 24.95
C TYR A 595 18.23 37.80 24.07
N LEU A 596 17.04 38.28 24.40
CA LEU A 596 16.41 39.31 23.60
C LEU A 596 17.23 40.58 23.63
N GLU A 597 17.83 40.87 24.78
CA GLU A 597 18.70 42.02 24.92
C GLU A 597 19.83 41.92 23.94
N LEU A 598 20.51 40.80 23.95
CA LEU A 598 21.70 40.66 23.15
C LEU A 598 21.35 40.50 21.69
N LEU A 599 20.17 39.95 21.41
CA LEU A 599 19.61 39.96 20.06
C LEU A 599 19.52 41.38 19.53
N GLU A 600 18.98 42.28 20.34
CA GLU A 600 18.98 43.68 19.95
C GLU A 600 20.41 44.21 19.82
N LYS A 601 21.26 43.88 20.79
CA LYS A 601 22.64 44.35 20.70
C LYS A 601 23.27 43.94 19.38
N GLN A 602 22.90 42.76 18.90
CA GLN A 602 23.37 42.25 17.63
C GLN A 602 22.79 43.02 16.45
N ARG A 603 21.47 43.22 16.47
CA ARG A 603 20.85 44.00 15.41
C ARG A 603 21.37 45.42 15.38
N LEU A 604 21.48 46.04 16.55
CA LEU A 604 22.15 47.33 16.70
C LEU A 604 23.55 47.30 16.14
N TYR A 605 24.27 46.22 16.40
CA TYR A 605 25.62 46.09 15.86
C TYR A 605 25.61 46.08 14.35
N PHE A 606 24.66 45.38 13.75
CA PHE A 606 24.52 45.42 12.30
C PHE A 606 24.16 46.82 11.82
N LYS A 607 23.34 47.51 12.60
CA LYS A 607 23.06 48.90 12.28
C LYS A 607 24.34 49.72 12.33
N THR A 608 25.18 49.45 13.33
CA THR A 608 26.46 50.12 13.44
C THR A 608 27.35 49.78 12.25
N VAL A 609 27.23 48.55 11.76
CA VAL A 609 27.93 48.14 10.55
C VAL A 609 27.52 49.02 9.38
N LYS A 610 26.21 49.21 9.25
CA LYS A 610 25.70 50.08 8.20
C LYS A 610 26.23 51.50 8.39
N GLU A 611 26.17 51.99 9.63
CA GLU A 611 26.64 53.32 9.97
C GLU A 611 28.09 53.54 9.57
N PHE A 612 28.96 52.60 9.93
CA PHE A 612 30.35 52.74 9.56
C PHE A 612 30.52 52.64 8.06
N LYS A 613 29.73 51.78 7.41
CA LYS A 613 29.84 51.69 5.96
C LYS A 613 29.49 53.03 5.33
N GLU A 614 28.53 53.72 5.92
CA GLU A 614 28.27 55.11 5.55
C GLU A 614 29.47 55.98 5.79
N GLU A 615 30.12 55.82 6.94
CA GLU A 615 31.31 56.63 7.24
C GLU A 615 32.43 56.38 6.24
N GLY A 616 32.59 55.13 5.80
CA GLY A 616 33.61 54.81 4.81
C GLY A 616 33.26 55.28 3.42
N ARG A 617 32.02 55.09 3.02
CA ARG A 617 31.54 55.64 1.75
C ARG A 617 31.71 57.14 1.74
N LYS A 618 31.34 57.78 2.85
CA LYS A 618 31.59 59.19 3.09
C LYS A 618 33.04 59.54 2.90
N ASN A 619 33.92 58.75 3.53
CA ASN A 619 35.36 58.95 3.40
C ASN A 619 35.81 58.94 1.95
N GLU A 620 35.38 57.92 1.20
CA GLU A 620 35.84 57.77 -0.17
C GLU A 620 35.30 58.89 -1.05
N MET A 621 34.06 59.30 -0.82
CA MET A 621 33.50 60.43 -1.54
C MET A 621 34.23 61.73 -1.18
N LEU A 622 34.57 61.89 0.10
CA LEU A 622 35.37 63.02 0.53
C LEU A 622 36.67 63.06 -0.23
N LEU A 623 37.34 61.91 -0.30
CA LEU A 623 38.56 61.78 -1.10
C LEU A 623 38.32 62.19 -2.54
N SER A 624 37.18 61.78 -3.10
CA SER A 624 36.86 62.11 -4.48
C SER A 624 36.76 63.61 -4.69
N LYS A 625 36.03 64.29 -3.81
CA LYS A 625 35.98 65.75 -3.88
C LYS A 625 37.34 66.36 -3.63
N VAL A 626 38.11 65.80 -2.70
CA VAL A 626 39.44 66.32 -2.43
C VAL A 626 40.27 66.34 -3.71
N LYS A 627 40.31 65.21 -4.42
CA LYS A 627 41.09 65.17 -5.65
C LYS A 627 40.47 66.03 -6.75
N ALA A 628 39.15 66.08 -6.82
CA ALA A 628 38.51 66.92 -7.83
C ALA A 628 38.84 68.39 -7.64
N LYS A 629 38.67 68.89 -6.41
CA LYS A 629 38.88 70.30 -6.10
C LYS A 629 40.35 70.68 -5.97
N ALA A 630 41.10 69.98 -5.12
CA ALA A 630 42.44 70.42 -4.74
C ALA A 630 43.48 70.15 -5.82
N SER A 631 43.44 68.97 -6.43
CA SER A 631 44.56 68.51 -7.23
C SER A 631 44.62 69.25 -8.55
N MET B 1 38.10 23.78 16.79
CA MET B 1 37.97 22.90 15.64
C MET B 1 39.31 22.21 15.44
N GLU B 2 39.57 21.21 16.28
CA GLU B 2 40.93 20.82 16.62
C GLU B 2 41.76 20.57 15.38
N GLU B 3 41.24 19.74 14.49
CA GLU B 3 41.98 19.46 13.28
C GLU B 3 41.95 20.64 12.34
N ALA B 4 40.85 21.36 12.30
CA ALA B 4 40.85 22.60 11.54
C ALA B 4 41.80 23.60 12.17
N ASP B 5 41.93 23.57 13.49
CA ASP B 5 42.98 24.36 14.12
C ASP B 5 44.34 23.96 13.58
N ARG B 6 44.55 22.68 13.39
CA ARG B 6 45.78 22.21 12.78
C ARG B 6 45.88 22.57 11.31
N ILE B 7 44.74 22.58 10.61
CA ILE B 7 44.72 23.10 9.26
C ILE B 7 45.06 24.56 9.19
N LEU B 8 44.91 25.29 10.28
CA LEU B 8 45.46 26.63 10.25
C LEU B 8 46.93 26.54 9.86
N ILE B 9 47.65 25.64 10.52
CA ILE B 9 49.06 25.45 10.21
C ILE B 9 49.21 24.90 8.81
N HIS B 10 48.43 23.86 8.51
CA HIS B 10 48.60 23.17 7.25
C HIS B 10 48.36 24.10 6.09
N SER B 11 47.32 24.91 6.21
CA SER B 11 46.95 25.88 5.21
C SER B 11 47.98 26.99 5.10
N LEU B 12 48.52 27.44 6.24
CA LEU B 12 49.57 28.45 6.17
C LEU B 12 50.77 27.92 5.40
N ARG B 13 51.18 26.69 5.72
CA ARG B 13 52.25 26.06 4.99
C ARG B 13 51.91 25.94 3.51
N GLN B 14 50.69 25.48 3.25
CA GLN B 14 50.15 25.45 1.90
C GLN B 14 50.20 26.81 1.24
N ALA B 15 50.00 27.87 2.00
CA ALA B 15 50.09 29.22 1.48
C ALA B 15 51.52 29.70 1.41
N GLY B 16 52.36 29.22 2.32
CA GLY B 16 53.64 29.85 2.50
C GLY B 16 53.57 31.12 3.31
N THR B 17 52.37 31.49 3.77
CA THR B 17 52.26 32.56 4.74
C THR B 17 53.04 32.18 5.98
N ALA B 18 53.49 33.19 6.73
CA ALA B 18 54.17 32.91 7.99
C ALA B 18 53.34 31.95 8.82
N VAL B 19 54.03 31.04 9.49
CA VAL B 19 53.35 30.02 10.27
C VAL B 19 53.85 30.11 11.70
N PRO B 20 53.61 31.20 12.41
CA PRO B 20 54.07 31.27 13.77
C PRO B 20 53.38 30.20 14.59
N PRO B 21 54.14 29.31 15.19
CA PRO B 21 53.51 28.16 15.87
C PRO B 21 52.65 28.59 17.00
N ASP B 22 52.86 29.79 17.50
CA ASP B 22 51.99 30.40 18.48
C ASP B 22 50.63 30.77 17.89
N VAL B 23 50.56 30.94 16.58
CA VAL B 23 49.28 31.15 15.91
C VAL B 23 48.54 29.82 15.84
N GLN B 24 47.55 29.63 16.70
CA GLN B 24 46.89 28.33 16.79
C GLN B 24 45.37 28.36 16.69
N THR B 25 44.76 29.54 16.56
CA THR B 25 43.33 29.68 16.36
C THR B 25 43.09 30.94 15.56
N LEU B 26 41.94 30.98 14.88
CA LEU B 26 41.56 32.22 14.22
C LEU B 26 41.50 33.37 15.19
N ARG B 27 41.39 33.09 16.49
CA ARG B 27 41.49 34.15 17.48
C ARG B 27 42.81 34.87 17.35
N ALA B 28 43.86 34.15 16.98
CA ALA B 28 45.19 34.75 16.85
C ALA B 28 45.26 35.81 15.77
N PHE B 29 44.47 35.66 14.71
CA PHE B 29 44.81 36.30 13.45
C PHE B 29 44.47 37.78 13.43
N THR B 30 45.39 38.57 12.90
CA THR B 30 44.97 39.83 12.32
C THR B 30 44.22 39.54 11.04
N THR B 31 43.15 40.28 10.81
CA THR B 31 42.52 40.25 9.50
C THR B 31 43.51 40.64 8.42
N GLU B 32 44.48 41.47 8.77
CA GLU B 32 45.54 41.84 7.82
C GLU B 32 46.34 40.62 7.38
N LEU B 33 46.72 39.75 8.31
CA LEU B 33 47.50 38.58 7.91
C LEU B 33 46.64 37.64 7.09
N VAL B 34 45.38 37.50 7.49
CA VAL B 34 44.42 36.74 6.71
C VAL B 34 44.39 37.23 5.28
N VAL B 35 44.28 38.54 5.11
CA VAL B 35 44.20 39.11 3.77
C VAL B 35 45.52 38.97 3.02
N GLU B 36 46.64 39.03 3.72
CA GLU B 36 47.92 38.78 3.06
C GLU B 36 47.93 37.40 2.43
N ALA B 37 47.48 36.41 3.19
CA ALA B 37 47.39 35.07 2.64
C ALA B 37 46.39 35.03 1.50
N VAL B 38 45.32 35.80 1.62
CA VAL B 38 44.35 35.93 0.55
C VAL B 38 45.04 36.40 -0.72
N VAL B 39 45.91 37.38 -0.59
CA VAL B 39 46.62 37.91 -1.76
C VAL B 39 47.48 36.82 -2.36
N ARG B 40 48.20 36.11 -1.49
CA ARG B 40 49.05 35.02 -1.95
C ARG B 40 48.25 34.03 -2.77
N CYS B 41 47.18 33.53 -2.18
CA CYS B 41 46.50 32.39 -2.75
C CYS B 41 45.61 32.78 -3.92
N LEU B 42 45.06 33.99 -3.94
CA LEU B 42 44.35 34.43 -5.12
C LEU B 42 45.32 34.64 -6.27
N ARG B 43 46.46 35.24 -5.97
CA ARG B 43 47.50 35.40 -6.97
C ARG B 43 48.00 34.05 -7.43
N VAL B 44 47.84 33.01 -6.61
CA VAL B 44 48.09 31.65 -7.09
C VAL B 44 46.97 31.17 -7.99
N ILE B 45 45.73 31.23 -7.50
CA ILE B 45 44.61 30.64 -8.22
C ILE B 45 44.24 31.47 -9.44
N ASN B 46 44.03 32.76 -9.25
CA ASN B 46 43.82 33.67 -10.37
C ASN B 46 44.78 34.83 -10.21
N PRO B 47 45.99 34.69 -10.73
CA PRO B 47 46.94 35.79 -10.65
C PRO B 47 46.38 37.03 -11.29
N ALA B 48 45.65 36.88 -12.39
CA ALA B 48 45.08 38.05 -13.04
C ALA B 48 44.21 38.80 -12.06
N VAL B 49 43.40 38.09 -11.30
CA VAL B 49 42.72 38.73 -10.18
C VAL B 49 43.68 38.94 -9.01
N GLY B 50 44.37 37.88 -8.59
CA GLY B 50 45.13 37.96 -7.35
C GLY B 50 46.37 38.83 -7.39
N SER B 51 47.03 38.92 -8.53
CA SER B 51 48.18 39.83 -8.67
C SER B 51 47.82 41.31 -8.67
N GLY B 52 46.53 41.66 -8.80
CA GLY B 52 46.18 43.05 -8.97
C GLY B 52 46.45 43.92 -7.75
N LEU B 53 46.64 43.32 -6.58
CA LEU B 53 46.83 44.08 -5.35
C LEU B 53 47.99 43.49 -4.58
N SER B 54 48.79 44.37 -3.99
CA SER B 54 49.97 43.93 -3.27
C SER B 54 49.58 43.23 -1.97
N PRO B 55 50.31 42.19 -1.57
CA PRO B 55 50.16 41.63 -0.22
C PRO B 55 50.54 42.60 0.89
N LEU B 56 51.19 43.71 0.57
CA LEU B 56 51.55 44.69 1.58
C LEU B 56 50.32 45.37 2.17
N LEU B 57 50.34 45.52 3.49
CA LEU B 57 49.29 46.22 4.22
C LEU B 57 49.16 47.67 3.77
N PRO B 58 47.98 48.12 3.33
CA PRO B 58 47.73 49.57 3.21
C PRO B 58 47.58 50.22 4.57
N LEU B 59 48.44 51.20 4.86
CA LEU B 59 48.26 51.95 6.09
C LEU B 59 47.01 52.82 6.00
N ALA B 60 46.80 53.43 4.84
CA ALA B 60 45.62 54.26 4.65
C ALA B 60 44.38 53.41 4.81
N MET B 61 43.56 53.76 5.79
CA MET B 61 42.36 52.98 6.04
C MET B 61 41.52 52.92 4.78
N SER B 62 41.34 54.06 4.13
CA SER B 62 40.57 54.10 2.89
C SER B 62 41.11 53.10 1.88
N ALA B 63 42.44 53.01 1.78
CA ALA B 63 43.02 52.01 0.89
C ALA B 63 42.70 50.60 1.36
N ARG B 64 42.66 50.40 2.67
CA ARG B 64 42.22 49.11 3.18
C ARG B 64 40.79 48.83 2.75
N PHE B 65 39.94 49.85 2.81
CA PHE B 65 38.56 49.70 2.40
C PHE B 65 38.51 49.27 0.97
N ARG B 66 39.20 50.02 0.13
CA ARG B 66 39.13 49.87 -1.31
C ARG B 66 39.67 48.53 -1.75
N LEU B 67 40.82 48.14 -1.22
CA LEU B 67 41.39 46.84 -1.54
C LEU B 67 40.48 45.72 -1.09
N ALA B 68 39.99 45.78 0.14
CA ALA B 68 39.07 44.76 0.60
C ALA B 68 37.81 44.69 -0.24
N MET B 69 37.27 45.84 -0.63
CA MET B 69 36.14 45.86 -1.55
C MET B 69 36.49 45.16 -2.85
N SER B 70 37.73 45.30 -3.29
CA SER B 70 38.17 44.56 -4.47
C SER B 70 38.16 43.06 -4.20
N LEU B 71 38.53 42.68 -2.99
CA LEU B 71 38.44 41.27 -2.61
C LEU B 71 36.99 40.80 -2.62
N ALA B 72 36.10 41.64 -2.13
CA ALA B 72 34.68 41.35 -2.20
C ALA B 72 34.27 41.11 -3.64
N GLN B 73 34.73 41.97 -4.54
CA GLN B 73 34.41 41.80 -5.95
C GLN B 73 35.03 40.51 -6.50
N ALA B 74 36.23 40.19 -6.07
CA ALA B 74 36.85 38.94 -6.50
C ALA B 74 35.97 37.77 -6.10
N CYS B 75 35.41 37.81 -4.90
CA CYS B 75 34.44 36.79 -4.54
C CYS B 75 33.16 36.94 -5.35
N MET B 76 32.81 38.16 -5.73
CA MET B 76 31.65 38.38 -6.57
C MET B 76 31.80 37.70 -7.91
N ASP B 77 33.03 37.44 -8.33
CA ASP B 77 33.25 36.58 -9.48
C ASP B 77 32.50 35.26 -9.34
N LEU B 78 32.25 34.83 -8.11
CA LEU B 78 31.86 33.46 -7.86
C LEU B 78 30.62 33.39 -6.97
N GLY B 79 29.88 32.30 -7.12
CA GLY B 79 28.64 32.05 -6.42
C GLY B 79 28.77 31.66 -4.96
N TYR B 80 29.66 32.28 -4.21
CA TYR B 80 29.65 32.06 -2.78
C TYR B 80 28.32 32.50 -2.21
N PRO B 81 27.65 31.68 -1.41
CA PRO B 81 26.28 32.01 -0.98
C PRO B 81 26.22 33.19 -0.02
N LEU B 82 27.32 33.54 0.61
CA LEU B 82 27.27 34.50 1.69
C LEU B 82 27.47 35.93 1.19
N GLU B 83 27.02 36.88 2.01
CA GLU B 83 27.27 38.29 1.78
C GLU B 83 28.75 38.62 1.90
N LEU B 84 29.14 39.68 1.19
CA LEU B 84 30.53 40.04 1.00
C LEU B 84 30.73 41.48 1.47
N GLY B 85 31.90 41.76 2.00
CA GLY B 85 32.32 43.14 2.15
C GLY B 85 33.24 43.32 3.32
N TYR B 86 33.99 44.42 3.27
CA TYR B 86 35.07 44.66 4.21
C TYR B 86 34.59 44.65 5.65
N GLN B 87 33.35 45.08 5.88
CA GLN B 87 32.79 44.97 7.22
C GLN B 87 32.89 43.54 7.70
N ASN B 88 32.60 42.59 6.83
CA ASN B 88 32.78 41.20 7.18
C ASN B 88 34.26 40.92 7.42
N PHE B 89 35.09 41.45 6.54
CA PHE B 89 36.50 41.08 6.53
C PHE B 89 37.19 41.48 7.81
N LEU B 90 36.73 42.54 8.44
CA LEU B 90 37.26 42.89 9.75
C LEU B 90 36.80 41.93 10.83
N TYR B 91 35.51 41.69 10.94
CA TYR B 91 34.95 41.11 12.17
C TYR B 91 33.97 40.00 11.88
N PRO B 92 34.45 38.86 11.40
CA PRO B 92 33.60 37.70 11.22
C PRO B 92 33.52 36.90 12.51
N SER B 93 32.56 35.99 12.56
CA SER B 93 32.78 34.84 13.40
C SER B 93 33.82 33.97 12.73
N GLU B 94 34.68 33.38 13.55
CA GLU B 94 35.74 32.55 12.98
C GLU B 94 35.17 31.44 12.11
N PRO B 95 34.04 30.80 12.43
CA PRO B 95 33.46 29.85 11.48
C PRO B 95 33.25 30.47 10.13
N ASP B 96 32.70 31.68 10.08
CA ASP B 96 32.31 32.27 8.81
C ASP B 96 33.54 32.42 7.92
N LEU B 97 34.62 32.87 8.52
CA LEU B 97 35.85 33.08 7.79
C LEU B 97 36.42 31.74 7.37
N ARG B 98 36.50 30.82 8.32
CA ARG B 98 36.89 29.45 8.04
C ARG B 98 36.17 28.91 6.81
N ASP B 99 34.86 29.02 6.84
CA ASP B 99 34.01 28.53 5.77
C ASP B 99 34.41 29.12 4.44
N LEU B 100 34.59 30.43 4.42
CA LEU B 100 34.97 31.05 3.18
C LEU B 100 36.34 30.55 2.75
N LEU B 101 37.27 30.51 3.67
CA LEU B 101 38.64 30.14 3.34
C LEU B 101 38.68 28.77 2.70
N LEU B 102 37.84 27.88 3.19
CA LEU B 102 37.73 26.58 2.53
C LEU B 102 37.13 26.74 1.15
N PHE B 103 36.12 27.60 1.03
CA PHE B 103 35.58 27.92 -0.29
C PHE B 103 36.68 28.42 -1.21
N LEU B 104 37.71 29.02 -0.64
CA LEU B 104 38.90 29.39 -1.38
C LEU B 104 39.75 28.17 -1.67
N ALA B 105 40.04 27.39 -0.64
CA ALA B 105 40.96 26.26 -0.77
C ALA B 105 40.50 25.33 -1.87
N GLU B 106 39.20 25.34 -2.17
CA GLU B 106 38.62 24.59 -3.27
C GLU B 106 39.32 24.80 -4.61
N ARG B 107 39.94 25.95 -4.83
CA ARG B 107 40.15 26.39 -6.19
C ARG B 107 41.60 26.34 -6.65
N LEU B 108 42.50 25.81 -5.85
CA LEU B 108 43.85 25.55 -6.32
C LEU B 108 43.82 24.48 -7.40
N ARG B 442 66.53 -40.35 -21.60
CA ARG B 442 67.66 -39.75 -22.30
C ARG B 442 67.20 -38.69 -23.28
N GLU B 443 66.24 -39.06 -24.14
CA GLU B 443 65.75 -38.13 -25.14
C GLU B 443 64.99 -37.01 -24.47
N LEU B 444 64.02 -37.39 -23.64
CA LEU B 444 63.20 -36.43 -22.92
C LEU B 444 64.05 -35.68 -21.90
N GLU B 445 65.01 -36.38 -21.29
CA GLU B 445 65.88 -35.80 -20.28
C GLU B 445 66.73 -34.68 -20.86
N SER B 446 67.40 -34.95 -21.98
CA SER B 446 68.14 -33.90 -22.68
C SER B 446 67.22 -32.75 -23.08
N SER B 447 66.07 -33.08 -23.68
CA SER B 447 65.13 -32.04 -24.10
C SER B 447 64.75 -31.14 -22.92
N ARG B 448 64.54 -31.75 -21.77
CA ARG B 448 64.21 -30.98 -20.57
C ARG B 448 65.38 -30.12 -20.13
N ARG B 449 66.61 -30.62 -20.27
CA ARG B 449 67.75 -29.72 -20.04
C ARG B 449 67.67 -28.51 -20.94
N LEU B 450 67.25 -28.72 -22.18
CA LEU B 450 67.15 -27.62 -23.13
C LEU B 450 66.13 -26.60 -22.64
N ALA B 451 64.94 -27.08 -22.28
CA ALA B 451 63.91 -26.19 -21.77
C ALA B 451 64.39 -25.46 -20.51
N GLU B 452 65.05 -26.21 -19.62
CA GLU B 452 65.59 -25.63 -18.38
C GLU B 452 66.49 -24.45 -18.69
N ILE B 453 67.45 -24.67 -19.58
CA ILE B 453 68.48 -23.67 -19.82
C ILE B 453 67.91 -22.49 -20.60
N GLN B 454 67.00 -22.76 -21.54
CA GLN B 454 66.33 -21.67 -22.23
C GLN B 454 65.59 -20.77 -21.23
N GLU B 455 64.84 -21.40 -20.33
CA GLU B 455 64.11 -20.62 -19.33
C GLU B 455 65.05 -19.84 -18.44
N LEU B 456 66.13 -20.47 -17.98
CA LEU B 456 67.12 -19.77 -17.16
C LEU B 456 67.67 -18.57 -17.89
N HIS B 457 67.96 -18.73 -19.17
CA HIS B 457 68.40 -17.64 -20.03
C HIS B 457 67.41 -16.49 -20.02
N GLN B 458 66.14 -16.80 -20.26
CA GLN B 458 65.10 -15.78 -20.27
C GLN B 458 64.98 -15.10 -18.91
N SER B 459 65.09 -15.89 -17.86
CA SER B 459 65.00 -15.39 -16.49
C SER B 459 66.13 -14.42 -16.19
N VAL B 460 67.35 -14.82 -16.52
CA VAL B 460 68.49 -13.94 -16.27
C VAL B 460 68.33 -12.64 -17.02
N ARG B 461 67.83 -12.71 -18.25
CA ARG B 461 67.56 -11.49 -19.01
C ARG B 461 66.63 -10.56 -18.25
N ALA B 462 65.50 -11.11 -17.80
CA ALA B 462 64.54 -10.29 -17.08
C ALA B 462 65.14 -9.74 -15.79
N ALA B 463 65.93 -10.55 -15.09
CA ALA B 463 66.54 -10.11 -13.85
C ALA B 463 67.48 -8.95 -14.09
N ALA B 464 68.25 -9.00 -15.17
CA ALA B 464 69.14 -7.89 -15.50
C ALA B 464 68.33 -6.62 -15.73
N GLU B 465 67.28 -6.74 -16.55
CA GLU B 465 66.42 -5.60 -16.81
C GLU B 465 65.90 -5.02 -15.51
N GLU B 466 65.42 -5.88 -14.63
CA GLU B 466 64.94 -5.43 -13.33
C GLU B 466 66.03 -4.75 -12.52
N ALA B 467 67.27 -5.20 -12.65
CA ALA B 467 68.34 -4.50 -11.96
C ALA B 467 68.41 -3.06 -12.42
N ARG B 468 68.29 -2.85 -13.74
CA ARG B 468 68.27 -1.48 -14.24
C ARG B 468 67.10 -0.72 -13.63
N ARG B 469 65.94 -1.36 -13.65
CA ARG B 469 64.73 -0.73 -13.14
C ARG B 469 64.91 -0.32 -11.70
N LYS B 470 65.33 -1.27 -10.86
CA LYS B 470 65.54 -1.02 -9.45
C LYS B 470 66.50 0.13 -9.23
N GLU B 471 67.61 0.14 -9.95
CA GLU B 471 68.60 1.14 -9.57
C GLU B 471 68.23 2.53 -10.05
N GLU B 472 67.69 2.67 -11.26
CA GLU B 472 67.32 4.00 -11.66
C GLU B 472 66.17 4.51 -10.80
N VAL B 473 65.22 3.63 -10.50
CA VAL B 473 64.16 3.98 -9.56
C VAL B 473 64.75 4.41 -8.24
N TYR B 474 65.71 3.63 -7.74
CA TYR B 474 66.37 3.93 -6.48
C TYR B 474 67.01 5.30 -6.51
N LYS B 475 67.68 5.61 -7.61
CA LYS B 475 68.31 6.91 -7.76
C LYS B 475 67.27 8.01 -7.66
N GLN B 476 66.16 7.81 -8.36
CA GLN B 476 65.06 8.74 -8.29
C GLN B 476 64.58 8.88 -6.86
N LEU B 477 64.29 7.74 -6.22
CA LEU B 477 63.74 7.70 -4.89
C LEU B 477 64.66 8.38 -3.88
N MET B 478 65.96 8.22 -4.05
CA MET B 478 66.89 8.89 -3.16
C MET B 478 66.84 10.39 -3.37
N SER B 479 66.85 10.83 -4.62
CA SER B 479 66.70 12.26 -4.87
C SER B 479 65.41 12.79 -4.26
N GLU B 480 64.35 12.00 -4.31
CA GLU B 480 63.09 12.40 -3.71
C GLU B 480 63.21 12.48 -2.20
N LEU B 481 63.78 11.45 -1.59
CA LEU B 481 64.02 11.44 -0.16
C LEU B 481 64.76 12.69 0.25
N GLU B 482 65.72 13.08 -0.58
CA GLU B 482 66.44 14.32 -0.35
C GLU B 482 65.50 15.51 -0.40
N THR B 483 64.60 15.53 -1.38
CA THR B 483 63.67 16.64 -1.49
C THR B 483 62.57 16.58 -0.43
N LEU B 484 62.23 15.37 0.03
CA LEU B 484 61.04 15.12 0.85
C LEU B 484 60.78 16.15 1.94
N PRO B 485 59.57 16.71 1.97
CA PRO B 485 59.20 17.61 3.06
C PRO B 485 59.07 16.86 4.37
N ARG B 486 59.55 17.48 5.43
CA ARG B 486 59.46 16.92 6.78
C ARG B 486 58.08 17.11 7.38
N ASP B 487 57.05 16.94 6.56
CA ASP B 487 55.66 17.16 6.91
C ASP B 487 55.10 16.00 7.73
N VAL B 488 53.90 16.21 8.26
CA VAL B 488 53.28 15.29 9.22
C VAL B 488 52.85 14.00 8.53
N SER B 489 52.96 12.89 9.25
CA SER B 489 52.66 11.61 8.67
C SER B 489 51.16 11.34 8.65
N ARG B 490 50.77 10.49 7.72
CA ARG B 490 49.40 10.04 7.62
C ARG B 490 48.92 9.47 8.95
N LEU B 491 49.84 8.86 9.68
CA LEU B 491 49.50 8.16 10.91
C LEU B 491 48.91 9.09 11.95
N ALA B 492 49.54 10.23 12.18
CA ALA B 492 49.07 11.10 13.24
C ALA B 492 47.60 11.40 13.07
N TYR B 493 47.23 11.81 11.87
CA TYR B 493 45.82 12.10 11.61
C TYR B 493 45.01 10.84 11.74
N THR B 494 45.52 9.74 11.21
CA THR B 494 44.81 8.48 11.29
C THR B 494 44.50 8.11 12.72
N GLN B 495 45.37 8.51 13.63
CA GLN B 495 45.16 8.21 15.04
C GLN B 495 44.11 9.12 15.61
N ARG B 496 44.19 10.40 15.28
CA ARG B 496 43.17 11.33 15.73
C ARG B 496 41.82 10.81 15.30
N ILE B 497 41.77 10.33 14.07
CA ILE B 497 40.58 9.76 13.49
C ILE B 497 40.10 8.60 14.33
N LEU B 498 41.02 7.70 14.61
CA LEU B 498 40.70 6.51 15.38
C LEU B 498 40.08 6.89 16.72
N GLU B 499 40.66 7.88 17.37
CA GLU B 499 40.15 8.32 18.66
C GLU B 499 38.73 8.80 18.51
N ILE B 500 38.55 9.69 17.54
CA ILE B 500 37.26 10.31 17.30
C ILE B 500 36.22 9.23 17.08
N VAL B 501 36.57 8.27 16.23
CA VAL B 501 35.69 7.18 15.90
C VAL B 501 35.27 6.44 17.16
N GLY B 502 36.26 6.07 17.97
CA GLY B 502 35.93 5.34 19.17
C GLY B 502 34.93 6.10 20.01
N ASN B 503 35.17 7.40 20.13
CA ASN B 503 34.30 8.22 20.95
C ASN B 503 32.88 8.19 20.41
N ILE B 504 32.77 8.35 19.10
CA ILE B 504 31.46 8.41 18.46
C ILE B 504 30.73 7.11 18.65
N ARG B 505 31.42 6.02 18.36
CA ARG B 505 30.77 4.73 18.42
C ARG B 505 30.32 4.48 19.85
N LYS B 506 31.15 4.87 20.81
CA LYS B 506 30.78 4.79 22.20
C LYS B 506 29.45 5.47 22.39
N GLN B 507 29.36 6.67 21.84
CA GLN B 507 28.16 7.45 21.95
C GLN B 507 26.96 6.68 21.45
N LYS B 508 27.04 6.20 20.22
CA LYS B 508 25.93 5.48 19.63
C LYS B 508 25.56 4.24 20.42
N GLU B 509 26.52 3.65 21.10
CA GLU B 509 26.22 2.45 21.87
C GLU B 509 25.44 2.83 23.11
N GLU B 510 25.92 3.85 23.78
CA GLU B 510 25.23 4.40 24.92
C GLU B 510 23.82 4.78 24.51
N ILE B 511 23.71 5.39 23.34
CA ILE B 511 22.43 5.74 22.78
C ILE B 511 21.54 4.53 22.68
N THR B 512 22.10 3.43 22.19
CA THR B 512 21.30 2.25 21.96
C THR B 512 20.75 1.70 23.26
N LYS B 513 21.62 1.59 24.26
CA LYS B 513 21.15 1.11 25.55
C LYS B 513 20.06 2.04 26.07
N ILE B 514 20.27 3.34 25.93
CA ILE B 514 19.29 4.31 26.38
C ILE B 514 17.95 4.06 25.69
N LEU B 515 18.01 3.74 24.40
CA LEU B 515 16.80 3.48 23.65
C LEU B 515 16.07 2.30 24.27
N SER B 516 16.81 1.25 24.55
CA SER B 516 16.20 0.11 25.22
C SER B 516 15.56 0.58 26.51
N ASP B 517 16.32 1.29 27.33
CA ASP B 517 15.84 1.73 28.63
C ASP B 517 14.52 2.47 28.47
N THR B 518 14.47 3.32 27.46
CA THR B 518 13.26 4.05 27.12
C THR B 518 12.10 3.09 26.93
N LYS B 519 12.34 2.06 26.14
CA LYS B 519 11.29 1.11 25.83
C LYS B 519 10.83 0.41 27.10
N GLU B 520 11.79 0.07 27.95
CA GLU B 520 11.51 -0.62 29.19
C GLU B 520 10.63 0.23 30.08
N LEU B 521 11.03 1.47 30.26
CA LEU B 521 10.28 2.38 31.10
C LEU B 521 8.86 2.56 30.57
N GLN B 522 8.70 2.62 29.25
CA GLN B 522 7.35 2.68 28.69
C GLN B 522 6.54 1.48 29.12
N LYS B 523 7.12 0.29 29.03
CA LYS B 523 6.41 -0.92 29.42
C LYS B 523 5.99 -0.83 30.87
N GLU B 524 6.94 -0.42 31.71
CA GLU B 524 6.71 -0.28 33.14
C GLU B 524 5.57 0.68 33.41
N ILE B 525 5.60 1.83 32.76
CA ILE B 525 4.58 2.85 32.94
C ILE B 525 3.22 2.35 32.49
N ASN B 526 3.18 1.60 31.40
CA ASN B 526 1.90 1.07 30.93
C ASN B 526 1.29 0.16 31.98
N SER B 527 2.13 -0.73 32.52
CA SER B 527 1.67 -1.57 33.62
C SER B 527 1.18 -0.72 34.77
N LEU B 528 1.95 0.31 35.11
CA LEU B 528 1.58 1.20 36.20
C LEU B 528 0.22 1.82 35.95
N SER B 529 -0.04 2.21 34.71
CA SER B 529 -1.31 2.81 34.36
C SER B 529 -2.44 1.84 34.66
N GLY B 530 -2.29 0.59 34.21
CA GLY B 530 -3.35 -0.38 34.47
C GLY B 530 -3.59 -0.60 35.95
N LYS B 531 -2.52 -0.85 36.70
CA LYS B 531 -2.68 -1.12 38.12
C LYS B 531 -3.21 0.08 38.88
N LEU B 532 -2.72 1.28 38.55
CA LEU B 532 -3.21 2.48 39.21
C LEU B 532 -4.68 2.72 38.92
N ASP B 533 -5.10 2.51 37.66
CA ASP B 533 -6.50 2.68 37.32
C ASP B 533 -7.37 1.78 38.18
N ARG B 534 -6.98 0.50 38.27
CA ARG B 534 -7.72 -0.42 39.15
C ARG B 534 -7.65 0.04 40.61
N THR B 535 -6.47 0.48 41.04
CA THR B 535 -6.27 0.90 42.43
C THR B 535 -7.23 2.01 42.80
N PHE B 536 -7.33 3.04 41.97
CA PHE B 536 -8.29 4.10 42.27
C PHE B 536 -9.72 3.61 42.18
N ALA B 537 -10.07 2.84 41.15
CA ALA B 537 -11.46 2.41 41.07
C ALA B 537 -11.88 1.71 42.36
N VAL B 538 -11.02 0.81 42.84
CA VAL B 538 -11.26 0.12 44.11
C VAL B 538 -11.32 1.10 45.27
N THR B 539 -10.33 1.99 45.36
CA THR B 539 -10.24 2.89 46.51
C THR B 539 -11.43 3.83 46.57
N ASP B 540 -11.77 4.44 45.44
CA ASP B 540 -12.93 5.30 45.35
C ASP B 540 -14.21 4.58 45.75
N GLU B 541 -14.41 3.38 45.20
CA GLU B 541 -15.61 2.62 45.54
C GLU B 541 -15.67 2.29 47.04
N LEU B 542 -14.57 1.81 47.60
CA LEU B 542 -14.51 1.45 49.01
C LEU B 542 -14.80 2.65 49.91
N VAL B 543 -14.11 3.76 49.66
CA VAL B 543 -14.28 4.91 50.54
C VAL B 543 -15.66 5.50 50.38
N PHE B 544 -16.22 5.47 49.17
CA PHE B 544 -17.61 5.88 48.99
C PHE B 544 -18.55 5.02 49.83
N LYS B 545 -18.36 3.70 49.77
CA LYS B 545 -19.22 2.78 50.51
C LYS B 545 -19.18 3.05 52.02
N ASP B 546 -17.98 3.12 52.58
CA ASP B 546 -17.90 3.34 54.02
C ASP B 546 -18.15 4.79 54.42
N ALA B 547 -17.98 5.75 53.50
CA ALA B 547 -18.41 7.12 53.75
C ALA B 547 -19.92 7.20 53.89
N LYS B 548 -20.65 6.30 53.23
CA LYS B 548 -22.07 6.18 53.50
C LYS B 548 -22.32 5.96 54.99
N LYS B 549 -21.47 5.15 55.62
CA LYS B 549 -21.60 4.76 57.02
C LYS B 549 -21.28 5.89 58.00
N ASP B 550 -20.55 6.92 57.60
CA ASP B 550 -20.16 7.96 58.55
C ASP B 550 -19.67 9.19 57.79
N ASP B 551 -20.20 10.36 58.15
CA ASP B 551 -19.75 11.62 57.56
C ASP B 551 -18.26 11.86 57.81
N ALA B 552 -17.74 11.36 58.93
CA ALA B 552 -16.29 11.42 59.13
C ALA B 552 -15.56 10.65 58.05
N VAL B 553 -16.14 9.53 57.61
CA VAL B 553 -15.55 8.81 56.49
C VAL B 553 -15.79 9.54 55.18
N ARG B 554 -16.82 10.38 55.11
CA ARG B 554 -16.90 11.34 54.00
C ARG B 554 -15.75 12.33 54.06
N LYS B 555 -15.37 12.76 55.25
CA LYS B 555 -14.16 13.57 55.37
C LYS B 555 -12.92 12.80 54.95
N ALA B 556 -12.88 11.50 55.25
CA ALA B 556 -11.80 10.65 54.72
C ALA B 556 -11.79 10.68 53.19
N TYR B 557 -12.98 10.72 52.59
CA TYR B 557 -13.07 10.80 51.13
C TYR B 557 -12.60 12.17 50.64
N LYS B 558 -12.91 13.20 51.42
CA LYS B 558 -12.44 14.55 51.12
C LYS B 558 -10.92 14.63 51.20
N TYR B 559 -10.33 13.98 52.20
CA TYR B 559 -8.87 13.85 52.28
C TYR B 559 -8.31 13.19 51.04
N LEU B 560 -8.93 12.09 50.62
CA LEU B 560 -8.50 11.40 49.41
C LEU B 560 -8.52 12.33 48.21
N ALA B 561 -9.61 13.07 48.04
CA ALA B 561 -9.72 13.98 46.91
C ALA B 561 -8.65 15.06 46.94
N ALA B 562 -8.46 15.69 48.10
CA ALA B 562 -7.46 16.76 48.18
C ALA B 562 -6.06 16.23 47.89
N LEU B 563 -5.73 15.07 48.45
CA LEU B 563 -4.43 14.47 48.21
C LEU B 563 -4.26 14.11 46.74
N HIS B 564 -5.27 13.47 46.16
CA HIS B 564 -5.19 13.08 44.74
C HIS B 564 -5.04 14.28 43.83
N GLU B 565 -5.77 15.37 44.12
CA GLU B 565 -5.60 16.57 43.33
C GLU B 565 -4.20 17.11 43.50
N ASN B 566 -3.66 17.06 44.72
CA ASN B 566 -2.27 17.43 44.95
C ASN B 566 -1.36 16.67 44.01
N CYS B 567 -1.62 15.38 43.87
CA CYS B 567 -0.81 14.53 43.01
C CYS B 567 -0.93 14.93 41.54
N SER B 568 -2.16 15.11 41.07
CA SER B 568 -2.36 15.45 39.66
C SER B 568 -1.71 16.78 39.33
N GLN B 569 -1.93 17.77 40.19
CA GLN B 569 -1.29 19.06 40.03
C GLN B 569 0.22 18.93 39.98
N LEU B 570 0.79 18.21 40.94
CA LEU B 570 2.24 18.12 41.01
C LEU B 570 2.78 17.42 39.78
N ILE B 571 2.08 16.39 39.31
CA ILE B 571 2.45 15.71 38.07
C ILE B 571 2.50 16.71 36.92
N GLN B 572 1.47 17.53 36.82
CA GLN B 572 1.47 18.55 35.78
C GLN B 572 2.67 19.47 35.93
N THR B 573 2.91 19.93 37.15
CA THR B 573 4.04 20.81 37.43
C THR B 573 5.34 20.15 36.98
N ILE B 574 5.43 18.84 37.19
CA ILE B 574 6.61 18.10 36.79
C ILE B 574 6.81 18.24 35.30
N GLU B 575 5.74 18.01 34.56
CA GLU B 575 5.78 18.09 33.11
C GLU B 575 6.26 19.47 32.70
N ASP B 576 5.64 20.48 33.33
CA ASP B 576 5.95 21.87 33.04
C ASP B 576 7.43 22.14 33.24
N THR B 577 7.94 21.80 34.42
CA THR B 577 9.32 22.13 34.75
C THR B 577 10.28 21.46 33.80
N GLY B 578 10.04 20.18 33.50
CA GLY B 578 10.91 19.51 32.56
C GLY B 578 10.96 20.24 31.24
N THR B 579 9.78 20.59 30.73
CA THR B 579 9.74 21.34 29.48
C THR B 579 10.52 22.63 29.62
N ILE B 580 10.30 23.33 30.72
CA ILE B 580 10.95 24.62 30.97
C ILE B 580 12.45 24.47 30.83
N MET B 581 12.99 23.45 31.47
CA MET B 581 14.43 23.24 31.43
C MET B 581 14.90 22.84 30.04
N ARG B 582 14.08 22.16 29.26
CA ARG B 582 14.43 21.97 27.85
C ARG B 582 14.63 23.31 27.18
N GLU B 583 13.66 24.20 27.34
CA GLU B 583 13.76 25.51 26.72
C GLU B 583 14.93 26.28 27.29
N VAL B 584 15.25 26.05 28.55
CA VAL B 584 16.45 26.61 29.15
C VAL B 584 17.67 26.19 28.35
N ARG B 585 17.76 24.89 28.05
CA ARG B 585 18.86 24.44 27.22
C ARG B 585 18.85 25.10 25.86
N ASP B 586 17.66 25.33 25.32
CA ASP B 586 17.59 26.01 24.03
C ASP B 586 18.18 27.40 24.15
N LEU B 587 17.81 28.09 25.21
CA LEU B 587 18.39 29.40 25.49
C LEU B 587 19.89 29.32 25.62
N GLU B 588 20.38 28.22 26.18
CA GLU B 588 21.82 28.03 26.31
C GLU B 588 22.47 27.86 24.95
N GLU B 589 21.80 27.14 24.06
CA GLU B 589 22.22 27.05 22.68
C GLU B 589 22.30 28.44 22.07
N GLN B 590 21.36 29.30 22.44
CA GLN B 590 21.34 30.62 21.86
C GLN B 590 22.46 31.47 22.45
N ILE B 591 22.77 31.24 23.71
CA ILE B 591 23.92 31.87 24.35
C ILE B 591 25.17 31.55 23.56
N GLU B 592 25.39 30.26 23.34
CA GLU B 592 26.48 29.80 22.51
C GLU B 592 26.39 30.38 21.10
N THR B 593 25.18 30.63 20.62
CA THR B 593 25.00 31.09 19.26
C THR B 593 25.57 32.48 19.09
N GLU B 594 25.17 33.39 19.96
CA GLU B 594 25.76 34.71 19.93
C GLU B 594 27.22 34.69 20.32
N LEU B 595 27.62 33.75 21.18
CA LEU B 595 29.03 33.69 21.55
C LEU B 595 29.88 33.38 20.33
N GLY B 596 29.39 32.48 19.48
CA GLY B 596 30.06 32.26 18.21
C GLY B 596 29.98 33.47 17.32
N LYS B 597 28.89 34.22 17.42
CA LYS B 597 28.79 35.48 16.69
C LYS B 597 29.82 36.48 17.18
N LYS B 598 30.20 36.43 18.45
CA LYS B 598 31.14 37.37 19.05
C LYS B 598 30.72 38.82 18.87
N THR B 599 29.40 39.05 18.88
CA THR B 599 28.86 40.30 18.35
C THR B 599 29.39 41.53 19.07
N LEU B 600 29.31 41.54 20.41
CA LEU B 600 29.53 42.80 21.12
C LEU B 600 30.97 43.27 21.02
N SER B 601 31.94 42.37 21.09
CA SER B 601 33.32 42.80 21.05
C SER B 601 33.64 43.47 19.72
N ASN B 602 33.31 42.78 18.64
CA ASN B 602 33.50 43.35 17.30
C ASN B 602 32.73 44.65 17.16
N LEU B 603 31.57 44.74 17.82
CA LEU B 603 30.82 45.99 17.83
C LEU B 603 31.59 47.11 18.51
N GLU B 604 32.24 46.81 19.64
CA GLU B 604 33.02 47.84 20.31
C GLU B 604 34.15 48.27 19.40
N LYS B 605 34.72 47.30 18.70
CA LYS B 605 35.79 47.57 17.75
C LYS B 605 35.31 48.50 16.65
N ILE B 606 34.17 48.19 16.04
CA ILE B 606 33.65 49.04 14.98
C ILE B 606 33.27 50.41 15.51
N ARG B 607 32.83 50.49 16.76
CA ARG B 607 32.48 51.79 17.31
C ARG B 607 33.71 52.68 17.41
N GLU B 608 34.79 52.15 17.99
CA GLU B 608 36.00 52.95 18.10
C GLU B 608 36.61 53.20 16.74
N ASP B 609 36.47 52.24 15.83
CA ASP B 609 36.84 52.45 14.45
C ASP B 609 36.08 53.62 13.87
N TYR B 610 34.76 53.61 14.06
CA TYR B 610 33.91 54.66 13.53
C TYR B 610 34.33 56.01 14.06
N ARG B 611 34.71 56.04 15.34
CA ARG B 611 35.24 57.25 15.94
C ARG B 611 36.47 57.73 15.17
N ALA B 612 37.43 56.82 14.97
CA ALA B 612 38.62 57.18 14.20
C ALA B 612 38.28 57.62 12.79
N LEU B 613 37.35 56.92 12.15
CA LEU B 613 36.98 57.25 10.78
C LEU B 613 36.22 58.56 10.69
N ARG B 614 35.45 58.91 11.72
CA ARG B 614 34.86 60.23 11.73
C ARG B 614 35.93 61.30 11.88
N GLN B 615 36.92 61.06 12.73
CA GLN B 615 38.01 62.02 12.84
C GLN B 615 38.71 62.19 11.49
N GLU B 616 38.96 61.07 10.82
CA GLU B 616 39.52 61.07 9.48
C GLU B 616 38.64 61.86 8.52
N ASN B 617 37.35 61.57 8.52
CA ASN B 617 36.41 62.25 7.64
C ASN B 617 36.33 63.73 7.95
N ALA B 618 36.50 64.11 9.21
CA ALA B 618 36.57 65.52 9.56
C ALA B 618 37.82 66.15 8.97
N GLY B 619 38.93 65.44 8.98
CA GLY B 619 40.11 65.91 8.26
C GLY B 619 39.82 66.11 6.79
N LEU B 620 39.16 65.12 6.17
CA LEU B 620 38.81 65.21 4.76
C LEU B 620 37.85 66.37 4.49
N LEU B 621 36.90 66.58 5.39
CA LEU B 621 35.97 67.69 5.27
C LEU B 621 36.68 69.03 5.33
N GLY B 622 37.60 69.18 6.28
CA GLY B 622 38.44 70.37 6.32
C GLY B 622 39.18 70.57 5.02
N ARG B 623 39.79 69.50 4.52
CA ARG B 623 40.53 69.60 3.25
C ARG B 623 39.63 69.99 2.09
N VAL B 624 38.42 69.44 2.03
CA VAL B 624 37.46 69.82 0.99
C VAL B 624 37.12 71.30 1.09
N ARG B 625 36.97 71.80 2.32
CA ARG B 625 36.73 73.23 2.50
C ARG B 625 37.91 74.06 2.02
N GLU B 626 39.12 73.65 2.39
CA GLU B 626 40.30 74.48 2.15
C GLU B 626 40.71 74.51 0.67
N ALA B 627 40.44 73.45 -0.07
CA ALA B 627 40.90 73.35 -1.45
C ALA B 627 40.29 74.43 -2.35
N MET C 1 18.39 -31.40 -23.28
CA MET C 1 18.03 -30.57 -22.13
C MET C 1 18.91 -29.34 -22.04
N LEU C 2 18.29 -28.18 -21.90
CA LEU C 2 19.00 -26.91 -21.95
C LEU C 2 19.25 -26.42 -20.54
N VAL C 3 20.52 -26.13 -20.24
CA VAL C 3 20.93 -25.72 -18.90
C VAL C 3 21.87 -24.54 -19.06
N LEU C 4 21.60 -23.46 -18.34
CA LEU C 4 22.39 -22.25 -18.44
C LEU C 4 23.37 -22.10 -17.30
N VAL C 5 24.55 -21.60 -17.63
CA VAL C 5 25.64 -21.48 -16.67
C VAL C 5 26.29 -20.13 -16.89
N LEU C 6 26.51 -19.41 -15.80
CA LEU C 6 27.09 -18.08 -15.85
C LEU C 6 27.82 -17.83 -14.55
N GLY C 7 28.88 -17.03 -14.60
CA GLY C 7 29.53 -16.60 -13.39
C GLY C 7 28.91 -15.39 -12.71
N ASP C 8 29.62 -14.93 -11.70
CA ASP C 8 29.24 -13.77 -10.91
C ASP C 8 29.30 -12.49 -11.72
N LEU C 9 28.24 -11.71 -11.64
CA LEU C 9 28.10 -10.52 -12.44
C LEU C 9 27.95 -9.26 -11.61
N HIS C 10 27.66 -9.39 -10.32
CA HIS C 10 27.85 -8.30 -9.36
C HIS C 10 27.07 -7.06 -9.74
N ILE C 11 25.81 -7.27 -10.12
CA ILE C 11 25.14 -6.34 -11.03
C ILE C 11 25.10 -4.91 -10.50
N PRO C 12 24.64 -4.64 -9.29
CA PRO C 12 24.33 -3.26 -8.94
C PRO C 12 25.58 -2.44 -8.79
N HIS C 13 26.66 -3.07 -8.40
CA HIS C 13 27.86 -2.39 -7.99
C HIS C 13 28.99 -2.52 -9.01
N ARG C 14 29.20 -3.69 -9.60
CA ARG C 14 30.14 -3.75 -10.70
C ARG C 14 29.51 -3.64 -12.08
N CYS C 15 28.32 -4.18 -12.32
CA CYS C 15 27.96 -4.41 -13.71
C CYS C 15 26.46 -4.46 -13.91
N ASN C 16 25.86 -3.30 -13.93
CA ASN C 16 24.45 -3.03 -13.87
C ASN C 16 23.74 -3.33 -15.15
N SER C 17 24.36 -3.98 -16.14
CA SER C 17 23.67 -4.33 -17.37
C SER C 17 24.14 -5.68 -17.87
N LEU C 18 23.18 -6.45 -18.36
CA LEU C 18 23.51 -7.50 -19.32
C LEU C 18 24.09 -6.87 -20.58
N PRO C 19 25.15 -7.43 -21.13
CA PRO C 19 25.66 -6.92 -22.40
C PRO C 19 24.57 -6.89 -23.45
N ALA C 20 24.67 -5.88 -24.32
CA ALA C 20 23.63 -5.65 -25.30
C ALA C 20 23.44 -6.87 -26.18
N LYS C 21 24.53 -7.40 -26.72
CA LYS C 21 24.40 -8.64 -27.47
C LYS C 21 23.96 -9.77 -26.57
N PHE C 22 24.40 -9.77 -25.32
CA PHE C 22 23.90 -10.77 -24.40
C PHE C 22 22.43 -10.55 -24.08
N LYS C 23 22.01 -9.30 -24.05
CA LYS C 23 20.57 -9.04 -24.01
C LYS C 23 19.90 -9.61 -25.24
N LYS C 24 20.51 -9.43 -26.40
CA LYS C 24 19.97 -9.94 -27.64
C LYS C 24 19.84 -11.45 -27.57
N LEU C 25 20.76 -12.08 -26.86
CA LEU C 25 20.78 -13.52 -26.70
C LEU C 25 19.67 -14.05 -25.81
N LEU C 26 19.10 -13.23 -24.93
CA LEU C 26 18.08 -13.69 -24.00
C LEU C 26 17.04 -14.56 -24.69
N VAL C 27 16.75 -15.71 -24.09
CA VAL C 27 15.71 -16.61 -24.55
C VAL C 27 14.91 -17.14 -23.37
N PRO C 28 13.77 -16.53 -23.05
CA PRO C 28 12.97 -17.00 -21.92
C PRO C 28 12.43 -18.41 -22.14
N GLY C 29 12.16 -19.08 -21.01
CA GLY C 29 11.43 -20.33 -20.96
C GLY C 29 12.18 -21.56 -21.41
N LYS C 30 12.97 -21.45 -22.47
CA LYS C 30 13.55 -22.65 -23.06
C LYS C 30 14.61 -23.25 -22.16
N ILE C 31 15.12 -22.47 -21.22
CA ILE C 31 16.07 -22.99 -20.24
C ILE C 31 15.35 -23.94 -19.31
N GLN C 32 15.86 -25.16 -19.21
CA GLN C 32 15.35 -26.09 -18.22
C GLN C 32 15.93 -25.80 -16.85
N HIS C 33 17.16 -25.32 -16.78
CA HIS C 33 17.75 -24.94 -15.49
C HIS C 33 18.65 -23.75 -15.72
N ILE C 34 18.53 -22.75 -14.86
CA ILE C 34 19.37 -21.57 -14.92
C ILE C 34 20.32 -21.63 -13.75
N LEU C 35 21.63 -21.62 -14.05
CA LEU C 35 22.63 -21.87 -13.03
C LEU C 35 23.64 -20.74 -13.02
N CYS C 36 23.78 -20.08 -11.88
CA CYS C 36 24.79 -19.06 -11.66
C CYS C 36 25.48 -19.25 -10.33
N THR C 37 26.78 -18.97 -10.30
CA THR C 37 27.56 -19.14 -9.09
C THR C 37 27.39 -17.99 -8.12
N GLY C 38 26.40 -17.13 -8.35
CA GLY C 38 26.06 -16.12 -7.37
C GLY C 38 26.84 -14.83 -7.50
N ASN C 39 26.89 -14.13 -6.37
CA ASN C 39 27.58 -12.85 -6.21
C ASN C 39 27.17 -11.87 -7.31
N LEU C 40 25.87 -11.80 -7.54
CA LEU C 40 25.25 -10.79 -8.39
C LEU C 40 24.82 -9.57 -7.61
N CYS C 41 24.51 -9.75 -6.33
CA CYS C 41 24.15 -8.71 -5.37
C CYS C 41 22.80 -8.06 -5.67
N THR C 42 21.97 -8.64 -6.53
CA THR C 42 20.57 -8.23 -6.57
C THR C 42 19.71 -9.44 -6.91
N LYS C 43 18.84 -9.82 -5.99
CA LYS C 43 17.88 -10.85 -6.29
C LYS C 43 16.89 -10.43 -7.36
N GLU C 44 16.60 -9.13 -7.46
CA GLU C 44 15.75 -8.66 -8.55
C GLU C 44 16.24 -9.15 -9.89
N SER C 45 17.56 -9.25 -10.03
CA SER C 45 18.10 -9.85 -11.24
C SER C 45 17.67 -11.30 -11.35
N TYR C 46 17.81 -12.05 -10.25
CA TYR C 46 17.34 -13.42 -10.23
C TYR C 46 15.86 -13.51 -10.55
N ASP C 47 15.08 -12.53 -10.11
CA ASP C 47 13.67 -12.54 -10.38
C ASP C 47 13.43 -12.38 -11.87
N TYR C 48 14.23 -11.52 -12.48
CA TYR C 48 14.24 -11.43 -13.92
C TYR C 48 14.62 -12.76 -14.56
N LEU C 49 15.58 -13.44 -13.98
CA LEU C 49 15.96 -14.76 -14.48
C LEU C 49 14.78 -15.72 -14.39
N LYS C 50 14.10 -15.72 -13.25
CA LYS C 50 12.97 -16.61 -13.08
C LYS C 50 11.91 -16.29 -14.12
N THR C 51 11.79 -15.02 -14.47
CA THR C 51 10.88 -14.65 -15.54
C THR C 51 11.41 -15.15 -16.88
N LEU C 52 12.74 -15.24 -17.03
CA LEU C 52 13.29 -15.94 -18.17
C LEU C 52 12.97 -17.41 -18.14
N ALA C 53 13.25 -18.08 -17.02
CA ALA C 53 12.76 -19.44 -16.83
C ALA C 53 12.70 -19.72 -15.34
N GLY C 54 11.58 -20.31 -14.92
CA GLY C 54 11.28 -20.45 -13.51
C GLY C 54 12.03 -21.58 -12.87
N ASP C 55 13.26 -21.85 -13.33
CA ASP C 55 14.00 -23.04 -12.89
C ASP C 55 15.45 -22.64 -12.71
N VAL C 56 15.73 -22.12 -11.52
CA VAL C 56 17.01 -21.53 -11.19
C VAL C 56 17.57 -22.33 -10.01
N HIS C 57 18.83 -22.69 -10.10
CA HIS C 57 19.48 -23.34 -8.99
C HIS C 57 20.66 -22.48 -8.63
N ILE C 58 20.85 -22.27 -7.34
CA ILE C 58 21.52 -21.08 -6.88
C ILE C 58 22.47 -21.45 -5.75
N VAL C 59 23.57 -20.70 -5.67
CA VAL C 59 24.37 -20.57 -4.47
C VAL C 59 24.56 -19.07 -4.29
N ARG C 60 24.98 -18.67 -3.11
CA ARG C 60 25.09 -17.28 -2.71
C ARG C 60 26.46 -16.74 -3.11
N GLY C 61 26.84 -15.60 -2.55
CA GLY C 61 28.21 -15.17 -2.65
C GLY C 61 28.46 -13.71 -2.37
N ASP C 62 29.48 -13.53 -1.55
CA ASP C 62 29.93 -12.29 -0.94
C ASP C 62 28.81 -11.41 -0.42
N PHE C 63 28.04 -10.79 -1.31
CA PHE C 63 26.92 -10.05 -0.76
C PHE C 63 25.66 -10.21 -1.58
N ASP C 64 25.56 -11.31 -2.29
CA ASP C 64 24.24 -11.81 -2.64
C ASP C 64 23.47 -11.95 -1.35
N GLU C 65 22.17 -11.68 -1.40
CA GLU C 65 21.48 -11.29 -0.17
C GLU C 65 20.88 -12.48 0.54
N ASN C 66 20.28 -13.44 -0.17
CA ASN C 66 19.78 -14.64 0.51
C ASN C 66 21.00 -15.52 0.75
N LEU C 67 21.74 -15.19 1.79
CA LEU C 67 22.85 -16.00 2.24
C LEU C 67 22.37 -17.37 2.68
N ASN C 68 21.06 -17.56 2.66
CA ASN C 68 20.48 -18.87 2.84
C ASN C 68 20.70 -19.76 1.62
N TYR C 69 21.14 -19.19 0.52
CA TYR C 69 21.54 -19.96 -0.64
C TYR C 69 22.76 -20.85 -0.42
N PRO C 70 22.67 -22.12 -0.78
CA PRO C 70 23.44 -23.23 -0.18
C PRO C 70 24.85 -23.01 0.33
N GLU C 71 25.33 -24.08 0.94
CA GLU C 71 26.70 -24.23 1.38
C GLU C 71 27.50 -25.01 0.35
N GLN C 72 26.84 -25.96 -0.29
CA GLN C 72 27.29 -26.75 -1.43
C GLN C 72 26.04 -27.28 -2.11
N LYS C 73 26.03 -27.27 -3.44
CA LYS C 73 24.94 -27.98 -4.11
C LYS C 73 25.35 -28.68 -5.37
N VAL C 74 24.60 -29.76 -5.62
CA VAL C 74 24.83 -30.75 -6.67
C VAL C 74 23.48 -31.06 -7.30
N VAL C 75 23.46 -31.11 -8.62
CA VAL C 75 22.34 -31.67 -9.35
C VAL C 75 22.89 -32.72 -10.29
N THR C 76 22.19 -33.84 -10.42
CA THR C 76 22.62 -34.90 -11.31
C THR C 76 21.49 -35.19 -12.27
N VAL C 77 21.83 -35.23 -13.55
CA VAL C 77 20.87 -35.39 -14.64
C VAL C 77 21.47 -36.27 -15.70
N GLY C 78 20.66 -37.15 -16.26
CA GLY C 78 21.18 -38.18 -17.15
C GLY C 78 22.27 -39.02 -16.50
N GLN C 79 23.41 -39.09 -17.15
CA GLN C 79 24.57 -39.77 -16.60
C GLN C 79 25.58 -38.84 -15.95
N PHE C 80 25.27 -37.56 -15.81
CA PHE C 80 26.27 -36.63 -15.34
C PHE C 80 25.87 -36.05 -14.00
N LYS C 81 26.86 -35.60 -13.23
CA LYS C 81 26.58 -34.86 -12.02
C LYS C 81 26.97 -33.41 -12.23
N ILE C 82 26.31 -32.55 -11.48
CA ILE C 82 26.52 -31.12 -11.53
C ILE C 82 26.54 -30.49 -10.15
N GLY C 83 27.73 -30.30 -9.61
CA GLY C 83 27.92 -29.78 -8.26
C GLY C 83 28.47 -28.37 -8.40
N LEU C 84 27.95 -27.45 -7.58
CA LEU C 84 28.22 -26.05 -7.81
C LEU C 84 28.55 -25.28 -6.55
N ILE C 85 29.41 -24.28 -6.74
CA ILE C 85 30.01 -23.50 -5.65
C ILE C 85 30.25 -22.09 -6.15
N HIS C 86 30.20 -21.12 -5.24
CA HIS C 86 30.98 -19.91 -5.41
C HIS C 86 32.26 -19.94 -4.59
N GLY C 87 33.36 -19.61 -5.25
CA GLY C 87 34.66 -20.09 -4.82
C GLY C 87 34.96 -19.73 -3.39
N HIS C 88 34.45 -18.59 -2.91
CA HIS C 88 34.76 -18.22 -1.54
C HIS C 88 34.37 -19.38 -0.65
N GLN C 89 33.35 -20.13 -1.08
CA GLN C 89 32.79 -21.27 -0.36
C GLN C 89 33.79 -22.42 -0.34
N VAL C 90 34.72 -22.43 -1.28
CA VAL C 90 35.67 -23.52 -1.51
C VAL C 90 37.12 -23.19 -1.16
N ILE C 91 37.89 -24.27 -1.09
CA ILE C 91 39.34 -24.40 -0.99
C ILE C 91 39.98 -23.53 -2.06
N PRO C 92 41.25 -23.13 -1.93
CA PRO C 92 41.68 -21.96 -2.68
C PRO C 92 41.66 -22.20 -4.16
N TRP C 93 41.74 -21.06 -4.79
CA TRP C 93 41.57 -20.78 -6.19
C TRP C 93 42.18 -21.83 -7.10
N GLY C 94 43.31 -22.39 -6.75
CA GLY C 94 44.09 -22.97 -7.81
C GLY C 94 44.79 -24.17 -7.26
N ASP C 95 44.48 -24.55 -6.03
CA ASP C 95 44.97 -25.84 -5.59
C ASP C 95 44.16 -27.00 -6.14
N MET C 96 44.75 -27.62 -7.15
CA MET C 96 43.97 -28.36 -8.14
C MET C 96 43.29 -29.57 -7.51
N ALA C 97 44.10 -30.41 -6.84
CA ALA C 97 43.66 -31.61 -6.13
C ALA C 97 42.88 -31.36 -4.85
N SER C 98 43.10 -30.27 -4.14
CA SER C 98 42.24 -30.03 -3.00
C SER C 98 40.87 -29.72 -3.52
N LEU C 99 40.87 -28.99 -4.61
CA LEU C 99 39.66 -28.75 -5.32
C LEU C 99 39.11 -30.02 -5.98
N ALA C 100 39.94 -31.04 -6.25
CA ALA C 100 39.45 -32.41 -6.40
C ALA C 100 38.88 -33.05 -5.14
N LEU C 101 39.42 -32.71 -3.98
CA LEU C 101 38.89 -33.23 -2.72
C LEU C 101 37.47 -32.80 -2.52
N LEU C 102 37.15 -31.63 -3.03
CA LEU C 102 35.81 -31.11 -2.84
C LEU C 102 34.79 -32.11 -3.35
N GLN C 103 35.03 -32.63 -4.54
CA GLN C 103 34.15 -33.64 -5.11
C GLN C 103 34.00 -34.88 -4.25
N ARG C 104 35.09 -35.32 -3.65
CA ARG C 104 34.96 -36.43 -2.75
C ARG C 104 34.22 -36.05 -1.48
N GLN C 105 34.34 -34.80 -1.06
CA GLN C 105 33.56 -34.36 0.07
C GLN C 105 32.11 -34.64 -0.21
N PHE C 106 31.66 -34.22 -1.38
CA PHE C 106 30.27 -34.35 -1.72
C PHE C 106 29.92 -35.77 -2.15
N ASP C 107 30.86 -36.50 -2.76
CA ASP C 107 30.54 -37.62 -3.63
C ASP C 107 29.89 -37.19 -4.93
N VAL C 108 30.64 -36.53 -5.81
CA VAL C 108 30.12 -36.08 -7.11
C VAL C 108 31.14 -36.37 -8.21
N ASP C 109 31.00 -35.71 -9.36
CA ASP C 109 31.91 -35.94 -10.48
C ASP C 109 32.37 -34.68 -11.18
N ILE C 110 32.01 -33.50 -10.68
CA ILE C 110 32.21 -32.28 -11.44
C ILE C 110 32.28 -31.18 -10.41
N LEU C 111 32.70 -29.98 -10.80
CA LEU C 111 32.23 -28.81 -10.08
C LEU C 111 32.28 -27.59 -10.98
N ILE C 112 31.37 -26.69 -10.70
CA ILE C 112 31.26 -25.42 -11.37
C ILE C 112 31.26 -24.35 -10.31
N SER C 113 31.87 -23.19 -10.58
CA SER C 113 32.63 -22.55 -9.53
C SER C 113 32.56 -21.03 -9.65
N GLY C 114 32.98 -20.49 -10.79
CA GLY C 114 32.66 -19.10 -11.13
C GLY C 114 33.25 -18.02 -10.25
N HIS C 115 34.12 -18.35 -9.31
CA HIS C 115 34.70 -17.34 -8.43
C HIS C 115 36.05 -16.84 -8.91
N THR C 116 36.94 -17.76 -9.25
CA THR C 116 38.09 -17.37 -10.02
C THR C 116 37.62 -16.77 -11.33
N HIS C 117 38.29 -15.71 -11.70
CA HIS C 117 37.74 -14.72 -12.59
C HIS C 117 37.92 -15.11 -14.04
N LYS C 118 38.88 -15.98 -14.32
CA LYS C 118 38.88 -16.55 -15.65
C LYS C 118 37.90 -17.70 -15.73
N PHE C 119 37.66 -18.10 -16.95
CA PHE C 119 36.80 -19.20 -17.30
C PHE C 119 37.71 -20.38 -17.53
N GLU C 120 37.35 -21.49 -16.95
CA GLU C 120 38.35 -22.49 -16.72
C GLU C 120 37.75 -23.86 -16.97
N ALA C 121 38.61 -24.79 -17.34
CA ALA C 121 38.20 -26.15 -17.63
C ALA C 121 39.44 -26.95 -17.34
N PHE C 122 39.25 -27.99 -16.55
CA PHE C 122 40.36 -28.75 -16.01
C PHE C 122 39.91 -30.14 -15.61
N GLU C 123 40.56 -31.13 -16.19
CA GLU C 123 40.52 -32.44 -15.61
C GLU C 123 41.79 -33.09 -16.03
N HIS C 124 42.34 -33.87 -15.12
CA HIS C 124 43.41 -34.78 -15.49
C HIS C 124 43.13 -36.08 -14.75
N GLU C 125 42.49 -37.00 -15.47
CA GLU C 125 41.81 -38.21 -15.04
C GLU C 125 40.34 -38.15 -14.64
N ASN C 126 39.56 -38.94 -15.38
CA ASN C 126 38.14 -39.24 -15.22
C ASN C 126 37.17 -38.11 -14.94
N LYS C 127 37.49 -37.27 -13.96
CA LYS C 127 36.51 -36.44 -13.27
C LYS C 127 36.93 -35.00 -13.32
N PHE C 128 36.00 -34.11 -13.64
CA PHE C 128 36.32 -32.86 -14.28
C PHE C 128 35.65 -31.72 -13.56
N TYR C 129 36.32 -30.58 -13.61
CA TYR C 129 36.01 -29.39 -12.85
C TYR C 129 36.13 -28.16 -13.76
N ILE C 130 35.21 -27.22 -13.64
CA ILE C 130 35.11 -26.17 -14.65
C ILE C 130 34.78 -24.84 -13.98
N ASN C 131 35.25 -23.76 -14.60
CA ASN C 131 34.99 -22.41 -14.17
C ASN C 131 34.56 -21.58 -15.37
N PRO C 132 33.41 -20.95 -15.28
CA PRO C 132 33.01 -19.89 -16.21
C PRO C 132 33.23 -18.50 -15.63
N GLY C 133 34.36 -17.86 -15.94
CA GLY C 133 34.92 -16.78 -15.16
C GLY C 133 34.01 -15.64 -14.76
N SER C 134 33.66 -14.76 -15.70
CA SER C 134 32.61 -13.78 -15.44
C SER C 134 32.00 -13.32 -16.75
N ALA C 135 30.69 -13.53 -16.87
CA ALA C 135 29.93 -13.16 -18.06
C ALA C 135 29.74 -11.66 -18.18
N THR C 136 30.11 -10.89 -17.16
CA THR C 136 30.10 -9.44 -17.25
C THR C 136 31.49 -8.83 -17.25
N GLY C 137 32.52 -9.65 -17.21
CA GLY C 137 33.85 -9.08 -17.13
C GLY C 137 34.09 -8.36 -15.82
N ALA C 138 33.44 -8.81 -14.75
CA ALA C 138 33.37 -8.09 -13.49
C ALA C 138 34.77 -7.75 -12.97
N TYR C 139 34.79 -6.75 -12.09
CA TYR C 139 36.02 -6.10 -11.62
C TYR C 139 37.04 -7.12 -11.16
N ASN C 140 38.25 -7.04 -11.73
CA ASN C 140 39.49 -7.47 -11.09
C ASN C 140 40.69 -7.28 -11.99
N ALA C 141 41.67 -6.51 -11.48
CA ALA C 141 42.76 -6.05 -12.34
C ALA C 141 43.56 -7.21 -12.86
N LEU C 142 43.69 -8.27 -12.07
CA LEU C 142 43.92 -9.64 -12.53
C LEU C 142 44.02 -9.69 -14.03
N GLU C 143 42.92 -10.12 -14.65
CA GLU C 143 42.79 -10.06 -16.09
C GLU C 143 42.67 -8.62 -16.60
N THR C 144 43.46 -8.31 -17.63
CA THR C 144 43.43 -6.96 -18.21
C THR C 144 42.06 -6.64 -18.79
N ASN C 145 41.40 -7.66 -19.35
CA ASN C 145 40.08 -7.53 -19.94
C ASN C 145 39.43 -8.89 -19.81
N ILE C 146 38.39 -8.97 -19.00
CA ILE C 146 37.52 -10.14 -19.00
C ILE C 146 36.49 -9.91 -20.08
N ILE C 147 36.89 -10.22 -21.31
CA ILE C 147 35.99 -10.48 -22.42
C ILE C 147 34.89 -11.36 -21.84
N PRO C 148 33.69 -10.84 -21.63
CA PRO C 148 32.73 -11.53 -20.78
C PRO C 148 32.32 -12.86 -21.39
N SER C 149 32.31 -13.90 -20.55
CA SER C 149 32.26 -15.28 -20.99
C SER C 149 31.28 -16.11 -20.18
N PHE C 150 30.52 -16.98 -20.86
CA PHE C 150 29.66 -17.91 -20.16
C PHE C 150 29.52 -19.14 -21.03
N VAL C 151 29.20 -20.26 -20.39
CA VAL C 151 28.91 -21.48 -21.13
C VAL C 151 27.45 -21.85 -20.95
N LEU C 152 26.88 -22.42 -22.00
CA LEU C 152 25.63 -23.16 -21.89
C LEU C 152 25.76 -24.47 -22.63
N MET C 153 25.02 -25.48 -22.16
CA MET C 153 25.20 -26.86 -22.54
C MET C 153 23.87 -27.50 -22.90
N ASP C 154 23.93 -28.45 -23.83
CA ASP C 154 22.86 -29.41 -24.02
C ASP C 154 23.31 -30.77 -23.53
N ILE C 155 22.45 -31.42 -22.77
CA ILE C 155 22.74 -32.70 -22.14
C ILE C 155 22.12 -33.82 -22.96
N GLN C 156 22.92 -34.84 -23.31
CA GLN C 156 22.47 -35.96 -24.13
C GLN C 156 23.15 -37.24 -23.64
N ALA C 157 22.47 -37.95 -22.73
CA ALA C 157 22.92 -39.24 -22.21
C ALA C 157 24.35 -39.22 -21.70
N SER C 158 25.19 -40.05 -22.31
CA SER C 158 26.60 -40.13 -22.00
C SER C 158 27.40 -39.01 -22.61
N THR C 159 26.73 -38.02 -23.18
CA THR C 159 27.41 -36.92 -23.84
C THR C 159 26.76 -35.61 -23.42
N VAL C 160 27.56 -34.56 -23.37
CA VAL C 160 27.03 -33.22 -23.18
C VAL C 160 27.62 -32.29 -24.23
N VAL C 161 26.78 -31.63 -24.96
CA VAL C 161 27.27 -30.62 -25.89
C VAL C 161 27.26 -29.31 -25.13
N THR C 162 28.31 -28.53 -25.30
CA THR C 162 28.50 -27.32 -24.52
C THR C 162 28.86 -26.20 -25.46
N TYR C 163 28.30 -25.02 -25.22
CA TYR C 163 28.66 -23.84 -25.97
C TYR C 163 29.23 -22.81 -25.02
N VAL C 164 30.19 -22.03 -25.51
CA VAL C 164 31.19 -21.44 -24.64
C VAL C 164 31.51 -20.07 -25.20
N TYR C 165 31.02 -19.03 -24.54
CA TYR C 165 30.89 -17.73 -25.16
C TYR C 165 31.95 -16.74 -24.72
N GLN C 166 32.22 -15.80 -25.61
CA GLN C 166 33.21 -14.74 -25.39
C GLN C 166 32.66 -13.48 -26.03
N LEU C 167 33.00 -12.32 -25.46
CA LEU C 167 32.45 -11.07 -25.96
C LEU C 167 33.56 -10.04 -26.10
N ILE C 168 33.62 -9.42 -27.28
CA ILE C 168 34.74 -8.60 -27.69
C ILE C 168 34.20 -7.27 -28.19
N GLY C 169 32.97 -7.29 -28.67
CA GLY C 169 32.22 -6.11 -29.05
C GLY C 169 30.95 -6.55 -29.75
N ASP C 170 30.70 -6.04 -30.96
CA ASP C 170 29.91 -6.85 -31.88
C ASP C 170 30.64 -8.11 -32.29
N ASP C 171 31.81 -8.36 -31.71
CA ASP C 171 32.45 -9.65 -31.76
C ASP C 171 32.06 -10.40 -30.50
N VAL C 172 31.32 -11.48 -30.69
CA VAL C 172 31.15 -12.48 -29.66
C VAL C 172 31.82 -13.73 -30.18
N LYS C 173 32.65 -14.34 -29.37
CA LYS C 173 33.28 -15.57 -29.77
C LYS C 173 32.76 -16.72 -28.91
N VAL C 174 32.79 -17.91 -29.47
CA VAL C 174 32.16 -19.06 -28.84
C VAL C 174 33.09 -20.25 -29.02
N GLU C 175 33.14 -21.09 -28.00
CA GLU C 175 33.77 -22.38 -28.08
C GLU C 175 32.73 -23.45 -27.83
N ARG C 176 33.07 -24.68 -28.21
CA ARG C 176 32.25 -25.77 -27.75
C ARG C 176 33.09 -26.97 -27.37
N ILE C 177 32.65 -27.67 -26.33
CA ILE C 177 33.25 -28.91 -25.85
C ILE C 177 32.13 -29.94 -25.81
N GLU C 178 32.48 -31.20 -25.97
CA GLU C 178 31.63 -32.28 -25.47
C GLU C 178 32.27 -33.11 -24.38
N TYR C 179 31.49 -33.40 -23.35
CA TYR C 179 31.90 -34.31 -22.29
C TYR C 179 31.22 -35.65 -22.53
N LYS C 180 32.03 -36.68 -22.53
CA LYS C 180 31.83 -37.92 -23.25
C LYS C 180 31.36 -39.02 -22.32
N LYS C 181 31.00 -38.64 -21.09
CA LYS C 181 30.91 -39.50 -19.92
C LYS C 181 32.18 -40.34 -19.91
N PRO C 182 33.35 -39.72 -20.21
CA PRO C 182 34.50 -40.42 -20.78
C PRO C 182 35.04 -41.48 -19.83
N MET D 1 58.43 -38.57 19.51
CA MET D 1 59.09 -38.33 18.24
C MET D 1 59.10 -36.84 17.93
N ALA D 2 60.15 -36.38 17.26
CA ALA D 2 60.10 -35.06 16.65
C ALA D 2 59.11 -35.05 15.49
N VAL D 3 58.59 -33.87 15.18
CA VAL D 3 57.64 -33.74 14.07
C VAL D 3 58.35 -34.08 12.78
N PHE D 4 57.73 -34.95 11.99
CA PHE D 4 58.31 -35.38 10.72
C PHE D 4 58.49 -34.19 9.78
N PRO D 5 59.66 -34.02 9.17
CA PRO D 5 59.91 -32.83 8.33
C PRO D 5 59.15 -32.81 7.01
N TRP D 6 58.17 -31.91 6.90
CA TRP D 6 57.40 -31.81 5.67
C TRP D 6 58.26 -31.26 4.55
N HIS D 7 58.12 -31.84 3.37
CA HIS D 7 58.59 -31.18 2.16
C HIS D 7 57.47 -31.22 1.14
N SER D 8 57.26 -30.10 0.47
CA SER D 8 56.30 -30.02 -0.62
C SER D 8 56.96 -30.42 -1.93
N ARG D 9 56.14 -30.91 -2.85
CA ARG D 9 56.47 -30.85 -4.26
C ARG D 9 56.60 -29.41 -4.75
N ASN D 10 56.83 -29.20 -6.05
CA ASN D 10 56.74 -27.92 -6.71
C ASN D 10 56.04 -28.10 -8.06
N ARG D 11 55.25 -27.12 -8.49
CA ARG D 11 54.31 -27.33 -9.58
C ARG D 11 54.70 -26.51 -10.80
N ASN D 12 54.33 -27.03 -11.96
CA ASN D 12 54.45 -26.30 -13.21
C ASN D 12 53.01 -26.05 -13.65
N TYR D 13 52.55 -24.86 -13.28
CA TYR D 13 51.16 -24.47 -13.40
C TYR D 13 50.73 -24.52 -14.85
N LYS D 14 51.63 -24.19 -15.78
CA LYS D 14 51.30 -24.37 -17.19
C LYS D 14 51.26 -25.84 -17.53
N ALA D 15 52.21 -26.61 -17.01
CA ALA D 15 52.20 -28.04 -17.22
C ALA D 15 50.96 -28.63 -16.56
N GLU D 16 50.67 -28.19 -15.34
CA GLU D 16 49.46 -28.66 -14.69
C GLU D 16 48.23 -28.21 -15.48
N PHE D 17 48.31 -27.08 -16.17
CA PHE D 17 47.23 -26.69 -17.06
C PHE D 17 47.14 -27.60 -18.27
N ALA D 18 48.25 -27.86 -18.91
CA ALA D 18 48.20 -28.69 -20.10
C ALA D 18 47.61 -30.03 -19.74
N SER D 19 48.05 -30.61 -18.63
CA SER D 19 47.54 -31.92 -18.28
C SER D 19 46.08 -31.86 -17.88
N CYS D 20 45.70 -30.84 -17.08
CA CYS D 20 44.29 -30.64 -16.75
C CYS D 20 43.46 -29.98 -17.84
N ARG D 21 44.03 -29.09 -18.66
CA ARG D 21 43.21 -28.27 -19.54
C ARG D 21 42.32 -29.07 -20.49
N LEU D 22 41.09 -28.60 -20.65
CA LEU D 22 40.30 -28.89 -21.84
C LEU D 22 40.79 -28.02 -22.99
N GLU D 23 41.32 -28.62 -24.03
CA GLU D 23 41.68 -27.84 -25.21
C GLU D 23 40.45 -27.73 -26.11
N ALA D 24 39.63 -26.72 -25.82
CA ALA D 24 38.30 -26.53 -26.39
C ALA D 24 38.36 -26.19 -27.87
N VAL D 25 37.19 -26.26 -28.49
CA VAL D 25 37.03 -26.05 -29.93
C VAL D 25 36.51 -24.63 -30.16
N PRO D 26 37.27 -23.77 -30.85
CA PRO D 26 36.72 -22.49 -31.27
C PRO D 26 35.71 -22.66 -32.39
N LEU D 27 34.62 -21.93 -32.28
CA LEU D 27 33.50 -22.13 -33.18
C LEU D 27 33.54 -21.13 -34.34
N GLU D 28 32.70 -21.38 -35.35
CA GLU D 28 32.84 -20.82 -36.69
C GLU D 28 31.64 -19.98 -37.10
N PHE D 29 31.91 -18.98 -37.94
CA PHE D 29 30.92 -18.00 -38.36
C PHE D 29 29.66 -18.64 -38.90
N GLY D 30 28.52 -18.28 -38.32
CA GLY D 30 27.26 -18.80 -38.80
C GLY D 30 27.00 -20.25 -38.46
N ASP D 31 27.90 -20.91 -37.75
CA ASP D 31 27.60 -22.26 -37.31
C ASP D 31 26.46 -22.23 -36.30
N TYR D 32 25.89 -23.40 -36.04
CA TYR D 32 24.76 -23.44 -35.13
C TYR D 32 25.21 -23.07 -33.73
N HIS D 33 24.37 -22.33 -33.03
CA HIS D 33 24.48 -22.26 -31.59
C HIS D 33 23.07 -22.19 -31.02
N PRO D 34 22.90 -22.55 -29.75
CA PRO D 34 21.55 -22.66 -29.18
C PRO D 34 20.64 -21.51 -29.51
N LEU D 35 21.17 -20.31 -29.65
CA LEU D 35 20.35 -19.15 -29.91
C LEU D 35 20.43 -18.72 -31.36
N LYS D 36 21.11 -19.48 -32.18
CA LYS D 36 21.02 -19.28 -33.61
C LYS D 36 19.56 -19.43 -34.03
N PRO D 37 18.94 -18.42 -34.65
CA PRO D 37 17.54 -18.45 -35.05
C PRO D 37 17.27 -19.41 -36.22
N VAL D 110 -29.70 -7.92 -18.29
CA VAL D 110 -29.06 -6.82 -19.00
C VAL D 110 -27.57 -7.10 -19.14
N GLY D 111 -26.96 -6.52 -20.16
CA GLY D 111 -25.50 -6.53 -20.22
C GLY D 111 -24.92 -5.81 -19.01
N SER D 112 -23.78 -6.32 -18.53
CA SER D 112 -23.22 -5.86 -17.27
C SER D 112 -22.75 -4.41 -17.31
N ASP D 113 -22.65 -3.81 -18.49
CA ASP D 113 -22.40 -2.37 -18.58
C ASP D 113 -23.53 -1.56 -17.95
N PHE D 114 -24.66 -2.18 -17.65
CA PHE D 114 -25.68 -1.59 -16.80
C PHE D 114 -25.24 -1.81 -15.35
N GLU D 115 -24.77 -0.75 -14.70
CA GLU D 115 -24.22 -0.85 -13.34
C GLU D 115 -25.31 -1.23 -12.33
N PRO D 116 -25.02 -2.14 -11.40
CA PRO D 116 -26.06 -2.70 -10.54
C PRO D 116 -26.57 -1.74 -9.46
N TRP D 117 -27.79 -2.08 -9.01
CA TRP D 117 -28.45 -1.39 -7.91
C TRP D 117 -27.62 -1.41 -6.64
N THR D 118 -26.95 -2.52 -6.35
CA THR D 118 -26.18 -2.62 -5.11
C THR D 118 -25.19 -1.47 -4.97
N ASN D 119 -24.58 -1.06 -6.07
CA ASN D 119 -23.54 -0.03 -5.99
C ASN D 119 -24.17 1.31 -5.64
N LYS D 120 -25.22 1.64 -6.38
CA LYS D 120 -25.97 2.86 -6.12
C LYS D 120 -26.45 2.87 -4.69
N ARG D 121 -27.09 1.77 -4.30
CA ARG D 121 -27.68 1.61 -2.99
C ARG D 121 -26.66 1.82 -1.88
N GLY D 122 -25.53 1.13 -1.97
CA GLY D 122 -24.50 1.31 -0.96
C GLY D 122 -24.04 2.74 -0.86
N GLU D 123 -23.76 3.38 -2.00
CA GLU D 123 -23.28 4.75 -1.95
C GLU D 123 -24.34 5.68 -1.36
N ILE D 124 -25.58 5.52 -1.80
CA ILE D 124 -26.67 6.37 -1.31
C ILE D 124 -26.83 6.19 0.19
N LEU D 125 -26.85 4.94 0.64
CA LEU D 125 -27.02 4.67 2.07
C LEU D 125 -25.88 5.26 2.86
N ALA D 126 -24.70 5.35 2.25
CA ALA D 126 -23.64 6.12 2.88
C ALA D 126 -23.98 7.60 2.96
N ARG D 127 -24.37 8.20 1.84
CA ARG D 127 -24.50 9.66 1.82
C ARG D 127 -25.76 10.18 2.51
N TYR D 128 -26.92 9.69 2.12
CA TYR D 128 -28.15 10.44 2.39
C TYR D 128 -28.72 10.23 3.79
N THR D 129 -27.87 10.33 4.80
CA THR D 129 -28.32 10.70 6.12
C THR D 129 -29.05 12.03 6.10
N THR D 130 -29.60 12.43 7.24
CA THR D 130 -30.23 13.73 7.38
C THR D 130 -30.01 14.20 8.81
N THR D 131 -30.21 15.50 9.01
CA THR D 131 -30.20 16.07 10.36
C THR D 131 -31.51 15.89 11.13
N GLU D 132 -32.62 15.55 10.46
CA GLU D 132 -33.90 15.49 11.16
C GLU D 132 -33.95 14.34 12.16
N LYS D 133 -34.55 14.60 13.32
CA LYS D 133 -34.79 13.59 14.35
C LYS D 133 -35.87 12.63 13.88
N LEU D 134 -35.48 11.38 13.61
CA LEU D 134 -36.39 10.47 12.93
C LEU D 134 -37.50 10.04 13.87
N SER D 135 -38.62 9.61 13.30
CA SER D 135 -39.60 9.00 14.17
C SER D 135 -40.36 7.90 13.47
N ILE D 136 -40.83 6.94 14.25
CA ILE D 136 -41.76 5.92 13.81
C ILE D 136 -42.98 5.99 14.69
N ASN D 137 -44.15 6.10 14.07
CA ASN D 137 -45.41 6.28 14.80
C ASN D 137 -46.48 5.59 13.96
N LEU D 138 -46.70 4.30 14.25
CA LEU D 138 -47.47 3.48 13.32
C LEU D 138 -48.38 2.53 14.07
N PHE D 139 -49.65 2.50 13.68
CA PHE D 139 -50.56 1.42 14.05
C PHE D 139 -50.03 0.07 13.59
N MET D 140 -50.26 -0.95 14.42
CA MET D 140 -49.77 -2.30 14.18
C MET D 140 -50.81 -3.31 14.64
N GLY D 141 -50.76 -4.50 14.03
CA GLY D 141 -51.69 -5.57 14.35
C GLY D 141 -51.02 -6.92 14.47
N SER D 142 -49.77 -6.93 14.95
CA SER D 142 -48.96 -8.14 14.95
C SER D 142 -49.53 -9.22 15.86
N GLU D 143 -50.25 -8.86 16.92
CA GLU D 143 -50.68 -9.82 17.92
C GLU D 143 -52.18 -10.10 17.89
N LYS D 144 -52.97 -9.24 17.25
CA LYS D 144 -54.40 -9.20 17.53
C LYS D 144 -55.17 -9.01 16.22
N GLY D 145 -56.46 -9.37 16.26
CA GLY D 145 -57.34 -9.23 15.11
C GLY D 145 -58.79 -9.29 15.55
N LYS D 146 -59.69 -9.01 14.61
CA LYS D 146 -61.09 -8.85 14.93
C LYS D 146 -61.72 -10.12 15.46
N ALA D 147 -62.69 -9.94 16.36
CA ALA D 147 -63.53 -11.04 16.83
C ALA D 147 -64.93 -10.58 17.20
N GLY D 148 -65.36 -9.37 16.78
CA GLY D 148 -66.63 -8.81 17.20
C GLY D 148 -67.82 -9.26 16.36
N THR D 149 -69.02 -8.88 16.83
CA THR D 149 -70.27 -9.24 16.18
C THR D 149 -70.62 -8.33 15.00
N ALA D 150 -69.68 -8.16 14.07
CA ALA D 150 -69.94 -7.32 12.90
C ALA D 150 -70.99 -7.94 12.01
N THR D 151 -71.72 -7.09 11.28
CA THR D 151 -72.63 -7.56 10.25
C THR D 151 -71.83 -7.98 9.03
N LEU D 152 -71.88 -9.27 8.69
CA LEU D 152 -71.11 -9.80 7.58
C LEU D 152 -71.91 -10.88 6.86
N ALA D 153 -71.48 -11.17 5.63
CA ALA D 153 -72.01 -12.26 4.82
C ALA D 153 -70.91 -12.72 3.88
N MET D 154 -71.24 -13.66 2.98
CA MET D 154 -70.21 -14.32 2.18
C MET D 154 -69.37 -13.29 1.42
N SER D 155 -70.04 -12.37 0.72
CA SER D 155 -69.35 -11.24 0.11
C SER D 155 -68.59 -10.45 1.16
N GLU D 156 -69.24 -10.19 2.29
CA GLU D 156 -68.60 -9.44 3.36
C GLU D 156 -67.52 -10.27 4.04
N LYS D 157 -67.64 -11.59 4.03
CA LYS D 157 -66.51 -12.44 4.44
C LYS D 157 -65.32 -12.25 3.53
N VAL D 158 -65.56 -12.13 2.22
CA VAL D 158 -64.48 -11.81 1.29
C VAL D 158 -63.88 -10.45 1.63
N ARG D 159 -64.74 -9.47 1.89
CA ARG D 159 -64.27 -8.18 2.40
C ARG D 159 -63.49 -8.33 3.72
N THR D 160 -63.91 -9.27 4.56
CA THR D 160 -63.26 -9.50 5.85
C THR D 160 -61.84 -10.02 5.68
N ARG D 161 -61.59 -10.76 4.59
CA ARG D 161 -60.22 -11.13 4.27
C ARG D 161 -59.33 -9.89 4.18
N LEU D 162 -59.76 -8.87 3.44
CA LEU D 162 -59.05 -7.58 3.42
C LEU D 162 -59.10 -6.86 4.76
N GLU D 163 -60.19 -7.00 5.53
CA GLU D 163 -60.23 -6.38 6.85
C GLU D 163 -59.10 -6.91 7.73
N GLU D 164 -58.69 -8.15 7.52
CA GLU D 164 -57.48 -8.64 8.17
C GLU D 164 -56.30 -7.74 7.85
N LEU D 165 -56.16 -7.36 6.57
CA LEU D 165 -55.11 -6.44 6.17
C LEU D 165 -55.30 -5.04 6.75
N ASP D 166 -56.56 -4.65 7.00
CA ASP D 166 -56.84 -3.38 7.65
C ASP D 166 -56.47 -3.38 9.13
N ASP D 167 -56.53 -4.53 9.78
CA ASP D 167 -56.58 -4.52 11.24
C ASP D 167 -55.30 -3.99 11.87
N PHE D 168 -54.14 -4.17 11.22
CA PHE D 168 -52.93 -3.52 11.72
C PHE D 168 -53.09 -1.99 11.77
N GLU D 169 -53.83 -1.41 10.82
CA GLU D 169 -54.05 0.03 10.88
C GLU D 169 -55.18 0.36 11.84
N GLU D 170 -56.11 -0.57 12.02
CA GLU D 170 -57.05 -0.50 13.12
C GLU D 170 -56.37 -0.73 14.46
N GLY D 171 -55.20 -1.37 14.48
CA GLY D 171 -54.53 -1.69 15.71
C GLY D 171 -53.83 -0.51 16.36
N SER D 172 -53.41 -0.73 17.60
CA SER D 172 -52.63 0.24 18.35
C SER D 172 -51.24 0.40 17.75
N GLN D 173 -50.53 1.43 18.21
CA GLN D 173 -49.33 1.93 17.54
C GLN D 173 -48.07 1.67 18.36
N LYS D 174 -46.95 1.63 17.65
CA LYS D 174 -45.61 1.80 18.22
C LYS D 174 -45.11 3.21 17.90
N GLU D 175 -44.57 3.88 18.90
CA GLU D 175 -44.26 5.30 18.81
C GLU D 175 -42.82 5.52 19.24
N LEU D 176 -42.01 6.12 18.36
CA LEU D 176 -40.58 6.32 18.61
C LEU D 176 -40.17 7.61 17.89
N LEU D 177 -40.18 8.72 18.63
CA LEU D 177 -39.73 9.99 18.08
C LEU D 177 -38.22 10.12 18.14
N ASN D 178 -37.71 11.02 17.29
CA ASN D 178 -36.31 11.46 17.34
C ASN D 178 -35.35 10.27 17.26
N LEU D 179 -35.75 9.27 16.49
CA LEU D 179 -34.88 8.14 16.20
C LEU D 179 -33.59 8.61 15.53
N THR D 180 -32.49 7.96 15.86
CA THR D 180 -31.29 8.05 15.04
C THR D 180 -31.44 7.16 13.82
N GLN D 181 -30.43 7.25 12.95
CA GLN D 181 -30.37 6.38 11.77
C GLN D 181 -30.48 4.91 12.16
N GLN D 182 -29.65 4.47 13.09
CA GLN D 182 -29.61 3.04 13.38
C GLN D 182 -30.84 2.56 14.10
N ASP D 183 -31.44 3.40 14.96
CA ASP D 183 -32.65 2.98 15.64
C ASP D 183 -33.78 2.74 14.64
N TYR D 184 -33.88 3.62 13.65
CA TYR D 184 -34.86 3.45 12.59
C TYR D 184 -34.57 2.18 11.81
N VAL D 185 -33.30 1.97 11.46
CA VAL D 185 -32.91 0.75 10.74
C VAL D 185 -33.35 -0.48 11.52
N ASN D 186 -33.08 -0.48 12.82
CA ASN D 186 -33.42 -1.61 13.66
C ASN D 186 -34.92 -1.85 13.73
N ARG D 187 -35.73 -0.81 13.89
CA ARG D 187 -37.17 -1.00 13.92
C ARG D 187 -37.69 -1.48 12.57
N ILE D 188 -37.16 -0.94 11.48
CA ILE D 188 -37.52 -1.42 10.16
C ILE D 188 -37.16 -2.88 10.02
N GLU D 189 -36.03 -3.28 10.58
CA GLU D 189 -35.65 -4.68 10.59
C GLU D 189 -36.56 -5.53 11.48
N GLU D 190 -37.09 -4.96 12.56
CA GLU D 190 -38.10 -5.68 13.34
C GLU D 190 -39.28 -6.02 12.45
N LEU D 191 -39.74 -5.02 11.71
CA LEU D 191 -40.84 -5.24 10.78
C LEU D 191 -40.43 -6.23 9.70
N ASN D 192 -39.16 -6.16 9.28
CA ASN D 192 -38.61 -7.10 8.30
C ASN D 192 -38.75 -8.53 8.79
N GLN D 193 -38.37 -8.78 10.05
CA GLN D 193 -38.55 -10.10 10.63
C GLN D 193 -40.02 -10.48 10.71
N SER D 194 -40.88 -9.53 11.07
CA SER D 194 -42.30 -9.84 11.11
C SER D 194 -42.78 -10.34 9.75
N LEU D 195 -42.32 -9.69 8.68
CA LEU D 195 -42.68 -10.12 7.34
C LEU D 195 -42.07 -11.48 7.01
N LYS D 196 -40.81 -11.69 7.36
CA LYS D 196 -40.16 -12.98 7.11
C LYS D 196 -40.92 -14.11 7.78
N ASP D 197 -41.36 -13.88 9.01
CA ASP D 197 -42.17 -14.86 9.71
C ASP D 197 -43.50 -15.09 9.00
N ALA D 198 -44.20 -14.01 8.66
CA ALA D 198 -45.49 -14.14 7.99
C ALA D 198 -45.35 -14.93 6.71
N TRP D 199 -44.26 -14.72 5.99
CA TRP D 199 -44.00 -15.53 4.80
C TRP D 199 -43.72 -16.97 5.18
N ALA D 200 -42.79 -17.19 6.11
CA ALA D 200 -42.39 -18.54 6.46
C ALA D 200 -43.54 -19.28 7.13
N SER D 201 -44.34 -18.56 7.90
CA SER D 201 -45.54 -19.10 8.52
C SER D 201 -46.69 -19.27 7.54
N ASP D 202 -46.47 -19.02 6.26
CA ASP D 202 -47.52 -19.01 5.23
C ASP D 202 -48.59 -17.97 5.53
N GLN D 203 -48.35 -17.06 6.46
CA GLN D 203 -49.27 -15.97 6.73
C GLN D 203 -49.17 -14.93 5.61
N LYS D 204 -49.49 -15.41 4.41
CA LYS D 204 -49.34 -14.57 3.23
C LYS D 204 -50.28 -13.39 3.30
N VAL D 205 -51.45 -13.57 3.92
CA VAL D 205 -52.30 -12.43 4.22
C VAL D 205 -51.56 -11.48 5.15
N LYS D 206 -50.97 -12.00 6.22
CA LYS D 206 -50.21 -11.15 7.13
C LYS D 206 -48.95 -10.61 6.48
N ALA D 207 -48.31 -11.41 5.62
CA ALA D 207 -47.19 -10.89 4.85
C ALA D 207 -47.62 -9.69 4.03
N LEU D 208 -48.78 -9.79 3.39
CA LEU D 208 -49.34 -8.68 2.64
C LEU D 208 -49.63 -7.50 3.54
N LYS D 209 -50.11 -7.77 4.75
CA LYS D 209 -50.29 -6.72 5.76
C LYS D 209 -49.00 -5.96 5.96
N ILE D 210 -47.92 -6.69 6.17
CA ILE D 210 -46.65 -6.06 6.48
C ILE D 210 -46.10 -5.33 5.25
N VAL D 211 -46.40 -5.84 4.07
CA VAL D 211 -46.02 -5.12 2.86
C VAL D 211 -46.81 -3.82 2.74
N ILE D 212 -48.06 -3.83 3.18
CA ILE D 212 -48.84 -2.60 3.21
C ILE D 212 -48.23 -1.64 4.21
N GLN D 213 -47.73 -2.18 5.33
CA GLN D 213 -46.97 -1.37 6.28
C GLN D 213 -45.79 -0.70 5.59
N CYS D 214 -45.06 -1.47 4.76
CA CYS D 214 -43.97 -0.91 3.97
C CYS D 214 -44.44 0.25 3.10
N SER D 215 -45.58 0.07 2.44
CA SER D 215 -46.09 1.14 1.58
C SER D 215 -46.53 2.36 2.36
N LYS D 216 -47.04 2.19 3.58
CA LYS D 216 -47.33 3.35 4.41
C LYS D 216 -46.08 4.02 4.94
N LEU D 217 -45.03 3.25 5.22
CA LEU D 217 -43.75 3.89 5.52
C LEU D 217 -43.28 4.70 4.34
N LEU D 218 -43.53 4.20 3.15
CA LEU D 218 -43.30 5.01 1.96
C LEU D 218 -44.17 6.25 1.99
N SER D 219 -45.41 6.12 2.45
CA SER D 219 -46.30 7.27 2.54
C SER D 219 -45.72 8.39 3.42
N ASP D 220 -44.94 8.05 4.44
CA ASP D 220 -44.37 9.10 5.30
C ASP D 220 -43.08 9.62 4.68
N THR D 221 -43.19 10.71 3.93
CA THR D 221 -42.05 11.44 3.40
C THR D 221 -41.49 12.48 4.34
N SER D 222 -42.08 12.66 5.53
CA SER D 222 -41.91 13.89 6.28
C SER D 222 -40.44 14.20 6.56
N VAL D 223 -39.65 13.20 6.91
CA VAL D 223 -38.20 13.39 7.06
C VAL D 223 -37.60 13.22 5.67
N ILE D 224 -37.66 14.31 4.91
CA ILE D 224 -37.57 14.18 3.46
C ILE D 224 -36.16 13.85 3.03
N GLN D 225 -35.13 14.36 3.73
CA GLN D 225 -33.76 14.11 3.31
C GLN D 225 -33.33 12.68 3.63
N PHE D 226 -33.73 12.17 4.80
CA PHE D 226 -33.56 10.74 5.05
C PHE D 226 -34.44 9.89 4.17
N TYR D 227 -35.59 10.41 3.76
CA TYR D 227 -36.59 9.61 3.09
C TYR D 227 -36.09 8.82 1.89
N PRO D 228 -35.17 9.32 1.06
CA PRO D 228 -34.60 8.44 0.02
C PRO D 228 -34.07 7.13 0.57
N SER D 229 -33.39 7.16 1.71
CA SER D 229 -32.94 5.92 2.33
C SER D 229 -34.12 5.03 2.71
N LYS D 230 -35.17 5.64 3.27
CA LYS D 230 -36.38 4.90 3.61
C LYS D 230 -36.90 4.18 2.38
N PHE D 231 -37.01 4.92 1.27
CA PHE D 231 -37.43 4.33 0.01
C PHE D 231 -36.52 3.17 -0.36
N VAL D 232 -35.20 3.38 -0.28
CA VAL D 232 -34.26 2.35 -0.69
C VAL D 232 -34.55 1.07 0.06
N LEU D 233 -34.64 1.15 1.38
CA LEU D 233 -34.81 -0.04 2.19
C LEU D 233 -36.16 -0.69 1.94
N ILE D 234 -37.22 0.11 1.86
CA ILE D 234 -38.54 -0.48 1.61
C ILE D 234 -38.56 -1.17 0.26
N THR D 235 -37.94 -0.56 -0.75
CA THR D 235 -37.89 -1.17 -2.06
C THR D 235 -37.08 -2.45 -2.06
N ASP D 236 -35.98 -2.48 -1.32
CA ASP D 236 -35.22 -3.72 -1.24
C ASP D 236 -36.04 -4.82 -0.59
N ILE D 237 -36.74 -4.49 0.50
CA ILE D 237 -37.53 -5.47 1.22
C ILE D 237 -38.66 -5.98 0.35
N LEU D 238 -39.37 -5.06 -0.30
CA LEU D 238 -40.50 -5.43 -1.14
C LEU D 238 -40.06 -6.14 -2.42
N ASP D 239 -38.86 -5.84 -2.93
CA ASP D 239 -38.31 -6.64 -4.00
C ASP D 239 -38.12 -8.08 -3.58
N THR D 240 -37.52 -8.30 -2.41
CA THR D 240 -37.40 -9.66 -1.90
C THR D 240 -38.76 -10.29 -1.79
N PHE D 241 -39.72 -9.54 -1.25
CA PHE D 241 -41.09 -10.00 -1.15
C PHE D 241 -41.66 -10.41 -2.50
N GLY D 242 -41.51 -9.56 -3.51
CA GLY D 242 -42.00 -9.89 -4.84
C GLY D 242 -41.35 -11.14 -5.40
N LYS D 243 -40.05 -11.29 -5.15
CA LYS D 243 -39.35 -12.49 -5.55
C LYS D 243 -39.98 -13.71 -4.91
N LEU D 244 -40.18 -13.63 -3.60
CA LEU D 244 -40.78 -14.72 -2.85
C LEU D 244 -42.17 -15.04 -3.38
N VAL D 245 -42.97 -14.00 -3.63
CA VAL D 245 -44.30 -14.15 -4.17
C VAL D 245 -44.28 -14.91 -5.49
N TYR D 246 -43.42 -14.47 -6.42
CA TYR D 246 -43.35 -15.15 -7.71
C TYR D 246 -42.96 -16.61 -7.52
N GLU D 247 -41.98 -16.87 -6.66
CA GLU D 247 -41.55 -18.23 -6.41
C GLU D 247 -42.67 -19.10 -5.83
N ARG D 248 -43.48 -18.54 -4.92
CA ARG D 248 -44.62 -19.28 -4.38
C ARG D 248 -45.64 -19.60 -5.45
N ILE D 249 -46.03 -18.60 -6.25
CA ILE D 249 -47.03 -18.85 -7.28
C ILE D 249 -46.51 -19.86 -8.29
N PHE D 250 -45.22 -19.77 -8.63
CA PHE D 250 -44.60 -20.75 -9.51
C PHE D 250 -44.66 -22.14 -8.91
N SER D 251 -44.34 -22.27 -7.62
CA SER D 251 -44.45 -23.54 -6.93
C SER D 251 -45.87 -24.05 -6.92
N MET D 252 -46.86 -23.16 -6.92
CA MET D 252 -48.24 -23.59 -7.08
C MET D 252 -48.49 -24.06 -8.50
N CYS D 253 -47.89 -23.36 -9.47
CA CYS D 253 -47.93 -23.81 -10.85
C CYS D 253 -47.11 -25.08 -11.03
N VAL D 254 -45.97 -25.16 -10.35
CA VAL D 254 -45.13 -26.34 -10.40
C VAL D 254 -45.78 -27.47 -9.60
N ASP D 255 -45.85 -28.65 -10.20
CA ASP D 255 -46.37 -29.84 -9.54
C ASP D 255 -45.30 -30.58 -8.73
N SER D 256 -44.17 -29.94 -8.45
CA SER D 256 -43.02 -30.48 -7.73
C SER D 256 -42.34 -31.64 -8.47
N ARG D 257 -42.74 -31.92 -9.71
CA ARG D 257 -41.98 -32.87 -10.51
C ARG D 257 -40.67 -32.25 -10.98
N SER D 258 -40.76 -31.05 -11.56
CA SER D 258 -39.63 -30.19 -11.85
C SER D 258 -40.20 -28.79 -12.05
N VAL D 259 -39.34 -27.79 -11.97
CA VAL D 259 -39.80 -26.41 -12.05
C VAL D 259 -40.11 -26.07 -13.49
N LEU D 260 -41.20 -25.34 -13.70
CA LEU D 260 -41.61 -24.93 -15.03
C LEU D 260 -40.56 -24.00 -15.64
N PRO D 261 -40.45 -23.97 -16.96
CA PRO D 261 -39.51 -23.03 -17.60
C PRO D 261 -39.96 -21.58 -17.45
N ASP D 262 -38.98 -20.67 -17.51
CA ASP D 262 -39.30 -19.25 -17.45
C ASP D 262 -40.16 -18.80 -18.62
N HIS D 263 -40.01 -19.45 -19.78
CA HIS D 263 -40.80 -19.06 -20.94
C HIS D 263 -42.18 -19.68 -20.91
N PHE D 264 -42.58 -20.25 -19.76
CA PHE D 264 -43.88 -20.87 -19.61
C PHE D 264 -44.99 -19.96 -20.11
N SER D 265 -45.97 -20.56 -20.78
CA SER D 265 -47.13 -19.82 -21.24
C SER D 265 -48.00 -19.39 -20.07
N PRO D 266 -48.68 -18.26 -20.20
CA PRO D 266 -49.71 -17.92 -19.19
C PRO D 266 -50.75 -18.99 -19.00
N GLU D 267 -51.14 -19.72 -20.05
CA GLU D 267 -52.03 -20.86 -19.90
C GLU D 267 -51.42 -22.00 -19.08
N ASN D 268 -50.10 -22.08 -18.99
CA ASN D 268 -49.46 -23.15 -18.21
C ASN D 268 -49.73 -23.02 -16.72
N ALA D 269 -49.93 -21.80 -16.24
CA ALA D 269 -50.37 -21.63 -14.85
C ALA D 269 -51.69 -22.35 -14.65
N ASN D 270 -51.68 -23.36 -13.79
CA ASN D 270 -52.86 -24.19 -13.59
C ASN D 270 -54.01 -23.37 -13.00
N ASP D 271 -55.21 -23.93 -13.12
CA ASP D 271 -56.43 -23.20 -12.80
C ASP D 271 -56.42 -22.65 -11.37
N THR D 272 -55.97 -23.47 -10.41
CA THR D 272 -55.95 -23.02 -9.03
C THR D 272 -54.87 -21.96 -8.79
N ALA D 273 -53.69 -22.14 -9.39
CA ALA D 273 -52.66 -21.12 -9.27
C ALA D 273 -53.13 -19.81 -9.89
N LYS D 274 -53.77 -19.90 -11.06
CA LYS D 274 -54.36 -18.72 -11.69
C LYS D 274 -55.36 -18.04 -10.76
N GLU D 275 -56.30 -18.80 -10.20
CA GLU D 275 -57.31 -18.17 -9.34
C GLU D 275 -56.71 -17.59 -8.06
N THR D 276 -55.71 -18.24 -7.48
CA THR D 276 -55.06 -17.67 -6.30
C THR D 276 -54.38 -16.35 -6.64
N CYS D 277 -53.62 -16.35 -7.74
CA CYS D 277 -53.00 -15.12 -8.22
C CYS D 277 -54.06 -14.06 -8.48
N LEU D 278 -55.18 -14.46 -9.07
CA LEU D 278 -56.29 -13.54 -9.31
C LEU D 278 -56.82 -12.95 -8.02
N ASN D 279 -56.98 -13.77 -6.99
CA ASN D 279 -57.45 -13.28 -5.70
C ASN D 279 -56.51 -12.23 -5.14
N TRP D 280 -55.22 -12.54 -5.06
CA TRP D 280 -54.26 -11.58 -4.54
C TRP D 280 -54.20 -10.31 -5.40
N PHE D 281 -54.23 -10.48 -6.72
CA PHE D 281 -54.28 -9.33 -7.62
C PHE D 281 -55.50 -8.46 -7.40
N PHE D 282 -56.66 -9.08 -7.20
CA PHE D 282 -57.88 -8.32 -6.91
C PHE D 282 -57.73 -7.57 -5.61
N LYS D 283 -57.11 -8.20 -4.61
CA LYS D 283 -56.79 -7.52 -3.37
C LYS D 283 -56.00 -6.26 -3.69
N ILE D 284 -55.03 -6.41 -4.59
CA ILE D 284 -54.15 -5.31 -4.97
C ILE D 284 -54.95 -4.20 -5.66
N ALA D 285 -55.75 -4.57 -6.64
CA ALA D 285 -56.62 -3.60 -7.29
C ALA D 285 -57.57 -2.98 -6.30
N SER D 286 -58.02 -3.76 -5.33
CA SER D 286 -58.89 -3.25 -4.28
C SER D 286 -58.14 -2.48 -3.22
N ILE D 287 -56.81 -2.37 -3.32
CA ILE D 287 -56.11 -1.46 -2.42
C ILE D 287 -56.70 -0.08 -2.55
N ARG D 288 -57.13 0.47 -1.43
CA ARG D 288 -57.73 1.79 -1.41
C ARG D 288 -56.69 2.88 -1.67
N GLU D 289 -55.52 2.78 -1.03
CA GLU D 289 -54.48 3.78 -1.19
C GLU D 289 -53.71 3.57 -2.48
N LEU D 290 -53.45 4.68 -3.16
CA LEU D 290 -52.66 4.66 -4.39
C LEU D 290 -51.29 4.05 -4.18
N ILE D 291 -50.60 4.43 -3.10
CA ILE D 291 -49.20 4.05 -2.94
C ILE D 291 -49.01 2.53 -2.89
N PRO D 292 -49.68 1.78 -2.01
CA PRO D 292 -49.51 0.33 -2.04
C PRO D 292 -49.95 -0.28 -3.34
N ARG D 293 -51.10 0.18 -3.85
CA ARG D 293 -51.65 -0.44 -5.05
C ARG D 293 -50.67 -0.34 -6.21
N PHE D 294 -50.16 0.85 -6.49
CA PHE D 294 -49.23 0.98 -7.59
C PHE D 294 -47.93 0.22 -7.34
N TYR D 295 -47.30 0.48 -6.19
CA TYR D 295 -45.94 -0.03 -6.04
C TYR D 295 -45.94 -1.54 -5.98
N VAL D 296 -46.88 -2.14 -5.25
CA VAL D 296 -46.97 -3.59 -5.23
C VAL D 296 -47.31 -4.13 -6.61
N GLU D 297 -48.26 -3.50 -7.30
CA GLU D 297 -48.65 -3.98 -8.62
C GLU D 297 -47.46 -3.99 -9.59
N ALA D 298 -46.52 -3.08 -9.40
CA ALA D 298 -45.28 -3.15 -10.17
C ALA D 298 -44.53 -4.47 -9.95
N SER D 299 -44.49 -4.96 -8.71
CA SER D 299 -43.89 -6.27 -8.46
C SER D 299 -44.75 -7.42 -9.00
N ILE D 300 -46.07 -7.32 -8.85
CA ILE D 300 -46.97 -8.36 -9.37
C ILE D 300 -46.88 -8.46 -10.89
N LEU D 301 -46.46 -7.39 -11.55
CA LEU D 301 -46.20 -7.46 -12.98
C LEU D 301 -45.28 -8.63 -13.31
N LYS D 302 -44.38 -9.00 -12.40
CA LYS D 302 -43.64 -10.25 -12.55
C LYS D 302 -44.57 -11.46 -12.61
N CYS D 303 -45.51 -11.53 -11.66
CA CYS D 303 -46.53 -12.58 -11.67
C CYS D 303 -47.30 -12.63 -12.98
N ASN D 304 -47.39 -11.50 -13.70
CA ASN D 304 -48.00 -11.52 -15.03
C ASN D 304 -47.40 -12.59 -15.93
N LYS D 305 -46.14 -12.97 -15.71
CA LYS D 305 -45.58 -14.11 -16.42
C LYS D 305 -46.48 -15.33 -16.28
N PHE D 306 -47.08 -15.50 -15.11
CA PHE D 306 -48.07 -16.55 -14.94
C PHE D 306 -49.29 -16.30 -15.80
N LEU D 307 -49.61 -15.04 -16.04
CA LEU D 307 -50.94 -14.68 -16.50
C LEU D 307 -50.95 -14.08 -17.90
N SER D 308 -49.92 -13.29 -18.24
CA SER D 308 -49.77 -12.78 -19.59
C SER D 308 -48.41 -12.13 -19.76
N LYS D 309 -47.63 -12.66 -20.70
CA LYS D 309 -46.37 -12.01 -21.03
C LYS D 309 -46.63 -10.64 -21.64
N THR D 310 -47.61 -10.59 -22.55
CA THR D 310 -48.05 -9.32 -23.12
C THR D 310 -48.69 -8.42 -22.07
N GLY D 311 -49.39 -9.00 -21.09
CA GLY D 311 -49.97 -8.20 -20.02
C GLY D 311 -48.95 -7.34 -19.31
N ILE D 312 -47.71 -7.81 -19.22
CA ILE D 312 -46.62 -6.99 -18.70
C ILE D 312 -46.50 -5.71 -19.52
N SER D 313 -46.44 -5.86 -20.83
CA SER D 313 -46.31 -4.70 -21.71
C SER D 313 -47.54 -3.82 -21.57
N GLU D 314 -48.71 -4.44 -21.58
CA GLU D 314 -49.95 -3.69 -21.48
C GLU D 314 -49.97 -2.84 -20.21
N CYS D 315 -49.49 -3.42 -19.11
CA CYS D 315 -49.43 -2.73 -17.85
C CYS D 315 -48.45 -1.56 -17.86
N LEU D 316 -47.33 -1.69 -18.58
CA LEU D 316 -46.31 -0.65 -18.43
C LEU D 316 -46.73 0.73 -18.90
N PRO D 317 -47.24 0.94 -20.12
CA PRO D 317 -47.83 2.26 -20.41
C PRO D 317 -49.03 2.54 -19.54
N ARG D 318 -49.77 1.50 -19.19
CA ARG D 318 -50.86 1.67 -18.26
C ARG D 318 -50.35 2.25 -16.94
N LEU D 319 -49.29 1.65 -16.40
CA LEU D 319 -48.64 2.23 -15.22
C LEU D 319 -48.21 3.65 -15.49
N THR D 320 -47.68 3.91 -16.69
CA THR D 320 -47.25 5.26 -17.05
C THR D 320 -48.39 6.24 -16.86
N CYS D 321 -49.56 5.92 -17.39
CA CYS D 321 -50.73 6.74 -17.15
C CYS D 321 -51.11 6.70 -15.68
N MET D 322 -51.05 5.51 -15.07
CA MET D 322 -51.36 5.39 -13.65
C MET D 322 -50.47 6.28 -12.79
N ILE D 323 -49.19 6.38 -13.14
CA ILE D 323 -48.25 7.19 -12.37
C ILE D 323 -48.69 8.64 -12.27
N ARG D 324 -49.43 9.13 -13.27
CA ARG D 324 -49.92 10.50 -13.29
C ARG D 324 -50.69 10.88 -12.03
N GLY D 325 -51.32 9.91 -11.37
CA GLY D 325 -52.04 10.19 -10.12
C GLY D 325 -51.21 10.74 -8.97
N ILE D 326 -49.94 10.37 -8.88
CA ILE D 326 -49.09 10.85 -7.79
C ILE D 326 -48.63 12.28 -8.06
N GLY D 327 -49.19 13.23 -7.31
CA GLY D 327 -48.66 14.58 -7.33
C GLY D 327 -47.43 14.76 -6.47
N ASP D 328 -47.18 13.83 -5.56
CA ASP D 328 -45.95 13.86 -4.78
C ASP D 328 -44.75 13.65 -5.69
N PRO D 329 -43.86 14.63 -5.81
CA PRO D 329 -42.77 14.52 -6.78
C PRO D 329 -41.75 13.46 -6.42
N LEU D 330 -41.35 13.37 -5.16
CA LEU D 330 -40.32 12.41 -4.79
C LEU D 330 -40.81 10.99 -4.97
N VAL D 331 -41.99 10.70 -4.44
CA VAL D 331 -42.54 9.37 -4.57
C VAL D 331 -42.69 8.98 -6.04
N SER D 332 -43.25 9.88 -6.83
CA SER D 332 -43.50 9.57 -8.24
C SER D 332 -42.20 9.36 -9.00
N VAL D 333 -41.21 10.22 -8.75
CA VAL D 333 -39.92 10.07 -9.40
C VAL D 333 -39.31 8.73 -9.05
N TYR D 334 -39.33 8.39 -7.78
CA TYR D 334 -38.67 7.18 -7.34
C TYR D 334 -39.46 5.95 -7.76
N ALA D 335 -40.78 6.07 -7.89
CA ALA D 335 -41.58 5.04 -8.52
C ALA D 335 -41.09 4.79 -9.93
N ARG D 336 -40.87 5.87 -10.68
CA ARG D 336 -40.33 5.73 -12.02
C ARG D 336 -38.96 5.07 -12.01
N ALA D 337 -38.11 5.44 -11.05
CA ALA D 337 -36.78 4.84 -10.96
C ALA D 337 -36.88 3.33 -10.74
N TYR D 338 -37.74 2.92 -9.81
CA TYR D 338 -37.99 1.50 -9.59
C TYR D 338 -38.47 0.81 -10.85
N LEU D 339 -39.47 1.39 -11.49
CA LEU D 339 -40.02 0.78 -12.68
C LEU D 339 -38.98 0.71 -13.80
N CYS D 340 -38.05 1.67 -13.84
CA CYS D 340 -36.96 1.60 -14.80
C CYS D 340 -36.03 0.44 -14.51
N ARG D 341 -35.67 0.25 -13.24
CA ARG D 341 -34.87 -0.90 -12.89
C ARG D 341 -35.52 -2.18 -13.36
N VAL D 342 -36.81 -2.32 -13.03
CA VAL D 342 -37.57 -3.51 -13.41
C VAL D 342 -37.59 -3.66 -14.94
N GLY D 343 -37.97 -2.60 -15.64
CA GLY D 343 -38.16 -2.71 -17.08
C GLY D 343 -36.87 -3.04 -17.80
N MET D 344 -35.79 -2.37 -17.41
CA MET D 344 -34.49 -2.69 -18.00
C MET D 344 -34.15 -4.15 -17.75
N GLU D 345 -34.32 -4.60 -16.51
CA GLU D 345 -33.99 -5.99 -16.21
C GLU D 345 -34.78 -6.97 -17.06
N VAL D 346 -36.07 -6.70 -17.26
CA VAL D 346 -36.94 -7.71 -17.86
C VAL D 346 -36.71 -7.86 -19.37
N ALA D 347 -36.75 -6.76 -20.13
CA ALA D 347 -36.74 -6.92 -21.58
C ALA D 347 -36.42 -5.58 -22.23
N PRO D 348 -35.99 -5.60 -23.51
CA PRO D 348 -35.55 -4.36 -24.19
C PRO D 348 -36.63 -3.34 -24.48
N HIS D 349 -37.76 -3.80 -25.01
CA HIS D 349 -38.86 -2.90 -25.36
C HIS D 349 -39.33 -2.08 -24.17
N LEU D 350 -39.11 -2.61 -22.98
CA LEU D 350 -39.46 -1.89 -21.77
C LEU D 350 -38.73 -0.56 -21.67
N LYS D 351 -37.48 -0.49 -22.14
CA LYS D 351 -36.79 0.80 -22.23
C LYS D 351 -37.55 1.80 -23.10
N GLU D 352 -38.12 1.33 -24.21
CA GLU D 352 -38.91 2.22 -25.06
C GLU D 352 -40.14 2.75 -24.32
N THR D 353 -40.80 1.87 -23.57
CA THR D 353 -41.88 2.36 -22.72
C THR D 353 -41.37 3.31 -21.65
N LEU D 354 -40.14 3.12 -21.18
CA LEU D 354 -39.52 4.09 -20.29
C LEU D 354 -39.30 5.42 -20.99
N ASN D 355 -39.02 5.40 -22.28
CA ASN D 355 -38.99 6.65 -23.03
C ASN D 355 -40.35 7.33 -22.97
N LYS D 356 -41.41 6.54 -23.13
CA LYS D 356 -42.75 7.11 -22.95
C LYS D 356 -42.92 7.70 -21.55
N ASN D 357 -42.38 7.01 -20.57
CA ASN D 357 -42.42 7.52 -19.21
C ASN D 357 -41.61 8.81 -19.06
N PHE D 358 -40.51 8.93 -19.79
CA PHE D 358 -39.78 10.19 -19.81
C PHE D 358 -40.63 11.29 -20.42
N PHE D 359 -41.40 10.95 -21.44
CA PHE D 359 -42.30 11.93 -22.02
C PHE D 359 -43.24 12.45 -20.95
N ASP D 360 -43.81 11.54 -20.17
CA ASP D 360 -44.54 11.95 -18.98
C ASP D 360 -43.67 12.80 -18.05
N PHE D 361 -42.41 12.41 -17.91
CA PHE D 361 -41.53 13.07 -16.96
C PHE D 361 -41.31 14.53 -17.29
N LEU D 362 -41.31 14.88 -18.56
CA LEU D 362 -41.22 16.29 -18.91
C LEU D 362 -42.31 17.09 -18.20
N LEU D 363 -43.55 16.59 -18.24
CA LEU D 363 -44.62 17.24 -17.47
C LEU D 363 -44.40 17.11 -15.97
N THR D 364 -43.78 16.02 -15.53
CA THR D 364 -43.47 15.93 -14.11
C THR D 364 -42.54 17.05 -13.69
N PHE D 365 -41.56 17.38 -14.53
CA PHE D 365 -40.69 18.53 -14.28
C PHE D 365 -41.49 19.83 -14.29
N LYS D 366 -42.45 19.92 -15.23
CA LYS D 366 -43.35 21.06 -15.26
C LYS D 366 -44.01 21.27 -13.90
N GLN D 367 -44.52 20.18 -13.31
CA GLN D 367 -45.09 20.29 -11.98
C GLN D 367 -44.03 20.54 -10.92
N ILE D 368 -42.81 20.02 -11.16
CA ILE D 368 -41.73 20.17 -10.18
C ILE D 368 -41.41 21.63 -9.96
N HIS D 369 -41.56 22.44 -11.00
CA HIS D 369 -41.59 23.89 -10.75
C HIS D 369 -42.85 24.30 -9.99
N GLY D 370 -43.95 23.57 -10.16
CA GLY D 370 -45.25 24.01 -9.73
C GLY D 370 -45.56 23.91 -8.24
N ASP D 371 -46.86 24.04 -7.95
CA ASP D 371 -47.37 24.42 -6.63
C ASP D 371 -46.89 23.52 -5.50
N THR D 372 -46.78 22.22 -5.75
CA THR D 372 -46.47 21.29 -4.67
C THR D 372 -45.14 21.60 -4.02
N VAL D 373 -44.11 21.81 -4.83
CA VAL D 373 -42.77 22.04 -4.28
C VAL D 373 -42.73 23.37 -3.54
N GLN D 374 -43.31 24.40 -4.14
CA GLN D 374 -43.34 25.72 -3.54
C GLN D 374 -44.04 25.68 -2.20
N ASN D 375 -45.25 25.12 -2.18
CA ASN D 375 -46.04 25.05 -0.96
C ASN D 375 -45.31 24.27 0.13
N GLN D 376 -44.80 23.09 -0.19
CA GLN D 376 -44.16 22.27 0.84
C GLN D 376 -42.89 22.93 1.37
N LEU D 377 -42.05 23.47 0.47
CA LEU D 377 -40.85 24.17 0.93
C LEU D 377 -41.22 25.32 1.83
N VAL D 378 -42.29 26.04 1.49
CA VAL D 378 -42.73 27.13 2.35
C VAL D 378 -43.20 26.59 3.70
N VAL D 379 -43.91 25.47 3.69
CA VAL D 379 -44.44 24.90 4.92
C VAL D 379 -43.32 24.54 5.88
N GLN D 380 -42.36 23.75 5.42
CA GLN D 380 -41.23 23.45 6.28
C GLN D 380 -40.22 24.59 6.35
N GLY D 381 -40.08 25.38 5.29
CA GLY D 381 -38.98 26.31 5.22
C GLY D 381 -37.68 25.70 4.76
N VAL D 382 -37.73 24.57 4.06
CA VAL D 382 -36.53 23.86 3.64
C VAL D 382 -35.89 24.56 2.45
N GLU D 383 -34.57 24.57 2.42
CA GLU D 383 -33.82 25.18 1.33
C GLU D 383 -33.71 24.23 0.14
N LEU D 384 -33.98 24.77 -1.05
CA LEU D 384 -33.80 23.98 -2.27
C LEU D 384 -32.38 23.47 -2.42
N PRO D 385 -31.32 24.23 -2.10
CA PRO D 385 -29.97 23.64 -2.12
C PRO D 385 -29.87 22.40 -1.25
N SER D 386 -30.62 22.36 -0.16
CA SER D 386 -30.73 21.13 0.62
C SER D 386 -31.64 20.14 -0.09
N TYR D 387 -32.74 20.63 -0.64
CA TYR D 387 -33.72 19.79 -1.30
C TYR D 387 -33.13 19.09 -2.53
N LEU D 388 -32.34 19.81 -3.32
CA LEU D 388 -31.85 19.28 -4.59
C LEU D 388 -31.09 17.95 -4.51
N PRO D 389 -30.16 17.74 -3.57
CA PRO D 389 -29.44 16.45 -3.51
C PRO D 389 -30.30 15.19 -3.48
N LEU D 390 -31.51 15.25 -2.95
CA LEU D 390 -32.29 14.02 -2.79
C LEU D 390 -32.63 13.34 -4.12
N TYR D 391 -32.84 14.08 -5.18
CA TYR D 391 -33.33 13.47 -6.42
C TYR D 391 -32.28 12.86 -7.35
N PRO D 392 -31.08 13.41 -7.47
CA PRO D 392 -30.14 12.93 -8.48
C PRO D 392 -29.93 11.42 -8.44
N PRO D 393 -29.99 10.75 -7.28
CA PRO D 393 -29.89 9.29 -7.34
C PRO D 393 -30.91 8.65 -8.25
N ALA D 394 -32.18 9.02 -8.09
CA ALA D 394 -33.21 8.52 -9.00
C ALA D 394 -32.94 8.94 -10.42
N MET D 395 -32.58 10.22 -10.60
CA MET D 395 -32.32 10.74 -11.93
C MET D 395 -31.29 9.89 -12.63
N ASP D 396 -30.17 9.67 -11.95
CA ASP D 396 -29.04 8.96 -12.53
C ASP D 396 -29.38 7.50 -12.79
N TRP D 397 -30.16 6.86 -11.93
CA TRP D 397 -30.59 5.51 -12.26
C TRP D 397 -31.42 5.50 -13.53
N ILE D 398 -32.39 6.38 -13.61
CA ILE D 398 -33.23 6.45 -14.81
C ILE D 398 -32.36 6.70 -16.03
N PHE D 399 -31.38 7.59 -15.91
CA PHE D 399 -30.54 7.94 -17.05
C PHE D 399 -29.66 6.77 -17.45
N GLN D 400 -29.17 6.02 -16.48
CA GLN D 400 -28.52 4.75 -16.79
C GLN D 400 -29.46 3.85 -17.58
N CYS D 401 -30.69 3.71 -17.09
CA CYS D 401 -31.64 2.79 -17.69
C CYS D 401 -31.89 3.12 -19.15
N ILE D 402 -32.20 4.37 -19.46
CA ILE D 402 -32.44 4.72 -20.87
C ILE D 402 -31.14 4.82 -21.65
N SER D 403 -30.15 5.56 -21.13
CA SER D 403 -28.99 5.89 -21.94
C SER D 403 -28.10 4.68 -22.18
N TYR D 404 -28.30 3.62 -21.39
CA TYR D 404 -27.49 2.41 -21.45
C TYR D 404 -27.09 2.05 -22.89
N HIS D 405 -28.04 2.04 -23.80
CA HIS D 405 -27.74 1.95 -25.22
C HIS D 405 -28.69 2.82 -26.04
N ALA D 406 -29.05 3.98 -25.50
CA ALA D 406 -29.80 4.96 -26.28
C ALA D 406 -28.88 5.59 -27.33
N PRO D 407 -29.39 5.83 -28.54
CA PRO D 407 -28.56 6.48 -29.55
C PRO D 407 -28.38 7.96 -29.30
N GLU D 408 -27.28 8.47 -29.86
CA GLU D 408 -26.94 9.89 -29.76
C GLU D 408 -28.04 10.77 -30.30
N ALA D 409 -28.71 10.36 -31.38
CA ALA D 409 -29.82 11.14 -31.89
C ALA D 409 -30.94 11.20 -30.87
N LEU D 410 -31.26 10.06 -30.25
CA LEU D 410 -32.29 10.03 -29.23
C LEU D 410 -31.89 10.89 -28.04
N LEU D 411 -30.68 10.69 -27.54
CA LEU D 411 -30.21 11.46 -26.40
C LEU D 411 -30.23 12.95 -26.72
N THR D 412 -29.91 13.28 -27.96
CA THR D 412 -29.94 14.67 -28.41
C THR D 412 -31.34 15.23 -28.35
N GLU D 413 -32.31 14.50 -28.91
CA GLU D 413 -33.70 14.95 -28.85
C GLU D 413 -34.16 15.12 -27.41
N MET D 414 -33.80 14.16 -26.56
CA MET D 414 -34.10 14.28 -25.14
C MET D 414 -33.57 15.61 -24.62
N MET D 415 -32.31 15.91 -24.94
CA MET D 415 -31.76 17.20 -24.58
C MET D 415 -32.57 18.33 -25.16
N GLU D 416 -33.17 18.11 -26.32
CA GLU D 416 -33.99 19.16 -26.91
C GLU D 416 -35.14 19.50 -25.98
N ARG D 417 -35.84 18.47 -25.50
CA ARG D 417 -36.94 18.73 -24.58
C ARG D 417 -36.43 19.36 -23.29
N CYS D 418 -35.32 18.85 -22.77
CA CYS D 418 -34.77 19.39 -21.54
C CYS D 418 -34.40 20.86 -21.69
N LYS D 419 -33.85 21.22 -22.84
CA LYS D 419 -33.49 22.60 -23.10
C LYS D 419 -34.74 23.44 -23.30
N LYS D 420 -35.80 22.82 -23.81
CA LYS D 420 -37.06 23.49 -23.94
C LYS D 420 -37.63 23.81 -22.57
N LEU D 421 -37.40 22.92 -21.62
CA LEU D 421 -37.72 23.15 -20.21
C LEU D 421 -36.87 24.29 -19.65
N GLY D 422 -37.24 24.75 -18.46
CA GLY D 422 -36.53 25.82 -17.78
C GLY D 422 -35.89 25.41 -16.48
N ASN D 423 -34.84 26.15 -16.06
CA ASN D 423 -34.17 25.94 -14.78
C ASN D 423 -33.56 24.54 -14.66
N ASN D 424 -33.15 24.00 -15.79
CA ASN D 424 -32.84 22.59 -16.02
C ASN D 424 -31.50 22.13 -15.44
N ALA D 425 -30.79 22.95 -14.67
CA ALA D 425 -29.36 22.73 -14.48
C ALA D 425 -29.05 21.36 -13.87
N LEU D 426 -29.82 20.93 -12.87
CA LEU D 426 -29.61 19.60 -12.31
C LEU D 426 -29.90 18.51 -13.32
N LEU D 427 -30.91 18.73 -14.17
CA LEU D 427 -31.17 17.81 -15.25
C LEU D 427 -29.93 17.66 -16.11
N LEU D 428 -29.32 18.79 -16.47
CA LEU D 428 -28.11 18.78 -17.27
C LEU D 428 -27.00 18.03 -16.56
N ASN D 429 -26.87 18.24 -15.25
CA ASN D 429 -25.82 17.54 -14.51
C ASN D 429 -25.98 16.03 -14.62
N SER D 430 -27.20 15.55 -14.34
CA SER D 430 -27.42 14.11 -14.40
C SER D 430 -27.24 13.61 -15.82
N VAL D 431 -27.60 14.42 -16.81
CA VAL D 431 -27.40 14.06 -18.20
C VAL D 431 -25.92 13.85 -18.49
N MET D 432 -25.10 14.81 -18.10
CA MET D 432 -23.66 14.69 -18.34
C MET D 432 -23.11 13.51 -17.59
N SER D 433 -23.65 13.23 -16.41
CA SER D 433 -23.15 12.14 -15.61
C SER D 433 -23.42 10.81 -16.30
N ALA D 434 -24.66 10.58 -16.68
CA ALA D 434 -25.00 9.32 -17.33
C ALA D 434 -24.55 9.26 -18.78
N PHE D 435 -24.82 10.31 -19.54
CA PHE D 435 -24.87 10.08 -20.97
C PHE D 435 -23.47 10.01 -21.56
N ARG D 436 -23.38 9.33 -22.68
CA ARG D 436 -22.14 8.72 -23.11
C ARG D 436 -21.17 9.74 -23.70
N ALA D 437 -19.89 9.45 -23.52
CA ALA D 437 -18.86 10.47 -23.52
C ALA D 437 -18.68 11.09 -24.90
N GLU D 438 -18.74 10.28 -25.95
CA GLU D 438 -18.65 10.81 -27.30
C GLU D 438 -19.81 11.77 -27.59
N PHE D 439 -21.02 11.37 -27.20
CA PHE D 439 -22.18 12.22 -27.35
C PHE D 439 -22.04 13.49 -26.53
N ILE D 440 -21.67 13.35 -25.26
CA ILE D 440 -21.51 14.50 -24.39
C ILE D 440 -20.41 15.42 -24.90
N ALA D 441 -19.31 14.83 -25.35
CA ALA D 441 -18.14 15.58 -25.81
C ALA D 441 -18.45 16.41 -27.03
N THR D 442 -19.14 15.83 -28.01
CA THR D 442 -19.49 16.60 -29.18
C THR D 442 -20.31 17.82 -28.80
N ARG D 443 -21.37 17.61 -28.02
CA ARG D 443 -22.18 18.68 -27.46
C ARG D 443 -21.42 19.62 -26.54
N SER D 444 -20.26 19.21 -26.02
CA SER D 444 -19.58 19.97 -24.98
C SER D 444 -19.40 21.44 -25.34
N MET D 445 -19.18 21.76 -26.60
CA MET D 445 -19.13 23.17 -26.99
C MET D 445 -20.46 23.86 -26.73
N ASP D 446 -21.55 23.23 -27.15
CA ASP D 446 -22.88 23.73 -26.86
C ASP D 446 -23.08 23.92 -25.36
N PHE D 447 -22.57 22.95 -24.59
CA PHE D 447 -22.68 23.03 -23.15
C PHE D 447 -22.07 24.29 -22.58
N ILE D 448 -21.05 24.86 -23.22
CA ILE D 448 -20.55 26.15 -22.72
C ILE D 448 -21.69 27.13 -22.59
N GLY D 449 -22.43 27.32 -23.67
CA GLY D 449 -23.59 28.20 -23.62
C GLY D 449 -24.67 27.66 -22.70
N MET D 450 -25.03 26.40 -22.86
CA MET D 450 -26.21 25.88 -22.19
C MET D 450 -26.02 25.84 -20.67
N ILE D 451 -24.78 25.61 -20.22
CA ILE D 451 -24.46 25.70 -18.82
C ILE D 451 -24.44 27.15 -18.38
N LYS D 452 -24.00 28.05 -19.25
CA LYS D 452 -24.16 29.47 -18.90
C LYS D 452 -25.63 29.83 -18.74
N GLU D 453 -26.51 29.13 -19.46
CA GLU D 453 -27.95 29.28 -19.28
C GLU D 453 -28.40 28.80 -17.92
N CYS D 454 -27.67 27.85 -17.33
CA CYS D 454 -28.04 27.30 -16.03
C CYS D 454 -28.07 28.38 -14.96
N ASP D 455 -28.61 28.00 -13.80
CA ASP D 455 -28.52 28.79 -12.59
C ASP D 455 -28.00 27.90 -11.47
N GLU D 456 -27.12 28.48 -10.65
CA GLU D 456 -26.51 27.73 -9.55
C GLU D 456 -27.56 27.12 -8.64
N SER D 457 -28.68 27.83 -8.44
CA SER D 457 -29.77 27.31 -7.65
C SER D 457 -30.59 26.27 -8.38
N GLY D 458 -30.55 26.27 -9.72
CA GLY D 458 -31.11 25.18 -10.47
C GLY D 458 -30.19 23.98 -10.38
N PHE D 459 -28.89 24.27 -10.40
CA PHE D 459 -27.86 23.34 -9.97
C PHE D 459 -26.49 24.01 -10.01
N PRO D 460 -25.63 23.75 -9.02
CA PRO D 460 -24.38 24.50 -8.93
C PRO D 460 -23.49 24.17 -10.12
N LYS D 461 -23.06 25.22 -10.81
CA LYS D 461 -22.33 25.04 -12.05
C LYS D 461 -20.97 24.42 -11.83
N HIS D 462 -20.32 24.71 -10.69
CA HIS D 462 -19.06 24.04 -10.43
C HIS D 462 -19.25 22.54 -10.27
N LEU D 463 -20.40 22.11 -9.77
CA LEU D 463 -20.65 20.68 -9.72
C LEU D 463 -20.91 20.13 -11.11
N LEU D 464 -21.59 20.93 -11.95
CA LEU D 464 -21.66 20.61 -13.36
C LEU D 464 -20.26 20.40 -13.90
N PHE D 465 -19.36 21.32 -13.55
CA PHE D 465 -17.95 21.21 -13.91
C PHE D 465 -17.39 19.87 -13.47
N ARG D 466 -17.59 19.51 -12.22
CA ARG D 466 -16.93 18.33 -11.68
C ARG D 466 -17.37 17.06 -12.43
N SER D 467 -18.69 16.90 -12.58
CA SER D 467 -19.18 15.78 -13.38
C SER D 467 -18.61 15.82 -14.78
N LEU D 468 -18.57 17.00 -15.36
CA LEU D 468 -18.03 17.14 -16.70
C LEU D 468 -16.55 16.82 -16.73
N GLY D 469 -15.82 17.13 -15.66
CA GLY D 469 -14.40 16.83 -15.65
C GLY D 469 -14.19 15.34 -15.69
N LEU D 470 -15.07 14.60 -15.03
CA LEU D 470 -15.06 13.16 -15.19
C LEU D 470 -15.28 12.80 -16.65
N ASN D 471 -16.28 13.44 -17.25
CA ASN D 471 -16.62 13.18 -18.65
C ASN D 471 -15.43 13.44 -19.56
N LEU D 472 -14.80 14.60 -19.42
CA LEU D 472 -13.73 14.99 -20.32
C LEU D 472 -12.51 14.12 -20.12
N ALA D 473 -12.19 13.80 -18.88
CA ALA D 473 -11.13 12.83 -18.63
C ALA D 473 -11.39 11.59 -19.46
N LEU D 474 -12.67 11.22 -19.60
CA LEU D 474 -13.00 10.08 -20.43
C LEU D 474 -12.81 10.40 -21.92
N ALA D 475 -13.40 11.50 -22.40
CA ALA D 475 -13.41 11.81 -23.83
C ALA D 475 -13.54 13.30 -24.06
N ASP D 476 -13.13 13.76 -25.26
CA ASP D 476 -12.95 15.19 -25.49
C ASP D 476 -13.30 15.58 -26.91
N PRO D 477 -13.77 16.81 -27.12
CA PRO D 477 -14.02 17.32 -28.48
C PRO D 477 -12.72 17.65 -29.19
N PRO D 478 -12.76 18.13 -30.43
CA PRO D 478 -11.52 18.52 -31.11
C PRO D 478 -10.69 19.53 -30.32
N GLU D 479 -9.40 19.51 -30.64
CA GLU D 479 -8.39 20.19 -29.83
C GLU D 479 -8.66 21.70 -29.74
N SER D 480 -9.09 22.31 -30.83
CA SER D 480 -9.51 23.70 -30.79
C SER D 480 -10.60 23.88 -29.75
N ASP D 481 -11.55 22.96 -29.75
CA ASP D 481 -12.68 23.05 -28.85
C ASP D 481 -12.20 22.87 -27.43
N ARG D 482 -11.29 21.92 -27.24
CA ARG D 482 -10.62 21.76 -25.97
C ARG D 482 -9.98 23.05 -25.51
N LEU D 483 -9.30 23.75 -26.40
CA LEU D 483 -8.66 25.02 -26.05
C LEU D 483 -9.69 26.04 -25.58
N GLN D 484 -10.74 26.23 -26.36
CA GLN D 484 -11.80 27.15 -25.96
C GLN D 484 -12.37 26.77 -24.62
N ILE D 485 -12.74 25.51 -24.45
CA ILE D 485 -13.34 25.05 -23.21
C ILE D 485 -12.37 25.24 -22.05
N LEU D 486 -11.09 25.01 -22.31
CA LEU D 486 -10.07 25.30 -21.30
C LEU D 486 -10.22 26.72 -20.83
N ASN D 487 -10.30 27.63 -21.79
CA ASN D 487 -10.40 29.03 -21.44
C ASN D 487 -11.65 29.25 -20.61
N GLU D 488 -12.78 28.74 -21.10
CA GLU D 488 -14.06 28.99 -20.47
C GLU D 488 -14.06 28.48 -19.04
N ALA D 489 -13.73 27.21 -18.87
CA ALA D 489 -13.86 26.58 -17.58
C ALA D 489 -12.84 27.14 -16.62
N TRP D 490 -11.57 27.14 -17.00
CA TRP D 490 -10.55 27.55 -16.06
C TRP D 490 -10.75 28.99 -15.63
N LYS D 491 -10.96 29.87 -16.60
CA LYS D 491 -11.11 31.27 -16.27
C LYS D 491 -12.30 31.47 -15.35
N VAL D 492 -13.43 30.83 -15.66
CA VAL D 492 -14.57 30.85 -14.74
C VAL D 492 -14.15 30.26 -13.40
N ILE D 493 -13.50 29.11 -13.43
CA ILE D 493 -13.19 28.40 -12.19
C ILE D 493 -12.26 29.21 -11.31
N THR D 494 -11.29 29.91 -11.91
CA THR D 494 -10.42 30.75 -11.11
C THR D 494 -11.20 31.80 -10.34
N LYS D 495 -12.33 32.24 -10.88
CA LYS D 495 -13.18 33.19 -10.18
C LYS D 495 -13.63 32.63 -8.83
N LEU D 496 -13.80 31.32 -8.75
CA LEU D 496 -14.45 30.70 -7.62
C LEU D 496 -13.53 30.73 -6.39
N LYS D 497 -13.95 31.45 -5.35
CA LYS D 497 -13.10 31.77 -4.23
C LYS D 497 -13.06 30.70 -3.14
N ASN D 498 -14.18 30.03 -2.87
CA ASN D 498 -14.17 29.03 -1.82
C ASN D 498 -13.15 27.96 -2.15
N PRO D 499 -12.07 27.89 -1.40
CA PRO D 499 -10.97 27.01 -1.79
C PRO D 499 -11.38 25.56 -1.70
N GLN D 500 -12.29 25.22 -0.79
CA GLN D 500 -12.71 23.83 -0.68
C GLN D 500 -13.50 23.40 -1.90
N ASP D 501 -14.53 24.15 -2.26
CA ASP D 501 -15.32 23.79 -3.42
C ASP D 501 -14.46 23.88 -4.66
N TYR D 502 -13.65 24.95 -4.73
CA TYR D 502 -12.72 25.16 -5.83
C TYR D 502 -11.85 23.94 -6.03
N ILE D 503 -11.24 23.45 -4.95
CA ILE D 503 -10.37 22.30 -5.07
C ILE D 503 -11.16 21.05 -5.37
N ASN D 504 -12.40 20.97 -4.88
CA ASN D 504 -13.16 19.75 -5.09
C ASN D 504 -13.39 19.53 -6.58
N CYS D 505 -13.95 20.54 -7.24
CA CYS D 505 -14.19 20.38 -8.67
C CYS D 505 -12.88 20.39 -9.48
N ALA D 506 -11.96 21.29 -9.12
CA ALA D 506 -10.71 21.41 -9.86
C ALA D 506 -9.94 20.10 -9.87
N GLU D 507 -9.91 19.38 -8.74
CA GLU D 507 -9.10 18.18 -8.70
C GLU D 507 -9.61 17.16 -9.70
N VAL D 508 -10.92 17.11 -9.92
CA VAL D 508 -11.47 16.26 -10.98
C VAL D 508 -11.00 16.75 -12.34
N TRP D 509 -11.16 18.03 -12.61
CA TRP D 509 -10.78 18.54 -13.92
C TRP D 509 -9.30 18.38 -14.22
N VAL D 510 -8.48 18.35 -13.17
CA VAL D 510 -7.04 18.23 -13.30
C VAL D 510 -6.61 17.07 -14.20
N GLU D 511 -7.25 15.90 -14.04
CA GLU D 511 -6.80 14.77 -14.86
C GLU D 511 -6.96 15.06 -16.35
N TYR D 512 -8.12 15.58 -16.75
CA TYR D 512 -8.31 15.93 -18.15
C TYR D 512 -7.36 17.03 -18.58
N THR D 513 -7.10 17.98 -17.69
CA THR D 513 -6.17 19.05 -18.01
C THR D 513 -4.79 18.48 -18.32
N CYS D 514 -4.36 17.55 -17.47
CA CYS D 514 -3.12 16.82 -17.71
C CYS D 514 -3.20 16.04 -19.00
N LYS D 515 -4.39 15.56 -19.33
CA LYS D 515 -4.58 14.76 -20.53
C LYS D 515 -4.20 15.57 -21.77
N HIS D 516 -4.80 16.74 -21.93
CA HIS D 516 -4.43 17.53 -23.10
C HIS D 516 -3.29 18.54 -22.89
N PHE D 517 -3.35 19.35 -21.85
CA PHE D 517 -2.68 20.65 -21.90
C PHE D 517 -1.33 20.62 -21.22
N THR D 518 -0.58 21.69 -21.44
CA THR D 518 0.86 21.67 -21.33
C THR D 518 1.35 22.61 -20.25
N LYS D 519 2.68 22.73 -20.20
CA LYS D 519 3.39 23.24 -19.04
C LYS D 519 2.87 24.60 -18.60
N ARG D 520 2.52 25.44 -19.55
CA ARG D 520 2.03 26.76 -19.18
C ARG D 520 0.61 26.68 -18.62
N GLU D 521 -0.24 25.83 -19.20
CA GLU D 521 -1.59 25.70 -18.68
C GLU D 521 -1.52 25.18 -17.26
N VAL D 522 -0.66 24.20 -17.06
CA VAL D 522 -0.37 23.66 -15.75
C VAL D 522 0.12 24.75 -14.82
N ASN D 523 1.08 25.54 -15.26
CA ASN D 523 1.66 26.57 -14.41
C ASN D 523 0.59 27.56 -13.97
N THR D 524 -0.36 27.82 -14.86
CA THR D 524 -1.48 28.68 -14.53
C THR D 524 -2.33 28.06 -13.44
N VAL D 525 -2.62 26.77 -13.59
CA VAL D 525 -3.46 26.11 -12.61
C VAL D 525 -2.75 26.14 -11.28
N LEU D 526 -1.45 25.91 -11.32
CA LEU D 526 -0.59 25.94 -10.15
C LEU D 526 -0.75 27.26 -9.42
N ALA D 527 -0.61 28.35 -10.15
CA ALA D 527 -0.70 29.67 -9.56
C ALA D 527 -2.04 29.88 -8.89
N ASP D 528 -3.14 29.57 -9.60
CA ASP D 528 -4.45 29.84 -9.03
C ASP D 528 -4.73 28.99 -7.80
N VAL D 529 -4.31 27.74 -7.83
CA VAL D 529 -4.54 26.90 -6.65
C VAL D 529 -3.74 27.42 -5.47
N ILE D 530 -2.47 27.75 -5.71
CA ILE D 530 -1.61 28.25 -4.66
C ILE D 530 -2.17 29.53 -4.07
N LYS D 531 -2.81 30.35 -4.91
CA LYS D 531 -3.48 31.51 -4.35
C LYS D 531 -4.70 31.07 -3.55
N HIS D 532 -5.40 30.03 -4.02
CA HIS D 532 -6.57 29.59 -3.29
C HIS D 532 -6.20 28.99 -1.95
N MET D 533 -5.09 28.27 -1.87
CA MET D 533 -4.59 27.91 -0.56
C MET D 533 -4.04 29.15 0.14
N THR D 534 -4.53 29.39 1.33
CA THR D 534 -4.07 30.47 2.20
C THR D 534 -4.59 30.17 3.59
N PRO D 535 -5.87 29.80 3.77
CA PRO D 535 -6.21 28.96 4.92
C PRO D 535 -5.60 27.59 4.71
N ASP D 536 -4.28 27.56 4.79
CA ASP D 536 -3.53 26.43 4.28
C ASP D 536 -3.86 25.14 5.00
N ARG D 537 -4.25 25.22 6.26
CA ARG D 537 -4.64 24.02 6.97
C ARG D 537 -5.76 23.28 6.25
N ALA D 538 -6.67 24.01 5.59
CA ALA D 538 -7.66 23.37 4.74
C ALA D 538 -7.02 22.73 3.53
N PHE D 539 -6.01 23.39 2.95
CA PHE D 539 -5.23 22.78 1.88
C PHE D 539 -4.65 21.46 2.38
N GLU D 540 -4.22 21.44 3.62
CA GLU D 540 -3.64 20.25 4.20
C GLU D 540 -4.72 19.20 4.43
N ASP D 541 -5.90 19.64 4.82
CA ASP D 541 -7.07 18.78 4.78
C ASP D 541 -7.29 18.26 3.37
N SER D 542 -7.06 19.11 2.39
CA SER D 542 -7.17 18.75 0.99
C SER D 542 -5.93 18.09 0.45
N TYR D 543 -5.05 17.59 1.32
CA TYR D 543 -3.91 16.85 0.82
C TYR D 543 -4.27 15.72 -0.13
N PRO D 544 -5.27 14.88 0.13
CA PRO D 544 -5.55 13.78 -0.79
C PRO D 544 -5.76 14.25 -2.20
N GLN D 545 -6.49 15.34 -2.35
CA GLN D 545 -6.72 15.92 -3.66
C GLN D 545 -5.39 16.25 -4.31
N LEU D 546 -4.51 16.88 -3.54
CA LEU D 546 -3.22 17.30 -4.06
C LEU D 546 -2.41 16.10 -4.51
N GLN D 547 -2.55 15.01 -3.76
CA GLN D 547 -1.88 13.77 -4.07
C GLN D 547 -2.36 13.25 -5.40
N LEU D 548 -3.68 13.18 -5.54
CA LEU D 548 -4.28 12.68 -6.77
C LEU D 548 -3.83 13.55 -7.93
N ILE D 549 -3.79 14.85 -7.68
CA ILE D 549 -3.37 15.83 -8.64
C ILE D 549 -1.99 15.50 -9.16
N ILE D 550 -1.05 15.33 -8.23
CA ILE D 550 0.32 15.16 -8.65
C ILE D 550 0.51 13.81 -9.28
N LYS D 551 -0.22 12.80 -8.83
CA LYS D 551 -0.17 11.52 -9.50
C LYS D 551 -0.60 11.66 -10.95
N LYS D 552 -1.65 12.45 -11.18
CA LYS D 552 -2.08 12.70 -12.54
C LYS D 552 -0.95 13.36 -13.30
N VAL D 553 -0.32 14.34 -12.68
CA VAL D 553 0.81 15.03 -13.29
C VAL D 553 1.84 14.01 -13.72
N ILE D 554 2.18 13.14 -12.79
CA ILE D 554 3.23 12.17 -12.97
C ILE D 554 2.90 11.27 -14.14
N ALA D 555 1.72 10.66 -14.09
CA ALA D 555 1.36 9.72 -15.13
C ALA D 555 1.40 10.43 -16.47
N HIS D 556 0.87 11.64 -16.49
CA HIS D 556 0.84 12.41 -17.70
C HIS D 556 2.22 12.90 -18.07
N PHE D 557 3.08 13.12 -17.09
CA PHE D 557 4.30 13.86 -17.36
C PHE D 557 5.47 12.90 -17.50
N HIS D 558 6.20 13.07 -18.61
CA HIS D 558 7.16 12.08 -19.04
C HIS D 558 8.55 12.66 -19.28
N ASP D 559 8.80 13.93 -18.95
CA ASP D 559 10.14 14.50 -18.98
C ASP D 559 10.45 15.22 -17.67
N PHE D 560 11.34 14.63 -16.87
CA PHE D 560 11.73 15.23 -15.60
C PHE D 560 12.18 16.66 -15.79
N SER D 561 13.06 16.89 -16.75
CA SER D 561 13.61 18.21 -16.99
C SER D 561 12.50 19.23 -17.20
N VAL D 562 11.46 18.84 -17.91
CA VAL D 562 10.37 19.79 -18.14
C VAL D 562 9.58 20.03 -16.87
N LEU D 563 9.50 19.07 -15.94
CA LEU D 563 9.01 19.44 -14.63
C LEU D 563 9.81 20.59 -14.08
N PHE D 564 11.12 20.44 -14.12
CA PHE D 564 12.00 21.52 -13.68
C PHE D 564 11.76 22.77 -14.50
N SER D 565 11.37 22.62 -15.77
CA SER D 565 10.98 23.78 -16.56
C SER D 565 9.71 24.42 -16.02
N VAL D 566 8.80 23.62 -15.47
CA VAL D 566 7.64 24.18 -14.78
C VAL D 566 8.05 24.95 -13.53
N GLU D 567 8.97 24.37 -12.75
CA GLU D 567 9.48 24.97 -11.52
C GLU D 567 8.40 25.15 -10.46
N LYS D 568 7.23 25.70 -10.82
CA LYS D 568 6.25 26.07 -9.80
C LYS D 568 5.85 24.87 -8.96
N PHE D 569 6.04 23.67 -9.49
CA PHE D 569 5.88 22.47 -8.70
C PHE D 569 6.80 22.49 -7.49
N LEU D 570 7.98 23.07 -7.62
CA LEU D 570 8.84 23.17 -6.45
C LEU D 570 8.20 24.02 -5.36
N PRO D 571 7.73 25.23 -5.63
CA PRO D 571 6.90 25.91 -4.63
C PRO D 571 5.73 25.07 -4.19
N PHE D 572 5.14 24.32 -5.12
CA PHE D 572 4.07 23.41 -4.74
C PHE D 572 4.53 22.50 -3.64
N LEU D 573 5.71 21.91 -3.80
CA LEU D 573 6.25 21.07 -2.75
C LEU D 573 6.45 21.87 -1.50
N ASP D 574 6.91 23.10 -1.66
CA ASP D 574 7.16 23.97 -0.53
C ASP D 574 5.89 24.28 0.23
N MET D 575 4.73 24.26 -0.45
CA MET D 575 3.49 24.56 0.26
C MET D 575 3.26 23.55 1.35
N PHE D 576 3.67 22.31 1.12
CA PHE D 576 3.40 21.23 2.04
C PHE D 576 4.10 21.44 3.37
N GLN D 577 3.71 20.61 4.32
CA GLN D 577 4.24 20.64 5.66
C GLN D 577 4.40 19.22 6.21
N LYS D 578 3.45 18.34 5.92
CA LYS D 578 3.50 16.99 6.45
C LYS D 578 4.54 16.15 5.72
N GLU D 579 5.56 15.76 6.47
CA GLU D 579 6.69 15.01 5.95
C GLU D 579 6.27 13.72 5.27
N SER D 580 5.48 12.89 5.96
CA SER D 580 5.16 11.58 5.42
C SER D 580 4.43 11.69 4.10
N VAL D 581 3.40 12.53 4.03
CA VAL D 581 2.66 12.69 2.79
C VAL D 581 3.60 13.07 1.66
N ARG D 582 4.43 14.07 1.91
CA ARG D 582 5.42 14.50 0.93
C ARG D 582 6.24 13.31 0.49
N VAL D 583 6.68 12.52 1.45
CA VAL D 583 7.47 11.34 1.17
C VAL D 583 6.71 10.38 0.27
N GLU D 584 5.42 10.22 0.53
CA GLU D 584 4.61 9.31 -0.28
C GLU D 584 4.69 9.74 -1.72
N VAL D 585 4.53 11.03 -1.92
CA VAL D 585 4.62 11.56 -3.27
C VAL D 585 5.99 11.33 -3.82
N CYS D 586 7.02 11.56 -3.02
CA CYS D 586 8.39 11.33 -3.48
C CYS D 586 8.56 9.91 -3.97
N LYS D 587 7.92 8.97 -3.28
CA LYS D 587 7.92 7.58 -3.71
C LYS D 587 7.36 7.48 -5.10
N CYS D 588 6.18 8.05 -5.29
CA CYS D 588 5.55 8.04 -6.60
C CYS D 588 6.51 8.61 -7.62
N ILE D 589 7.11 9.73 -7.26
CA ILE D 589 7.98 10.48 -8.13
C ILE D 589 9.12 9.61 -8.63
N MET D 590 9.78 8.95 -7.70
CA MET D 590 10.98 8.24 -8.08
C MET D 590 10.67 6.98 -8.85
N ASP D 591 9.59 6.28 -8.51
CA ASP D 591 9.25 5.14 -9.34
C ASP D 591 8.92 5.58 -10.75
N ALA D 592 8.19 6.70 -10.88
CA ALA D 592 7.90 7.20 -12.20
C ALA D 592 9.20 7.51 -12.93
N PHE D 593 10.13 8.13 -12.22
CA PHE D 593 11.44 8.36 -12.76
C PHE D 593 12.08 7.06 -13.22
N ILE D 594 11.86 6.01 -12.45
CA ILE D 594 12.41 4.71 -12.77
C ILE D 594 11.81 4.20 -14.05
N LYS D 595 10.55 4.53 -14.30
CA LYS D 595 9.94 4.14 -15.55
C LYS D 595 10.50 4.96 -16.70
N HIS D 596 10.42 6.27 -16.60
CA HIS D 596 10.82 7.12 -17.70
C HIS D 596 12.34 7.21 -17.79
N GLN D 597 12.99 7.53 -16.68
CA GLN D 597 14.44 7.52 -16.70
C GLN D 597 14.95 6.10 -16.65
N GLN D 598 15.79 5.78 -17.63
CA GLN D 598 16.57 4.55 -17.61
C GLN D 598 18.04 4.83 -17.89
N GLU D 599 18.43 6.11 -17.98
CA GLU D 599 19.75 6.49 -18.44
C GLU D 599 20.50 7.30 -17.39
N PRO D 600 21.67 6.84 -16.94
CA PRO D 600 22.45 7.58 -15.93
C PRO D 600 23.21 8.75 -16.54
N THR D 601 23.05 9.92 -15.95
CA THR D 601 23.61 11.13 -16.53
C THR D 601 23.70 12.21 -15.45
N LYS D 602 23.72 13.46 -15.86
CA LYS D 602 23.67 14.60 -14.94
C LYS D 602 22.90 15.77 -15.53
N ASP D 603 22.18 16.48 -14.65
CA ASP D 603 21.79 17.86 -14.86
C ASP D 603 21.89 18.57 -13.52
N PRO D 604 22.88 19.43 -13.37
CA PRO D 604 23.17 20.03 -12.05
C PRO D 604 21.98 20.67 -11.38
N VAL D 605 21.12 21.36 -12.12
CA VAL D 605 20.00 22.02 -11.48
C VAL D 605 18.99 20.99 -11.04
N ILE D 606 18.65 20.11 -11.97
CA ILE D 606 17.77 18.99 -11.68
C ILE D 606 18.33 18.23 -10.50
N LEU D 607 19.63 17.97 -10.55
CA LEU D 607 20.32 17.27 -9.50
C LEU D 607 20.15 17.99 -8.17
N ASN D 608 20.40 19.30 -8.16
CA ASN D 608 20.35 20.06 -6.93
C ASN D 608 18.99 19.96 -6.28
N ALA D 609 17.95 20.07 -7.09
CA ALA D 609 16.60 19.94 -6.55
C ALA D 609 16.40 18.55 -5.99
N LEU D 610 16.76 17.55 -6.76
CA LEU D 610 16.60 16.18 -6.33
C LEU D 610 17.29 15.97 -5.00
N LEU D 611 18.54 16.37 -4.95
CA LEU D 611 19.35 16.25 -3.75
C LEU D 611 18.74 17.01 -2.59
N HIS D 612 18.10 18.15 -2.86
CA HIS D 612 17.33 18.79 -1.82
C HIS D 612 16.28 17.85 -1.26
N VAL D 613 15.54 17.20 -2.15
CA VAL D 613 14.53 16.27 -1.66
C VAL D 613 15.19 15.12 -0.90
N CYS D 614 16.36 14.71 -1.37
CA CYS D 614 17.10 13.66 -0.70
C CYS D 614 17.40 14.08 0.73
N LYS D 615 17.95 15.27 0.88
CA LYS D 615 18.08 15.94 2.16
C LYS D 615 16.78 15.87 2.94
N THR D 616 15.69 16.21 2.26
CA THR D 616 14.40 16.33 2.92
C THR D 616 14.04 15.02 3.58
N MET D 617 14.17 13.95 2.83
CA MET D 617 13.81 12.64 3.31
C MET D 617 14.80 12.14 4.36
N HIS D 618 16.09 12.30 4.09
CA HIS D 618 17.13 11.87 5.01
C HIS D 618 16.95 12.50 6.38
N ASP D 619 16.75 13.79 6.40
CA ASP D 619 16.61 14.50 7.65
C ASP D 619 15.24 14.30 8.25
N SER D 620 14.25 14.06 7.39
CA SER D 620 12.94 13.64 7.85
C SER D 620 13.05 12.45 8.78
N VAL D 621 14.07 11.63 8.56
CA VAL D 621 14.19 10.37 9.26
C VAL D 621 14.61 10.60 10.71
N ASN D 622 13.77 10.18 11.65
CA ASN D 622 14.19 10.01 13.04
C ASN D 622 14.84 8.64 13.21
N ALA D 623 15.42 8.42 14.39
CA ALA D 623 15.93 7.09 14.70
C ALA D 623 14.82 6.04 14.69
N LEU D 624 13.58 6.44 14.88
CA LEU D 624 12.53 5.57 15.39
C LEU D 624 11.66 4.92 14.32
N THR D 625 11.76 5.35 13.07
CA THR D 625 10.87 4.92 12.00
C THR D 625 10.98 3.40 11.77
N LEU D 626 9.99 2.84 11.08
CA LEU D 626 9.96 1.40 10.87
C LEU D 626 11.17 0.98 10.06
N GLU D 627 11.92 0.06 10.64
CA GLU D 627 13.21 -0.36 10.09
C GLU D 627 13.11 -0.82 8.65
N ASP D 628 12.12 -1.66 8.35
CA ASP D 628 12.01 -2.20 7.00
C ASP D 628 11.54 -1.15 6.01
N GLU D 629 10.71 -0.23 6.45
CA GLU D 629 10.34 0.85 5.57
C GLU D 629 11.55 1.70 5.29
N LYS D 630 12.30 2.01 6.35
CA LYS D 630 13.55 2.72 6.18
C LYS D 630 14.41 2.01 5.15
N ARG D 631 14.49 0.70 5.28
CA ARG D 631 15.30 -0.11 4.37
C ARG D 631 14.84 0.07 2.94
N MET D 632 13.56 -0.11 2.70
CA MET D 632 13.07 -0.04 1.33
C MET D 632 13.26 1.35 0.75
N LEU D 633 12.92 2.37 1.51
CA LEU D 633 13.13 3.74 1.06
C LEU D 633 14.57 3.98 0.68
N SER D 634 15.48 3.54 1.55
CA SER D 634 16.91 3.65 1.26
C SER D 634 17.24 2.96 -0.05
N TYR D 635 16.74 1.74 -0.21
CA TYR D 635 16.89 1.03 -1.47
C TYR D 635 16.47 1.90 -2.63
N LEU D 636 15.35 2.56 -2.48
CA LEU D 636 14.81 3.33 -3.58
C LEU D 636 15.77 4.43 -3.92
N ILE D 637 16.24 5.11 -2.89
CA ILE D 637 17.21 6.17 -3.03
C ILE D 637 18.46 5.65 -3.70
N ASN D 638 18.97 4.56 -3.17
CA ASN D 638 20.17 3.94 -3.68
C ASN D 638 20.06 3.61 -5.15
N GLY D 639 18.85 3.31 -5.62
CA GLY D 639 18.72 2.99 -7.02
C GLY D 639 19.00 4.19 -7.89
N PHE D 640 18.35 5.32 -7.61
CA PHE D 640 18.61 6.51 -8.40
C PHE D 640 20.06 6.90 -8.31
N ILE D 641 20.69 6.59 -7.18
CA ILE D 641 22.07 6.97 -7.03
C ILE D 641 22.93 6.39 -8.13
N LYS D 642 22.59 5.20 -8.61
CA LYS D 642 23.35 4.68 -9.74
C LYS D 642 23.20 5.59 -10.95
N MET D 643 22.03 6.22 -11.10
CA MET D 643 21.83 7.12 -12.23
C MET D 643 22.86 8.22 -12.22
N VAL D 644 23.37 8.56 -11.05
CA VAL D 644 24.29 9.67 -10.95
C VAL D 644 25.48 9.34 -11.83
N SER D 645 25.66 10.12 -12.90
CA SER D 645 26.69 9.80 -13.88
C SER D 645 27.12 11.09 -14.60
N PHE D 646 28.27 11.61 -14.21
CA PHE D 646 28.77 12.85 -14.78
C PHE D 646 29.59 12.62 -16.03
N GLY D 647 29.92 11.37 -16.33
CA GLY D 647 30.99 11.12 -17.27
C GLY D 647 32.33 11.44 -16.64
N ARG D 648 33.16 12.12 -17.41
CA ARG D 648 34.56 12.30 -17.06
C ARG D 648 34.82 13.30 -15.94
N ASP D 649 33.93 13.36 -14.96
CA ASP D 649 33.94 14.49 -14.02
C ASP D 649 34.45 13.98 -12.70
N PHE D 650 35.67 13.47 -12.73
CA PHE D 650 36.09 12.43 -11.81
C PHE D 650 36.13 12.98 -10.41
N GLU D 651 36.83 14.10 -10.26
CA GLU D 651 36.99 14.75 -8.99
C GLU D 651 35.71 15.44 -8.59
N GLN D 652 34.96 15.90 -9.58
CA GLN D 652 33.63 16.45 -9.31
C GLN D 652 32.72 15.37 -8.77
N GLN D 653 32.72 14.22 -9.42
CA GLN D 653 31.92 13.11 -8.94
C GLN D 653 32.40 12.70 -7.56
N LEU D 654 33.72 12.67 -7.41
CA LEU D 654 34.35 12.50 -6.12
C LEU D 654 33.78 13.42 -5.06
N SER D 655 33.78 14.71 -5.33
CA SER D 655 33.29 15.63 -4.33
C SER D 655 31.87 15.30 -4.00
N PHE D 656 31.08 15.09 -5.04
CA PHE D 656 29.70 14.67 -4.86
C PHE D 656 29.59 13.52 -3.89
N TYR D 657 30.42 12.51 -4.05
CA TYR D 657 30.44 11.44 -3.07
C TYR D 657 30.65 12.01 -1.71
N VAL D 658 31.62 12.89 -1.62
CA VAL D 658 32.03 13.42 -0.34
C VAL D 658 30.84 14.01 0.37
N GLU D 659 30.16 14.93 -0.30
CA GLU D 659 28.99 15.54 0.31
C GLU D 659 28.00 14.47 0.69
N SER D 660 27.63 13.65 -0.28
CA SER D 660 26.59 12.68 -0.09
C SER D 660 26.81 11.95 1.20
N ARG D 661 27.99 11.37 1.31
CA ARG D 661 28.41 10.74 2.55
C ARG D 661 28.24 11.69 3.73
N SER D 662 28.77 12.89 3.58
CA SER D 662 28.89 13.79 4.71
C SER D 662 27.55 14.16 5.31
N MET D 663 26.48 14.12 4.52
CA MET D 663 25.17 14.20 5.15
C MET D 663 24.59 12.83 5.44
N PHE D 664 24.64 11.96 4.45
CA PHE D 664 23.68 10.87 4.35
C PHE D 664 24.16 9.63 5.09
N CYS D 665 24.38 9.87 6.39
CA CYS D 665 24.88 8.86 7.29
C CYS D 665 23.83 7.81 7.62
N ASN D 666 22.56 8.09 7.34
CA ASN D 666 21.50 7.46 8.08
C ASN D 666 21.28 5.98 7.75
N LEU D 667 21.73 5.45 6.61
CA LEU D 667 21.57 4.00 6.48
C LEU D 667 22.75 3.32 5.81
N GLU D 668 23.23 2.31 6.52
CA GLU D 668 24.39 1.52 6.13
C GLU D 668 24.37 1.07 4.69
N PRO D 669 23.29 0.47 4.17
CA PRO D 669 23.36 -0.02 2.79
C PRO D 669 23.62 1.08 1.81
N VAL D 670 23.03 2.24 2.07
CA VAL D 670 23.32 3.40 1.25
C VAL D 670 24.80 3.65 1.24
N LEU D 671 25.41 3.52 2.40
CA LEU D 671 26.82 3.83 2.52
C LEU D 671 27.60 2.79 1.74
N VAL D 672 27.23 1.54 1.95
CA VAL D 672 27.82 0.41 1.28
C VAL D 672 27.89 0.68 -0.21
N GLN D 673 26.73 0.94 -0.78
CA GLN D 673 26.66 1.16 -2.21
C GLN D 673 27.40 2.41 -2.62
N LEU D 674 27.50 3.39 -1.73
CA LEU D 674 28.33 4.53 -2.06
C LEU D 674 29.74 4.06 -2.26
N ILE D 675 30.21 3.26 -1.32
CA ILE D 675 31.59 2.86 -1.38
C ILE D 675 31.79 2.05 -2.63
N HIS D 676 30.78 1.26 -3.00
CA HIS D 676 30.85 0.55 -4.25
C HIS D 676 31.18 1.49 -5.37
N SER D 677 30.48 2.61 -5.39
CA SER D 677 30.73 3.56 -6.47
C SER D 677 32.15 4.05 -6.43
N VAL D 678 32.67 4.26 -5.23
CA VAL D 678 34.05 4.70 -5.11
C VAL D 678 34.96 3.68 -5.74
N ASN D 679 34.74 2.45 -5.35
CA ASN D 679 35.60 1.35 -5.74
C ASN D 679 35.55 1.16 -7.23
N ARG D 680 34.34 1.14 -7.77
CA ARG D 680 34.14 0.95 -9.18
C ARG D 680 34.91 2.02 -9.94
N LEU D 681 34.75 3.26 -9.50
CA LEU D 681 35.48 4.34 -10.12
C LEU D 681 36.97 4.07 -10.09
N ALA D 682 37.51 3.86 -8.91
CA ALA D 682 38.95 3.76 -8.79
C ALA D 682 39.47 2.58 -9.57
N MET D 683 38.74 1.47 -9.53
CA MET D 683 39.13 0.28 -10.25
C MET D 683 39.24 0.59 -11.73
N GLU D 684 38.18 1.16 -12.31
CA GLU D 684 38.26 1.51 -13.71
C GLU D 684 39.37 2.50 -13.95
N THR D 685 39.56 3.39 -12.98
CA THR D 685 40.53 4.45 -13.16
C THR D 685 41.90 3.89 -13.39
N ARG D 686 42.29 2.94 -12.54
CA ARG D 686 43.57 2.28 -12.74
C ARG D 686 43.54 1.53 -14.06
N LYS D 687 42.41 0.88 -14.34
CA LYS D 687 42.29 0.07 -15.55
C LYS D 687 42.51 0.89 -16.81
N VAL D 688 42.02 2.12 -16.83
CA VAL D 688 42.23 2.99 -17.98
C VAL D 688 43.64 3.53 -18.00
N MET D 689 44.22 3.81 -16.84
CA MET D 689 45.50 4.50 -16.86
C MET D 689 46.61 3.61 -17.42
N LYS D 690 46.51 2.31 -17.18
CA LYS D 690 47.36 1.34 -17.85
C LYS D 690 48.85 1.69 -17.75
N GLY D 691 49.29 2.00 -16.54
CA GLY D 691 50.68 2.29 -16.30
C GLY D 691 51.07 3.72 -16.58
N ASN D 692 50.20 4.49 -17.24
CA ASN D 692 50.46 5.87 -17.61
C ASN D 692 50.22 6.79 -16.43
N HIS D 693 50.46 6.28 -15.23
CA HIS D 693 49.90 6.86 -14.01
C HIS D 693 50.49 8.24 -13.73
N SER D 694 49.64 9.26 -13.78
CA SER D 694 50.07 10.60 -13.41
C SER D 694 50.12 10.72 -11.90
N ARG D 695 50.81 11.78 -11.46
CA ARG D 695 50.80 12.12 -10.05
C ARG D 695 49.36 12.32 -9.58
N LYS D 696 48.54 12.94 -10.42
CA LYS D 696 47.12 13.07 -10.14
C LYS D 696 46.49 11.72 -9.86
N THR D 697 46.86 10.71 -10.63
CA THR D 697 46.26 9.41 -10.41
C THR D 697 46.64 8.87 -9.04
N ALA D 698 47.86 9.12 -8.62
CA ALA D 698 48.29 8.66 -7.30
C ALA D 698 47.53 9.38 -6.19
N ALA D 699 47.41 10.70 -6.32
CA ALA D 699 46.68 11.44 -5.29
C ALA D 699 45.23 11.01 -5.26
N PHE D 700 44.64 10.84 -6.43
CA PHE D 700 43.30 10.30 -6.55
C PHE D 700 43.19 8.99 -5.81
N VAL D 701 44.14 8.10 -6.05
CA VAL D 701 44.13 6.79 -5.42
C VAL D 701 44.12 6.93 -3.92
N ARG D 702 45.06 7.69 -3.40
CA ARG D 702 45.23 7.76 -1.96
C ARG D 702 44.07 8.46 -1.29
N ALA D 703 43.50 9.45 -1.98
CA ALA D 703 42.28 10.06 -1.47
C ALA D 703 41.18 9.04 -1.35
N CYS D 704 40.97 8.26 -2.42
CA CYS D 704 39.96 7.21 -2.38
C CYS D 704 40.21 6.34 -1.18
N VAL D 705 41.48 5.99 -1.00
CA VAL D 705 41.89 5.12 0.07
C VAL D 705 41.38 5.67 1.38
N ALA D 706 41.67 6.94 1.62
CA ALA D 706 41.25 7.52 2.88
C ALA D 706 39.76 7.45 2.99
N TYR D 707 39.07 7.98 1.99
CA TYR D 707 37.62 8.14 2.05
C TYR D 707 36.97 6.82 2.42
N CYS D 708 37.30 5.80 1.66
CA CYS D 708 36.72 4.50 1.92
C CYS D 708 37.08 4.04 3.30
N PHE D 709 38.36 4.15 3.64
CA PHE D 709 38.77 3.86 4.99
C PHE D 709 37.88 4.52 6.02
N ILE D 710 37.68 5.83 5.89
CA ILE D 710 37.09 6.53 7.02
C ILE D 710 35.67 6.10 7.15
N THR D 711 35.08 5.69 6.05
CA THR D 711 33.78 5.06 6.17
C THR D 711 33.84 3.86 7.09
N ILE D 712 34.80 2.97 6.83
CA ILE D 712 34.79 1.66 7.47
C ILE D 712 34.53 1.69 8.98
N PRO D 713 35.17 2.56 9.75
CA PRO D 713 34.90 2.53 11.19
C PRO D 713 33.48 2.90 11.49
N SER D 714 32.95 3.84 10.73
CA SER D 714 31.60 4.31 10.97
C SER D 714 30.57 3.24 10.72
N LEU D 715 30.90 2.28 9.88
CA LEU D 715 29.89 1.33 9.46
C LEU D 715 29.49 0.44 10.63
N ALA D 716 28.28 -0.10 10.55
CA ALA D 716 27.80 -0.98 11.60
C ALA D 716 28.40 -2.38 11.47
N GLY D 717 28.07 -3.06 10.37
CA GLY D 717 28.20 -4.50 10.32
C GLY D 717 29.63 -4.95 10.37
N ILE D 718 29.97 -5.73 11.39
CA ILE D 718 31.36 -6.10 11.63
C ILE D 718 31.91 -6.91 10.48
N PHE D 719 31.18 -7.96 10.11
CA PHE D 719 31.56 -8.86 9.04
C PHE D 719 31.77 -8.10 7.75
N THR D 720 30.82 -7.23 7.44
CA THR D 720 30.92 -6.41 6.26
C THR D 720 32.17 -5.57 6.33
N ARG D 721 32.40 -4.95 7.48
CA ARG D 721 33.57 -4.11 7.63
C ARG D 721 34.84 -4.92 7.47
N LEU D 722 34.81 -6.17 7.93
CA LEU D 722 35.98 -7.03 7.80
C LEU D 722 36.29 -7.31 6.35
N ASN D 723 35.26 -7.69 5.60
CA ASN D 723 35.50 -7.87 4.19
C ASN D 723 35.83 -6.55 3.55
N LEU D 724 35.46 -5.46 4.17
CA LEU D 724 35.90 -4.18 3.69
C LEU D 724 37.38 -3.99 3.94
N TYR D 725 37.88 -4.52 5.04
CA TYR D 725 39.33 -4.60 5.19
C TYR D 725 39.90 -5.36 4.03
N LEU D 726 39.19 -6.40 3.60
CA LEU D 726 39.61 -7.15 2.44
C LEU D 726 39.64 -6.29 1.19
N HIS D 727 38.56 -5.57 0.98
CA HIS D 727 38.44 -4.72 -0.17
C HIS D 727 39.51 -3.67 -0.16
N SER D 728 39.68 -3.08 1.01
CA SER D 728 40.69 -2.08 1.25
C SER D 728 42.08 -2.64 1.00
N GLY D 729 42.32 -3.85 1.48
CA GLY D 729 43.57 -4.50 1.22
C GLY D 729 43.82 -4.70 -0.26
N GLN D 730 42.87 -5.33 -0.93
CA GLN D 730 43.06 -5.65 -2.34
C GLN D 730 43.22 -4.40 -3.18
N VAL D 731 42.56 -3.32 -2.81
CA VAL D 731 42.80 -2.08 -3.52
C VAL D 731 44.16 -1.51 -3.15
N ALA D 732 44.59 -1.70 -1.92
CA ALA D 732 45.94 -1.29 -1.54
C ALA D 732 46.96 -2.05 -2.35
N LEU D 733 46.74 -3.33 -2.53
CA LEU D 733 47.54 -4.07 -3.49
C LEU D 733 47.39 -3.49 -4.87
N ALA D 734 46.20 -2.98 -5.20
CA ALA D 734 46.07 -2.41 -6.52
C ALA D 734 46.94 -1.20 -6.65
N ASN D 735 47.14 -0.44 -5.57
CA ASN D 735 48.26 0.48 -5.55
C ASN D 735 48.69 0.76 -4.12
N GLN D 736 49.95 0.52 -3.82
CA GLN D 736 50.65 1.09 -2.67
C GLN D 736 49.99 0.69 -1.35
N CYS D 737 49.78 1.64 -0.44
CA CYS D 737 48.78 1.57 0.62
C CYS D 737 48.97 0.39 1.53
N LEU D 738 50.19 -0.12 1.57
CA LEU D 738 50.47 -1.35 2.28
C LEU D 738 50.36 -1.16 3.79
N SER D 739 50.77 0.01 4.29
CA SER D 739 50.59 0.28 5.70
C SER D 739 49.11 0.41 6.01
N GLN D 740 48.39 0.91 5.04
CA GLN D 740 46.96 1.05 5.16
C GLN D 740 46.31 -0.31 5.17
N ALA D 741 46.82 -1.19 4.32
CA ALA D 741 46.51 -2.60 4.45
C ALA D 741 46.65 -3.03 5.91
N ASP D 742 47.85 -2.85 6.45
CA ASP D 742 48.12 -3.27 7.82
C ASP D 742 47.11 -2.69 8.76
N ALA D 743 46.75 -1.44 8.55
CA ALA D 743 45.75 -0.82 9.39
C ALA D 743 44.43 -1.57 9.31
N PHE D 744 44.03 -1.94 8.09
CA PHE D 744 42.73 -2.59 7.97
C PHE D 744 42.76 -3.87 8.75
N PHE D 745 43.94 -4.45 8.82
CA PHE D 745 44.05 -5.79 9.36
C PHE D 745 44.25 -5.80 10.87
N LYS D 746 44.99 -4.83 11.40
CA LYS D 746 44.97 -4.60 12.82
C LYS D 746 43.54 -4.45 13.27
N ALA D 747 42.77 -3.67 12.52
CA ALA D 747 41.35 -3.56 12.81
C ALA D 747 40.66 -4.90 12.72
N ALA D 748 40.91 -5.65 11.64
CA ALA D 748 40.30 -6.95 11.47
C ALA D 748 40.49 -7.83 12.70
N ILE D 749 41.73 -7.97 13.10
CA ILE D 749 42.02 -8.82 14.23
C ILE D 749 41.35 -8.26 15.46
N SER D 750 41.36 -6.94 15.61
CA SER D 750 40.66 -6.34 16.73
C SER D 750 39.18 -6.64 16.68
N LEU D 751 38.67 -6.85 15.48
CA LEU D 751 37.29 -7.23 15.31
C LEU D 751 37.06 -8.67 15.66
N VAL D 752 38.11 -9.46 15.66
CA VAL D 752 37.98 -10.86 16.03
C VAL D 752 37.42 -11.01 17.43
N PRO D 753 37.92 -10.31 18.46
CA PRO D 753 37.23 -10.36 19.75
C PRO D 753 35.82 -9.88 19.66
N GLU D 754 35.59 -8.90 18.81
CA GLU D 754 34.28 -8.31 18.67
C GLU D 754 33.25 -9.30 18.14
N VAL D 755 33.69 -10.46 17.70
CA VAL D 755 32.79 -11.51 17.23
C VAL D 755 31.85 -11.96 18.34
N PRO D 756 30.55 -11.85 18.17
CA PRO D 756 29.62 -12.42 19.14
C PRO D 756 29.47 -13.91 18.93
N LYS D 757 29.02 -14.59 19.98
CA LYS D 757 28.84 -16.03 19.89
C LYS D 757 27.76 -16.37 18.88
N MET D 758 26.72 -15.57 18.82
CA MET D 758 25.62 -15.81 17.92
C MET D 758 25.23 -14.48 17.30
N ILE D 759 24.66 -14.54 16.10
CA ILE D 759 24.34 -13.35 15.34
C ILE D 759 22.89 -13.43 14.88
N ASN D 760 22.15 -12.34 15.04
CA ASN D 760 20.76 -12.28 14.65
C ASN D 760 20.58 -11.65 13.29
N ILE D 761 19.91 -12.39 12.40
CA ILE D 761 19.49 -11.87 11.12
C ILE D 761 18.07 -12.37 10.89
N ASP D 762 17.24 -11.50 10.32
CA ASP D 762 15.83 -11.82 10.12
C ASP D 762 15.15 -12.16 11.43
N GLY D 763 15.66 -11.65 12.54
CA GLY D 763 15.18 -12.10 13.81
C GLY D 763 15.71 -13.43 14.24
N LYS D 764 16.65 -14.00 13.51
CA LYS D 764 17.05 -15.38 13.73
C LYS D 764 18.54 -15.48 14.00
N MET D 765 18.93 -16.52 14.73
CA MET D 765 20.28 -16.65 15.27
C MET D 765 21.09 -17.60 14.42
N ARG D 766 22.32 -17.21 14.12
CA ARG D 766 23.19 -18.00 13.27
C ARG D 766 24.60 -18.05 13.85
N PRO D 767 25.36 -19.11 13.55
CA PRO D 767 26.64 -19.31 14.25
C PRO D 767 27.83 -18.80 13.46
N SER D 768 28.46 -17.76 14.02
CA SER D 768 29.41 -16.93 13.27
C SER D 768 30.59 -17.73 12.72
N GLU D 769 31.02 -18.77 13.46
CA GLU D 769 32.28 -19.44 13.14
C GLU D 769 32.30 -19.89 11.70
N SER D 770 31.14 -20.32 11.19
CA SER D 770 31.11 -20.71 9.80
C SER D 770 31.44 -19.51 8.96
N PHE D 771 30.66 -18.46 9.12
CA PHE D 771 30.74 -17.35 8.19
C PHE D 771 32.14 -16.76 8.14
N LEU D 772 32.75 -16.55 9.31
CA LEU D 772 34.12 -16.07 9.33
C LEU D 772 35.07 -17.05 8.70
N LEU D 773 34.95 -18.31 9.05
CA LEU D 773 35.85 -19.31 8.51
C LEU D 773 35.73 -19.34 7.01
N GLU D 774 34.48 -19.28 6.58
CA GLU D 774 34.05 -19.32 5.20
C GLU D 774 34.79 -18.24 4.44
N PHE D 775 34.84 -17.08 5.06
CA PHE D 775 35.65 -15.99 4.53
C PHE D 775 37.11 -16.36 4.50
N LEU D 776 37.58 -16.81 5.64
CA LEU D 776 38.98 -16.72 5.96
C LEU D 776 39.90 -17.39 4.97
N CYS D 777 39.51 -18.52 4.38
CA CYS D 777 40.29 -19.09 3.27
C CYS D 777 40.31 -18.31 1.95
N ASN D 778 39.23 -17.67 1.58
CA ASN D 778 39.30 -16.65 0.54
C ASN D 778 40.27 -15.55 0.91
N PHE D 779 40.24 -15.13 2.16
CA PHE D 779 41.29 -14.26 2.66
C PHE D 779 42.70 -14.80 2.67
N PHE D 780 42.87 -16.08 2.89
CA PHE D 780 44.15 -16.72 2.66
C PHE D 780 44.61 -16.58 1.23
N SER D 781 43.64 -16.58 0.31
CA SER D 781 43.92 -16.49 -1.12
C SER D 781 44.74 -15.23 -1.41
N THR D 782 44.32 -14.15 -0.76
CA THR D 782 45.13 -12.95 -0.61
C THR D 782 46.41 -13.17 0.16
N LEU D 783 46.33 -13.73 1.35
CA LEU D 783 47.31 -13.47 2.39
C LEU D 783 48.76 -13.73 1.97
N LEU D 784 49.03 -14.81 1.25
CA LEU D 784 50.39 -14.98 0.75
C LEU D 784 50.73 -14.04 -0.40
N ILE D 785 49.76 -13.62 -1.20
CA ILE D 785 50.06 -12.73 -2.31
C ILE D 785 50.74 -11.48 -1.80
N VAL D 786 50.41 -11.08 -0.58
CA VAL D 786 50.86 -9.81 -0.05
C VAL D 786 52.34 -9.90 0.25
N PRO D 787 53.17 -9.04 -0.34
CA PRO D 787 54.48 -8.76 0.23
C PRO D 787 54.37 -7.82 1.42
N ASP D 788 55.09 -8.13 2.50
CA ASP D 788 55.43 -7.13 3.51
C ASP D 788 56.90 -6.97 3.91
N HIS D 789 57.14 -6.63 5.17
CA HIS D 789 58.23 -5.74 5.55
C HIS D 789 59.01 -6.29 6.73
N PRO D 790 60.33 -6.46 6.58
CA PRO D 790 61.20 -6.71 7.74
C PRO D 790 61.21 -5.63 8.79
N GLU D 791 60.66 -4.45 8.56
CA GLU D 791 60.44 -3.57 9.70
C GLU D 791 59.45 -4.17 10.68
N HIS D 792 58.51 -4.97 10.19
CA HIS D 792 57.77 -5.87 11.04
C HIS D 792 58.27 -7.28 10.81
N GLY D 793 57.73 -8.23 11.54
CA GLY D 793 57.89 -9.58 11.08
C GLY D 793 57.17 -9.68 9.76
N VAL D 794 57.85 -10.06 8.69
CA VAL D 794 57.17 -10.00 7.41
C VAL D 794 56.00 -10.94 7.49
N LEU D 795 54.85 -10.39 7.89
CA LEU D 795 53.66 -11.11 8.29
C LEU D 795 53.82 -11.82 9.63
N PHE D 796 54.61 -11.24 10.53
CA PHE D 796 54.51 -11.65 11.92
C PHE D 796 53.04 -11.66 12.30
N LEU D 797 52.42 -10.52 12.06
CA LEU D 797 51.01 -10.26 12.26
C LEU D 797 50.18 -11.43 11.79
N VAL D 798 50.63 -12.14 10.76
CA VAL D 798 49.76 -13.21 10.32
C VAL D 798 49.87 -14.32 11.31
N ARG D 799 51.09 -14.60 11.74
CA ARG D 799 51.20 -15.52 12.85
C ARG D 799 50.38 -14.94 13.98
N GLU D 800 50.58 -13.65 14.24
CA GLU D 800 49.91 -13.01 15.36
C GLU D 800 48.41 -13.11 15.20
N LEU D 801 47.96 -12.92 13.96
CA LEU D 801 46.57 -13.14 13.60
C LEU D 801 46.13 -14.52 14.02
N LEU D 802 46.91 -15.50 13.66
CA LEU D 802 46.52 -16.88 13.91
C LEU D 802 46.55 -17.15 15.39
N ASN D 803 47.43 -16.45 16.09
CA ASN D 803 47.55 -16.60 17.53
C ASN D 803 46.28 -16.11 18.18
N VAL D 804 45.83 -14.94 17.77
CA VAL D 804 44.57 -14.39 18.28
C VAL D 804 43.45 -15.37 18.01
N ILE D 805 43.45 -15.95 16.82
CA ILE D 805 42.45 -16.93 16.48
C ILE D 805 42.46 -18.07 17.47
N GLN D 806 43.64 -18.65 17.67
CA GLN D 806 43.75 -19.79 18.56
C GLN D 806 43.34 -19.41 19.97
N ASP D 807 43.62 -18.17 20.35
CA ASP D 807 43.22 -17.68 21.65
C ASP D 807 41.71 -17.55 21.73
N TYR D 808 41.07 -17.22 20.62
CA TYR D 808 39.65 -17.02 20.63
C TYR D 808 38.95 -18.32 21.02
N THR D 809 37.82 -18.18 21.72
CA THR D 809 37.21 -19.28 22.45
C THR D 809 36.21 -20.01 21.55
N TRP D 810 36.77 -20.68 20.55
CA TRP D 810 35.97 -21.53 19.68
C TRP D 810 35.40 -22.72 20.44
N GLU D 811 34.36 -23.32 19.87
CA GLU D 811 33.89 -24.58 20.41
C GLU D 811 34.90 -25.71 20.20
N ASP D 812 34.76 -26.75 21.02
CA ASP D 812 35.41 -28.02 20.70
C ASP D 812 34.96 -28.50 19.34
N ASN D 813 33.73 -28.15 18.97
CA ASN D 813 33.26 -28.42 17.63
C ASN D 813 34.05 -27.66 16.60
N SER D 814 34.73 -26.59 16.98
CA SER D 814 35.54 -25.91 15.99
C SER D 814 36.79 -26.72 15.68
N ASP D 815 36.58 -27.97 15.32
CA ASP D 815 37.51 -28.67 14.46
C ASP D 815 37.69 -27.93 13.15
N GLU D 816 36.65 -27.21 12.74
CA GLU D 816 36.72 -26.35 11.57
C GLU D 816 37.85 -25.36 11.71
N LYS D 817 38.11 -24.92 12.93
CA LYS D 817 39.32 -24.14 13.17
C LYS D 817 40.51 -24.88 12.63
N ILE D 818 40.57 -26.17 12.89
CA ILE D 818 41.71 -26.93 12.45
C ILE D 818 41.66 -27.13 10.95
N ARG D 819 40.45 -27.21 10.40
CA ARG D 819 40.31 -27.29 8.96
C ARG D 819 40.92 -26.08 8.30
N ILE D 820 40.59 -24.92 8.83
CA ILE D 820 41.27 -23.71 8.42
C ILE D 820 42.77 -23.82 8.62
N TYR D 821 43.19 -24.42 9.74
CA TYR D 821 44.63 -24.61 9.91
C TYR D 821 45.20 -25.31 8.71
N THR D 822 44.47 -26.31 8.23
CA THR D 822 44.91 -27.04 7.06
C THR D 822 45.03 -26.11 5.88
N CYS D 823 44.00 -25.31 5.68
CA CYS D 823 44.01 -24.33 4.61
C CYS D 823 45.21 -23.41 4.69
N VAL D 824 45.55 -22.99 5.89
CA VAL D 824 46.76 -22.21 6.08
C VAL D 824 47.97 -23.01 5.69
N LEU D 825 47.94 -24.29 5.95
CA LEU D 825 49.05 -25.12 5.52
C LEU D 825 49.10 -25.22 4.02
N HIS D 826 47.95 -25.13 3.37
CA HIS D 826 47.90 -25.03 1.92
C HIS D 826 48.60 -23.76 1.47
N LEU D 827 48.33 -22.69 2.19
CA LEU D 827 49.07 -21.47 1.94
C LEU D 827 50.55 -21.71 2.10
N LEU D 828 50.95 -22.31 3.19
CA LEU D 828 52.36 -22.56 3.43
C LEU D 828 52.97 -23.41 2.33
N SER D 829 52.18 -24.30 1.77
CA SER D 829 52.60 -25.03 0.60
C SER D 829 52.89 -24.06 -0.52
N ALA D 830 52.06 -23.03 -0.63
CA ALA D 830 52.36 -21.99 -1.59
C ALA D 830 53.67 -21.30 -1.23
N MET D 831 53.84 -20.95 0.05
CA MET D 831 55.09 -20.34 0.48
C MET D 831 56.27 -21.19 0.08
N SER D 832 56.06 -22.50 0.02
CA SER D 832 57.16 -23.40 -0.28
C SER D 832 57.69 -23.25 -1.69
N GLN D 833 56.89 -22.74 -2.62
CA GLN D 833 57.40 -22.67 -3.99
C GLN D 833 58.58 -21.72 -4.10
N GLU D 834 59.40 -21.96 -5.13
CA GLU D 834 60.33 -20.97 -5.66
C GLU D 834 59.65 -19.85 -6.42
N THR D 835 58.45 -20.09 -6.93
CA THR D 835 57.70 -19.09 -7.68
C THR D 835 56.27 -19.27 -7.23
N TYR D 836 55.61 -18.17 -6.89
CA TYR D 836 54.21 -18.29 -6.56
C TYR D 836 53.31 -18.38 -7.80
N LEU D 837 52.08 -18.82 -7.54
CA LEU D 837 51.14 -19.26 -8.57
C LEU D 837 50.71 -18.16 -9.53
N TYR D 838 50.07 -17.13 -9.01
CA TYR D 838 49.74 -16.01 -9.88
C TYR D 838 49.80 -14.69 -9.15
N HIS D 839 49.96 -13.65 -9.95
CA HIS D 839 50.61 -12.42 -9.53
C HIS D 839 49.95 -11.24 -10.25
N ILE D 840 50.05 -10.05 -9.66
CA ILE D 840 49.67 -8.82 -10.34
C ILE D 840 50.92 -8.00 -10.66
N ASP D 841 50.85 -7.25 -11.77
CA ASP D 841 51.98 -6.63 -12.44
C ASP D 841 53.08 -6.10 -11.51
N LYS D 842 52.69 -5.21 -10.60
CA LYS D 842 53.62 -4.53 -9.71
C LYS D 842 53.67 -5.15 -8.33
N VAL D 843 52.98 -6.26 -8.11
CA VAL D 843 53.20 -7.11 -6.96
C VAL D 843 53.57 -8.48 -7.48
N ASP D 844 54.83 -8.83 -7.33
CA ASP D 844 55.27 -10.14 -7.77
C ASP D 844 55.20 -11.17 -6.66
N SER D 845 56.33 -11.52 -6.05
CA SER D 845 56.25 -12.68 -5.18
C SER D 845 57.16 -12.52 -3.98
N ASN D 846 56.67 -13.05 -2.87
CA ASN D 846 57.39 -12.98 -1.62
C ASN D 846 58.60 -13.91 -1.64
N ASP D 847 58.50 -15.00 -2.40
CA ASP D 847 59.49 -16.07 -2.34
C ASP D 847 60.88 -15.49 -2.49
N SER D 848 61.00 -14.48 -3.37
CA SER D 848 62.30 -13.89 -3.62
C SER D 848 62.77 -13.07 -2.43
N LEU D 849 61.83 -12.43 -1.73
CA LEU D 849 62.23 -11.36 -0.83
C LEU D 849 63.02 -11.89 0.35
N TYR D 850 62.49 -12.88 1.04
CA TYR D 850 63.27 -13.53 2.08
C TYR D 850 64.34 -14.41 1.47
N GLY D 851 64.05 -14.98 0.32
CA GLY D 851 64.94 -15.93 -0.25
C GLY D 851 64.36 -17.22 0.29
N GLY D 852 64.22 -18.20 -0.56
CA GLY D 852 63.73 -19.45 -0.07
C GLY D 852 65.02 -20.12 0.28
N ASP D 853 65.16 -20.46 1.55
CA ASP D 853 66.18 -21.41 1.87
C ASP D 853 65.85 -21.99 3.24
N SER D 854 66.50 -23.12 3.50
CA SER D 854 66.12 -23.99 4.60
C SER D 854 66.07 -23.22 5.91
N LYS D 855 66.89 -22.19 6.06
CA LYS D 855 66.86 -21.46 7.30
C LYS D 855 65.60 -20.62 7.44
N PHE D 856 65.31 -19.76 6.47
CA PHE D 856 64.03 -19.09 6.59
C PHE D 856 62.84 -19.94 6.19
N LEU D 857 62.98 -20.82 5.21
CA LEU D 857 61.91 -21.76 4.94
C LEU D 857 61.53 -22.59 6.16
N ALA D 858 62.53 -23.09 6.88
CA ALA D 858 62.33 -23.77 8.15
C ALA D 858 61.55 -22.96 9.15
N GLU D 859 61.55 -21.65 9.04
CA GLU D 859 60.74 -20.84 9.92
C GLU D 859 59.27 -21.20 9.79
N ASN D 860 58.78 -21.15 8.56
CA ASN D 860 57.43 -21.58 8.27
C ASN D 860 57.23 -23.08 8.42
N ASN D 861 58.20 -23.89 7.99
CA ASN D 861 58.08 -25.33 8.26
C ASN D 861 57.87 -25.59 9.73
N LYS D 862 58.69 -24.97 10.56
CA LYS D 862 58.61 -25.09 12.01
C LYS D 862 57.22 -24.75 12.50
N LEU D 863 56.68 -23.66 11.97
CA LEU D 863 55.36 -23.25 12.40
C LEU D 863 54.32 -24.28 11.98
N CYS D 864 54.46 -24.80 10.77
CA CYS D 864 53.61 -25.88 10.31
C CYS D 864 53.68 -27.04 11.27
N GLU D 865 54.88 -27.47 11.60
CA GLU D 865 55.09 -28.64 12.44
C GLU D 865 54.49 -28.42 13.82
N THR D 866 54.55 -27.18 14.29
CA THR D 866 53.89 -26.83 15.53
C THR D 866 52.41 -27.10 15.42
N VAL D 867 51.81 -26.57 14.36
CA VAL D 867 50.39 -26.76 14.19
C VAL D 867 50.08 -28.23 13.99
N MET D 868 50.99 -28.96 13.34
CA MET D 868 50.84 -30.40 13.19
C MET D 868 50.72 -31.07 14.54
N ALA D 869 51.61 -30.73 15.46
CA ALA D 869 51.53 -31.26 16.81
C ALA D 869 50.16 -30.96 17.40
N GLN D 870 49.71 -29.71 17.24
CA GLN D 870 48.42 -29.32 17.77
C GLN D 870 47.32 -30.18 17.19
N ILE D 871 47.45 -30.46 15.90
CA ILE D 871 46.51 -31.29 15.16
C ILE D 871 46.45 -32.65 15.79
N LEU D 872 47.61 -33.20 16.09
CA LEU D 872 47.67 -34.57 16.56
C LEU D 872 47.01 -34.67 17.92
N GLU D 873 47.31 -33.68 18.75
CA GLU D 873 46.70 -33.58 20.06
C GLU D 873 45.19 -33.62 19.93
N HIS D 874 44.65 -32.73 19.10
CA HIS D 874 43.21 -32.62 19.00
C HIS D 874 42.59 -33.88 18.42
N LEU D 875 43.17 -34.41 17.35
CA LEU D 875 42.60 -35.60 16.73
C LEU D 875 42.53 -36.76 17.70
N LYS D 876 43.64 -37.06 18.38
CA LYS D 876 43.54 -38.19 19.29
C LYS D 876 42.59 -37.87 20.43
N THR D 877 42.49 -36.59 20.81
CA THR D 877 41.46 -36.19 21.74
C THR D 877 40.07 -36.49 21.19
N LEU D 878 39.87 -36.26 19.89
CA LEU D 878 38.61 -36.60 19.25
C LEU D 878 38.34 -38.08 19.33
N ALA D 879 39.40 -38.88 19.30
CA ALA D 879 39.24 -40.30 19.61
C ALA D 879 38.71 -40.44 21.02
N LYS D 880 39.30 -39.70 21.95
CA LYS D 880 38.77 -39.65 23.31
C LYS D 880 37.35 -39.07 23.33
N ASP D 881 37.04 -38.19 22.37
CA ASP D 881 35.74 -37.53 22.29
C ASP D 881 34.65 -38.38 21.68
N GLU D 882 34.99 -39.56 21.13
CA GLU D 882 34.08 -40.31 20.27
C GLU D 882 33.53 -39.46 19.13
N ALA D 883 34.25 -38.39 18.77
CA ALA D 883 33.92 -37.60 17.60
C ALA D 883 34.42 -38.36 16.38
N LEU D 884 34.15 -39.66 16.35
CA LEU D 884 34.92 -40.56 15.50
C LEU D 884 34.65 -40.31 14.03
N LYS D 885 33.39 -40.01 13.69
CA LYS D 885 33.10 -39.66 12.31
C LYS D 885 33.74 -38.33 11.95
N ARG D 886 33.59 -37.35 12.85
CA ARG D 886 34.23 -36.06 12.65
C ARG D 886 35.73 -36.23 12.50
N GLN D 887 36.33 -36.91 13.47
CA GLN D 887 37.78 -37.06 13.52
C GLN D 887 38.30 -37.73 12.27
N SER D 888 37.66 -38.83 11.87
CA SER D 888 38.14 -39.59 10.73
C SER D 888 38.03 -38.79 9.45
N SER D 889 36.89 -38.12 9.25
CA SER D 889 36.76 -37.29 8.07
C SER D 889 37.83 -36.22 8.04
N LEU D 890 38.05 -35.58 9.19
CA LEU D 890 39.03 -34.51 9.28
C LEU D 890 40.41 -35.01 8.93
N GLY D 891 40.84 -36.07 9.59
CA GLY D 891 42.17 -36.59 9.35
C GLY D 891 42.38 -37.00 7.92
N LEU D 892 41.40 -37.68 7.32
CA LEU D 892 41.63 -38.14 5.97
C LEU D 892 41.62 -36.98 4.99
N SER D 893 40.75 -36.00 5.21
CA SER D 893 40.82 -34.78 4.43
C SER D 893 42.20 -34.18 4.49
N PHE D 894 42.78 -34.18 5.68
CA PHE D 894 44.13 -33.68 5.88
C PHE D 894 45.15 -34.52 5.14
N PHE D 895 44.94 -35.82 5.15
CA PHE D 895 45.77 -36.71 4.37
C PHE D 895 45.72 -36.29 2.91
N ASN D 896 44.52 -36.06 2.42
CA ASN D 896 44.34 -35.58 1.08
C ASN D 896 45.00 -34.23 0.87
N SER D 897 45.13 -33.46 1.94
CA SER D 897 45.87 -32.21 1.85
C SER D 897 47.35 -32.48 1.69
N ILE D 898 47.88 -33.33 2.55
CA ILE D 898 49.26 -33.78 2.45
C ILE D 898 49.55 -34.17 1.01
N LEU D 899 48.62 -34.94 0.46
CA LEU D 899 48.73 -35.52 -0.87
C LEU D 899 49.05 -34.50 -1.95
N ALA D 900 48.67 -33.25 -1.75
CA ALA D 900 49.16 -32.22 -2.65
C ALA D 900 50.68 -32.17 -2.69
N HIS D 901 51.34 -32.37 -1.56
CA HIS D 901 52.77 -32.10 -1.63
C HIS D 901 53.66 -32.94 -0.75
N GLY D 902 53.10 -33.71 0.18
CA GLY D 902 53.91 -34.33 1.21
C GLY D 902 54.88 -35.33 0.64
N ASP D 903 56.17 -35.11 0.87
CA ASP D 903 57.19 -36.10 0.57
C ASP D 903 57.08 -37.32 1.47
N LEU D 904 56.84 -38.49 0.89
CA LEU D 904 56.94 -39.72 1.65
C LEU D 904 58.12 -40.57 1.21
N ARG D 905 58.91 -40.06 0.27
CA ARG D 905 60.30 -40.46 0.25
C ARG D 905 60.98 -39.87 1.47
N ASN D 906 60.45 -38.77 1.98
CA ASN D 906 60.59 -38.52 3.39
C ASN D 906 59.85 -39.61 4.13
N ASN D 907 60.59 -40.63 4.55
CA ASN D 907 59.97 -41.75 5.22
C ASN D 907 59.26 -41.31 6.48
N LYS D 908 59.62 -40.15 7.01
CA LYS D 908 59.04 -39.78 8.28
C LYS D 908 57.62 -39.35 8.06
N LEU D 909 57.43 -38.46 7.10
CA LEU D 909 56.11 -38.17 6.56
C LEU D 909 55.43 -39.43 6.04
N ASN D 910 56.18 -40.30 5.38
CA ASN D 910 55.58 -41.56 4.95
C ASN D 910 54.94 -42.30 6.11
N GLN D 911 55.69 -42.49 7.18
CA GLN D 911 55.13 -43.13 8.36
C GLN D 911 53.98 -42.33 8.93
N LEU D 912 54.10 -41.02 8.90
CA LEU D 912 53.00 -40.18 9.30
C LEU D 912 51.74 -40.57 8.55
N SER D 913 51.88 -40.72 7.23
CA SER D 913 50.74 -41.09 6.39
C SER D 913 50.21 -42.45 6.76
N VAL D 914 51.11 -43.37 7.09
CA VAL D 914 50.68 -44.68 7.57
C VAL D 914 49.89 -44.51 8.86
N ASN D 915 50.40 -43.68 9.76
CA ASN D 915 49.78 -43.45 11.04
C ASN D 915 48.35 -42.97 10.83
N LEU D 916 48.20 -41.97 9.97
CA LEU D 916 46.87 -41.42 9.71
C LEU D 916 45.97 -42.50 9.16
N TRP D 917 46.43 -43.19 8.13
CA TRP D 917 45.57 -44.12 7.42
C TRP D 917 45.05 -45.17 8.38
N HIS D 918 45.97 -45.85 9.05
CA HIS D 918 45.56 -46.92 9.93
C HIS D 918 44.89 -46.43 11.20
N LEU D 919 45.41 -45.40 11.86
CA LEU D 919 44.78 -44.96 13.09
C LEU D 919 43.36 -44.47 12.85
N ALA D 920 43.10 -43.87 11.70
CA ALA D 920 41.73 -43.50 11.37
C ALA D 920 40.88 -44.73 11.14
N GLN D 921 41.44 -45.73 10.47
CA GLN D 921 40.70 -46.93 10.18
C GLN D 921 40.46 -47.78 11.43
N ARG D 922 41.36 -47.69 12.40
CA ARG D 922 41.46 -48.66 13.48
C ARG D 922 40.17 -48.78 14.29
N HIS D 923 39.47 -47.68 14.49
CA HIS D 923 38.20 -47.76 15.19
C HIS D 923 37.04 -48.03 14.24
N GLY D 924 37.31 -48.22 12.96
CA GLY D 924 36.30 -48.62 12.01
C GLY D 924 35.29 -47.56 11.66
N CYS D 925 35.34 -46.39 12.27
CA CYS D 925 34.35 -45.38 11.96
C CYS D 925 34.62 -44.72 10.61
N ALA D 926 35.87 -44.73 10.16
CA ALA D 926 36.21 -44.11 8.89
C ALA D 926 35.42 -44.76 7.77
N ASP D 927 34.92 -43.94 6.85
CA ASP D 927 34.24 -44.44 5.65
C ASP D 927 35.31 -45.07 4.76
N THR D 928 35.68 -46.28 5.12
CA THR D 928 36.69 -47.00 4.37
C THR D 928 36.26 -47.26 2.92
N ARG D 929 34.96 -47.36 2.65
CA ARG D 929 34.52 -47.57 1.28
C ARG D 929 35.09 -46.50 0.37
N THR D 930 34.86 -45.25 0.75
CA THR D 930 35.47 -44.10 0.11
C THR D 930 36.97 -44.17 0.20
N MET D 931 37.53 -44.73 1.28
CA MET D 931 38.98 -44.85 1.36
C MET D 931 39.54 -45.80 0.31
N VAL D 932 38.84 -46.90 0.05
CA VAL D 932 39.27 -47.83 -0.99
C VAL D 932 39.19 -47.16 -2.34
N LYS D 933 38.11 -46.43 -2.57
CA LYS D 933 38.02 -45.60 -3.79
C LYS D 933 39.16 -44.59 -3.84
N THR D 934 39.40 -43.94 -2.72
CA THR D 934 40.48 -43.00 -2.53
C THR D 934 41.83 -43.61 -2.81
N LEU D 935 42.07 -44.83 -2.37
CA LEU D 935 43.41 -45.36 -2.35
C LEU D 935 43.71 -46.05 -3.64
N GLU D 936 42.70 -46.66 -4.26
CA GLU D 936 42.88 -47.13 -5.62
C GLU D 936 43.22 -45.95 -6.52
N TYR D 937 42.50 -44.84 -6.34
CA TYR D 937 42.83 -43.61 -7.03
C TYR D 937 44.22 -43.07 -6.67
N ILE D 938 44.61 -43.18 -5.40
CA ILE D 938 45.95 -42.79 -4.98
C ILE D 938 47.03 -43.69 -5.55
N LYS D 939 46.74 -44.96 -5.74
CA LYS D 939 47.66 -45.84 -6.42
C LYS D 939 47.78 -45.43 -7.89
N LYS D 940 46.65 -45.08 -8.50
CA LYS D 940 46.64 -44.60 -9.86
C LYS D 940 47.47 -43.32 -10.00
N GLN D 941 47.34 -42.42 -9.02
CA GLN D 941 48.19 -41.24 -8.96
C GLN D 941 49.62 -41.60 -8.62
N SER D 942 49.80 -42.72 -7.92
CA SER D 942 51.12 -43.14 -7.45
C SER D 942 52.06 -43.38 -8.62
N LYS D 943 51.52 -43.64 -9.80
CA LYS D 943 52.33 -43.78 -11.00
C LYS D 943 53.30 -42.64 -11.19
N GLN D 944 52.94 -41.46 -10.71
CA GLN D 944 53.73 -40.26 -10.92
C GLN D 944 54.95 -40.23 -10.00
N PRO D 945 55.98 -39.39 -10.32
CA PRO D 945 57.33 -39.66 -9.83
C PRO D 945 57.48 -39.57 -8.32
N ASP D 946 57.14 -38.41 -7.75
CA ASP D 946 57.08 -38.33 -6.30
C ASP D 946 56.13 -39.38 -5.75
N MET D 947 54.98 -39.51 -6.40
CA MET D 947 54.00 -40.54 -6.08
C MET D 947 54.56 -41.96 -6.18
N THR D 948 55.73 -42.16 -6.78
CA THR D 948 56.35 -43.47 -6.67
C THR D 948 56.78 -43.81 -5.25
N HIS D 949 57.09 -42.83 -4.41
CA HIS D 949 57.15 -43.15 -3.00
C HIS D 949 55.76 -43.27 -2.40
N LEU D 950 54.79 -42.54 -2.96
CA LEU D 950 53.40 -42.91 -2.73
C LEU D 950 53.07 -44.25 -3.34
N THR D 951 53.78 -44.66 -4.39
CA THR D 951 53.52 -45.99 -4.93
C THR D 951 53.97 -47.01 -3.89
N GLU D 952 55.19 -46.83 -3.39
CA GLU D 952 55.71 -47.68 -2.35
C GLU D 952 54.81 -47.66 -1.12
N LEU D 953 54.35 -46.48 -0.72
CA LEU D 953 53.45 -46.38 0.43
C LEU D 953 52.17 -47.17 0.19
N ALA D 954 51.44 -46.81 -0.88
CA ALA D 954 50.08 -47.28 -1.03
C ALA D 954 50.05 -48.76 -1.33
N LEU D 955 51.08 -49.27 -2.01
CA LEU D 955 51.24 -50.71 -2.09
C LEU D 955 51.53 -51.29 -0.71
N ARG D 956 52.45 -50.66 0.02
CA ARG D 956 52.78 -51.16 1.35
C ARG D 956 51.61 -50.96 2.30
N LEU D 957 50.78 -49.95 2.05
CA LEU D 957 49.67 -49.65 2.95
C LEU D 957 48.79 -50.88 3.09
N PRO D 958 48.66 -51.44 4.28
CA PRO D 958 47.44 -52.18 4.60
C PRO D 958 46.32 -51.19 4.84
N LEU D 959 45.12 -51.69 5.13
CA LEU D 959 43.96 -50.82 5.24
C LEU D 959 42.92 -51.46 6.16
N GLN D 960 42.72 -50.88 7.34
CA GLN D 960 41.63 -51.36 8.18
C GLN D 960 40.34 -50.68 7.73
N THR D 961 39.20 -51.32 7.99
CA THR D 961 38.05 -51.09 7.11
C THR D 961 36.74 -51.06 7.87
N ARG D 962 35.79 -50.38 7.23
CA ARG D 962 34.37 -50.72 7.38
C ARG D 962 34.03 -51.90 6.49
N THR D 963 34.63 -51.93 5.29
CA THR D 963 34.34 -52.96 4.29
C THR D 963 35.03 -54.28 4.60
N MET E 1 -65.12 -43.18 16.89
CA MET E 1 -64.62 -41.92 16.34
C MET E 1 -65.53 -41.41 15.22
N GLY E 2 -65.38 -40.14 14.88
CA GLY E 2 -66.23 -39.48 13.91
C GLY E 2 -65.75 -39.69 12.48
N THR E 3 -66.39 -38.97 11.57
CA THR E 3 -66.11 -39.05 10.14
C THR E 3 -66.28 -37.68 9.53
N ALA E 4 -65.55 -37.42 8.43
CA ALA E 4 -65.74 -36.21 7.66
C ALA E 4 -66.16 -36.57 6.25
N LEU E 5 -67.01 -35.74 5.68
CA LEU E 5 -67.42 -35.83 4.29
C LEU E 5 -67.26 -34.45 3.66
N ASP E 6 -66.93 -34.42 2.37
CA ASP E 6 -66.76 -33.15 1.69
C ASP E 6 -67.29 -33.23 0.26
N ILE E 7 -67.68 -32.07 -0.26
CA ILE E 7 -68.24 -31.94 -1.60
C ILE E 7 -67.23 -31.24 -2.49
N LYS E 8 -66.88 -31.88 -3.60
CA LYS E 8 -66.05 -31.26 -4.62
C LYS E 8 -66.93 -30.92 -5.81
N ILE E 9 -66.87 -29.68 -6.26
CA ILE E 9 -67.39 -29.32 -7.56
C ILE E 9 -66.23 -29.26 -8.52
N LYS E 10 -66.39 -29.91 -9.69
CA LYS E 10 -65.24 -30.17 -10.55
C LYS E 10 -64.60 -28.87 -11.01
N ARG E 11 -65.39 -27.98 -11.59
CA ARG E 11 -64.87 -26.70 -12.04
C ARG E 11 -64.48 -25.89 -10.81
N ALA E 12 -63.21 -25.51 -10.72
CA ALA E 12 -62.64 -25.08 -9.45
C ALA E 12 -63.35 -23.84 -8.92
N ASN E 13 -64.00 -23.08 -9.80
CA ASN E 13 -64.80 -21.94 -9.44
C ASN E 13 -66.20 -22.29 -8.92
N LYS E 14 -66.63 -23.55 -9.05
CA LYS E 14 -68.02 -23.92 -8.77
C LYS E 14 -69.00 -23.07 -9.56
N VAL E 15 -68.58 -22.62 -10.73
CA VAL E 15 -69.38 -21.78 -11.61
C VAL E 15 -69.95 -22.63 -12.73
N TYR E 16 -71.26 -22.56 -12.94
CA TYR E 16 -71.87 -23.24 -14.08
C TYR E 16 -72.74 -22.30 -14.88
N HIS E 17 -72.82 -22.57 -16.18
CA HIS E 17 -73.52 -21.72 -17.13
C HIS E 17 -74.88 -22.28 -17.53
N ALA E 18 -75.77 -21.37 -17.92
CA ALA E 18 -77.09 -21.74 -18.39
C ALA E 18 -76.99 -22.76 -19.53
N GLY E 19 -77.71 -23.87 -19.39
CA GLY E 19 -77.66 -24.96 -20.35
C GLY E 19 -76.49 -25.90 -20.19
N GLU E 20 -75.58 -25.64 -19.25
CA GLU E 20 -74.53 -26.59 -18.94
C GLU E 20 -75.11 -27.85 -18.30
N VAL E 21 -74.26 -28.84 -18.19
CA VAL E 21 -74.45 -29.95 -17.26
C VAL E 21 -73.76 -29.59 -15.96
N LEU E 22 -74.37 -29.92 -14.83
CA LEU E 22 -73.77 -29.63 -13.54
C LEU E 22 -73.04 -30.87 -13.07
N SER E 23 -71.85 -30.66 -12.53
CA SER E 23 -70.95 -31.75 -12.16
C SER E 23 -70.36 -31.50 -10.78
N GLY E 24 -70.27 -32.57 -9.99
CA GLY E 24 -69.78 -32.47 -8.63
C GLY E 24 -69.29 -33.82 -8.15
N VAL E 25 -68.36 -33.79 -7.21
CA VAL E 25 -67.94 -34.99 -6.50
C VAL E 25 -68.25 -34.79 -5.02
N VAL E 26 -68.56 -35.88 -4.34
CA VAL E 26 -68.66 -35.91 -2.89
C VAL E 26 -67.50 -36.75 -2.36
N VAL E 27 -66.81 -36.22 -1.36
CA VAL E 27 -65.63 -36.85 -0.80
C VAL E 27 -65.97 -37.27 0.62
N ILE E 28 -65.55 -38.48 0.98
CA ILE E 28 -65.61 -38.94 2.35
C ILE E 28 -64.18 -39.13 2.80
N SER E 29 -63.83 -38.62 3.97
CA SER E 29 -62.45 -38.69 4.42
C SER E 29 -62.42 -38.81 5.92
N SER E 30 -61.57 -39.70 6.41
CA SER E 30 -61.69 -40.14 7.78
C SER E 30 -60.37 -40.72 8.25
N LYS E 31 -60.18 -40.67 9.57
CA LYS E 31 -59.13 -41.45 10.22
C LYS E 31 -59.49 -42.94 10.30
N ASP E 32 -60.79 -43.26 10.32
CA ASP E 32 -61.25 -44.64 10.35
C ASP E 32 -62.19 -44.91 9.17
N SER E 33 -62.19 -46.16 8.69
CA SER E 33 -63.02 -46.54 7.55
C SER E 33 -64.49 -46.24 7.79
N VAL E 34 -65.21 -45.98 6.71
CA VAL E 34 -66.52 -45.33 6.76
C VAL E 34 -67.62 -46.28 6.31
N GLN E 35 -68.71 -46.29 7.06
CA GLN E 35 -69.93 -47.00 6.72
C GLN E 35 -71.11 -46.07 6.99
N HIS E 36 -72.13 -46.15 6.15
CA HIS E 36 -73.30 -45.29 6.29
C HIS E 36 -74.56 -46.03 5.88
N GLN E 37 -75.69 -45.59 6.43
CA GLN E 37 -76.99 -45.93 5.88
C GLN E 37 -77.24 -45.25 4.55
N GLY E 38 -76.52 -44.19 4.25
CA GLY E 38 -76.56 -43.61 2.92
C GLY E 38 -75.95 -42.23 2.92
N VAL E 39 -75.81 -41.70 1.71
CA VAL E 39 -75.36 -40.33 1.47
C VAL E 39 -76.36 -39.66 0.54
N SER E 40 -76.81 -38.46 0.89
CA SER E 40 -77.92 -37.82 0.22
C SER E 40 -77.55 -36.38 -0.08
N LEU E 41 -77.97 -35.90 -1.25
CA LEU E 41 -77.52 -34.60 -1.75
C LEU E 41 -78.65 -33.88 -2.48
N THR E 42 -78.71 -32.58 -2.28
CA THR E 42 -79.62 -31.68 -2.97
C THR E 42 -78.81 -30.63 -3.70
N MET E 43 -79.30 -30.20 -4.86
CA MET E 43 -78.81 -28.98 -5.49
C MET E 43 -79.94 -27.95 -5.53
N GLU E 44 -79.56 -26.69 -5.36
CA GLU E 44 -80.52 -25.62 -5.21
C GLU E 44 -79.97 -24.37 -5.88
N GLY E 45 -80.86 -23.53 -6.37
CA GLY E 45 -80.52 -22.16 -6.65
C GLY E 45 -81.60 -21.25 -6.10
N THR E 46 -81.18 -20.07 -5.65
CA THR E 46 -82.11 -19.15 -5.02
C THR E 46 -81.78 -17.71 -5.36
N VAL E 47 -82.81 -16.88 -5.35
CA VAL E 47 -82.70 -15.45 -5.21
C VAL E 47 -83.27 -15.09 -3.85
N ASN E 48 -82.60 -14.21 -3.13
CA ASN E 48 -83.03 -13.82 -1.78
C ASN E 48 -83.35 -12.33 -1.81
N LEU E 49 -84.59 -12.00 -1.49
CA LEU E 49 -85.08 -10.63 -1.64
C LEU E 49 -85.26 -10.06 -0.24
N GLN E 50 -84.22 -9.36 0.21
CA GLN E 50 -84.23 -8.66 1.48
C GLN E 50 -84.77 -7.25 1.26
N LEU E 51 -86.09 -7.13 1.26
CA LEU E 51 -86.70 -5.82 1.48
C LEU E 51 -86.06 -5.15 2.69
N SER E 52 -85.54 -3.95 2.45
CA SER E 52 -84.78 -3.23 3.47
C SER E 52 -85.68 -2.87 4.64
N ALA E 53 -85.18 -3.15 5.85
CA ALA E 53 -86.06 -3.20 7.02
C ALA E 53 -86.70 -1.86 7.29
N LYS E 54 -85.89 -0.80 7.37
CA LYS E 54 -86.46 0.52 7.56
C LYS E 54 -87.19 1.02 6.30
N SER E 55 -86.74 0.63 5.12
CA SER E 55 -87.32 1.16 3.88
C SER E 55 -88.78 0.76 3.73
N VAL E 56 -89.08 -0.53 3.87
CA VAL E 56 -90.48 -0.94 3.93
C VAL E 56 -91.10 -0.60 5.28
N GLY E 57 -90.30 -0.67 6.35
CA GLY E 57 -90.81 -0.81 7.69
C GLY E 57 -90.54 -2.23 8.16
N VAL E 58 -89.80 -2.33 9.27
CA VAL E 58 -88.97 -3.51 9.52
C VAL E 58 -89.82 -4.78 9.54
N PHE E 59 -90.93 -4.74 10.28
CA PHE E 59 -91.78 -5.92 10.35
C PHE E 59 -92.37 -6.23 8.99
N GLU E 60 -92.98 -5.22 8.35
CA GLU E 60 -93.51 -5.43 7.01
C GLU E 60 -92.41 -5.74 6.01
N ALA E 61 -91.22 -5.19 6.21
CA ALA E 61 -90.10 -5.49 5.32
C ALA E 61 -89.81 -6.98 5.34
N PHE E 62 -89.69 -7.55 6.54
CA PHE E 62 -89.38 -8.98 6.64
C PHE E 62 -90.58 -9.83 6.22
N TYR E 63 -91.79 -9.37 6.51
CA TYR E 63 -92.99 -10.08 6.09
C TYR E 63 -93.01 -10.23 4.58
N ASN E 64 -92.85 -9.12 3.87
CA ASN E 64 -92.81 -9.13 2.42
C ASN E 64 -91.49 -9.65 1.87
N SER E 65 -90.38 -9.46 2.59
CA SER E 65 -89.07 -9.82 2.07
C SER E 65 -89.12 -11.22 1.51
N VAL E 66 -88.80 -11.35 0.22
CA VAL E 66 -88.98 -12.63 -0.46
C VAL E 66 -87.68 -13.41 -0.21
N LYS E 67 -87.59 -13.96 0.99
CA LYS E 67 -86.47 -14.76 1.44
C LYS E 67 -86.23 -15.95 0.52
N PRO E 68 -84.96 -16.39 0.38
CA PRO E 68 -84.50 -17.12 -0.82
C PRO E 68 -85.50 -17.95 -1.61
N ILE E 69 -86.08 -17.34 -2.64
CA ILE E 69 -86.90 -18.06 -3.61
C ILE E 69 -86.04 -19.13 -4.27
N GLN E 70 -86.42 -20.39 -4.11
CA GLN E 70 -85.64 -21.43 -4.80
C GLN E 70 -85.85 -21.24 -6.29
N ILE E 71 -84.83 -20.68 -6.95
CA ILE E 71 -84.72 -20.73 -8.40
C ILE E 71 -84.93 -22.15 -8.91
N ILE E 72 -84.26 -23.11 -8.27
CA ILE E 72 -84.26 -24.48 -8.75
C ILE E 72 -83.98 -25.39 -7.57
N ASN E 73 -84.58 -26.57 -7.58
CA ASN E 73 -84.23 -27.63 -6.64
C ASN E 73 -84.53 -28.95 -7.32
N SER E 74 -83.49 -29.72 -7.59
CA SER E 74 -83.61 -31.12 -7.96
C SER E 74 -82.93 -31.95 -6.89
N THR E 75 -83.45 -33.14 -6.64
CA THR E 75 -82.97 -33.92 -5.51
C THR E 75 -82.76 -35.37 -5.90
N ILE E 76 -81.64 -35.92 -5.41
CA ILE E 76 -81.11 -37.22 -5.79
C ILE E 76 -80.50 -37.86 -4.55
N GLU E 77 -80.46 -39.19 -4.54
CA GLU E 77 -79.67 -39.94 -3.58
C GLU E 77 -78.49 -40.61 -4.27
N MET E 78 -77.33 -40.57 -3.64
CA MET E 78 -76.07 -40.88 -4.30
C MET E 78 -75.46 -42.21 -3.90
N VAL E 79 -75.51 -42.57 -2.61
CA VAL E 79 -75.04 -43.87 -2.15
C VAL E 79 -76.09 -44.47 -1.23
N LYS E 80 -76.42 -45.73 -1.46
CA LYS E 80 -77.22 -46.53 -0.55
C LYS E 80 -76.31 -46.97 0.61
N PRO E 81 -76.83 -47.75 1.57
CA PRO E 81 -75.97 -48.18 2.69
C PRO E 81 -74.70 -48.86 2.20
N GLY E 82 -73.56 -48.36 2.66
CA GLY E 82 -72.30 -48.64 2.00
C GLY E 82 -71.16 -48.52 2.98
N LYS E 83 -70.07 -49.23 2.69
CA LYS E 83 -68.93 -49.29 3.57
C LYS E 83 -67.68 -49.05 2.73
N PHE E 84 -66.80 -48.20 3.25
CA PHE E 84 -65.83 -47.54 2.39
C PHE E 84 -64.51 -47.35 3.12
N PRO E 85 -63.40 -47.26 2.39
CA PRO E 85 -62.11 -46.94 3.00
C PRO E 85 -62.06 -45.56 3.65
N SER E 86 -61.10 -45.42 4.57
CA SER E 86 -61.07 -44.30 5.50
C SER E 86 -60.68 -42.99 4.83
N GLY E 87 -59.49 -42.95 4.23
CA GLY E 87 -58.89 -41.68 3.88
C GLY E 87 -59.69 -40.95 2.81
N LYS E 88 -60.20 -41.69 1.84
CA LYS E 88 -61.04 -41.09 0.81
C LYS E 88 -62.09 -42.11 0.39
N THR E 89 -63.26 -41.59 0.03
CA THR E 89 -64.13 -42.27 -0.91
C THR E 89 -64.87 -41.18 -1.67
N GLU E 90 -65.13 -41.43 -2.95
CA GLU E 90 -65.75 -40.42 -3.79
C GLU E 90 -66.79 -41.03 -4.70
N ILE E 91 -67.98 -40.47 -4.68
CA ILE E 91 -69.13 -40.97 -5.43
C ILE E 91 -69.63 -39.79 -6.25
N PRO E 92 -70.05 -39.98 -7.49
CA PRO E 92 -70.38 -38.82 -8.31
C PRO E 92 -71.87 -38.54 -8.36
N PHE E 93 -72.20 -37.27 -8.57
CA PHE E 93 -73.57 -36.83 -8.70
C PHE E 93 -73.66 -35.79 -9.80
N GLU E 94 -74.83 -35.68 -10.41
CA GLU E 94 -75.17 -34.54 -11.23
C GLU E 94 -76.59 -34.10 -10.92
N PHE E 95 -76.85 -32.83 -11.17
CA PHE E 95 -78.20 -32.27 -11.06
C PHE E 95 -78.49 -31.49 -12.33
N PRO E 96 -79.77 -31.36 -12.69
CA PRO E 96 -80.11 -30.68 -13.94
C PRO E 96 -80.45 -29.23 -13.73
N LEU E 97 -79.80 -28.35 -14.50
CA LEU E 97 -80.09 -26.93 -14.47
C LEU E 97 -81.38 -26.69 -15.24
N HIS E 98 -82.47 -27.19 -14.68
CA HIS E 98 -83.77 -27.14 -15.31
C HIS E 98 -84.80 -26.85 -14.22
N LEU E 99 -85.86 -26.15 -14.60
CA LEU E 99 -86.69 -25.50 -13.59
C LEU E 99 -87.48 -26.50 -12.77
N LYS E 100 -86.77 -27.32 -12.00
CA LYS E 100 -87.31 -27.87 -10.75
C LYS E 100 -87.25 -26.80 -9.66
N GLY E 101 -87.94 -25.70 -9.91
CA GLY E 101 -87.85 -24.54 -9.05
C GLY E 101 -88.62 -23.38 -9.63
N ASN E 102 -88.49 -22.23 -8.97
CA ASN E 102 -89.50 -21.19 -9.10
C ASN E 102 -89.26 -20.26 -10.27
N LYS E 103 -88.01 -20.07 -10.69
CA LYS E 103 -87.69 -18.96 -11.57
C LYS E 103 -86.50 -19.35 -12.44
N VAL E 104 -86.40 -18.68 -13.58
CA VAL E 104 -85.60 -19.16 -14.71
C VAL E 104 -84.11 -18.93 -14.47
N LEU E 105 -83.55 -19.69 -13.53
CA LEU E 105 -82.11 -19.96 -13.40
C LEU E 105 -81.22 -18.72 -13.56
N TYR E 106 -81.34 -17.78 -12.63
CA TYR E 106 -80.45 -16.62 -12.56
C TYR E 106 -79.02 -17.02 -12.22
N GLU E 107 -78.11 -16.07 -12.45
CA GLU E 107 -76.74 -16.16 -11.96
C GLU E 107 -76.66 -15.90 -10.45
N THR E 108 -75.97 -16.80 -9.74
CA THR E 108 -75.63 -16.55 -8.34
C THR E 108 -75.08 -15.13 -8.16
N TYR E 109 -75.63 -14.41 -7.19
CA TYR E 109 -75.30 -13.00 -7.01
C TYR E 109 -75.41 -12.72 -5.53
N HIS E 110 -74.26 -12.58 -4.87
CA HIS E 110 -74.20 -12.23 -3.46
C HIS E 110 -74.27 -10.71 -3.33
N GLY E 111 -75.45 -10.18 -3.62
CA GLY E 111 -75.84 -8.85 -3.23
C GLY E 111 -76.38 -8.80 -1.81
N VAL E 112 -77.03 -7.68 -1.51
CA VAL E 112 -77.37 -7.34 -0.13
C VAL E 112 -78.88 -7.29 0.02
N PHE E 113 -79.49 -6.33 -0.67
CA PHE E 113 -80.95 -6.22 -0.64
C PHE E 113 -81.56 -7.27 -1.55
N VAL E 114 -80.98 -7.44 -2.72
CA VAL E 114 -81.20 -8.62 -3.56
C VAL E 114 -79.98 -9.50 -3.43
N ASN E 115 -80.19 -10.72 -2.99
CA ASN E 115 -79.15 -11.74 -3.01
C ASN E 115 -79.63 -12.88 -3.90
N ILE E 116 -78.68 -13.49 -4.60
CA ILE E 116 -78.97 -14.66 -5.43
C ILE E 116 -77.91 -15.70 -5.12
N GLN E 117 -78.35 -16.93 -4.85
CA GLN E 117 -77.44 -17.97 -4.46
C GLN E 117 -77.77 -19.25 -5.21
N TYR E 118 -76.75 -20.08 -5.38
CA TYR E 118 -76.92 -21.49 -5.71
C TYR E 118 -76.08 -22.31 -4.76
N THR E 119 -76.62 -23.46 -4.37
CA THR E 119 -76.26 -24.11 -3.13
C THR E 119 -76.55 -25.59 -3.27
N LEU E 120 -75.83 -26.38 -2.49
CA LEU E 120 -76.12 -27.79 -2.33
C LEU E 120 -76.24 -28.12 -0.86
N ARG E 121 -77.00 -29.17 -0.56
CA ARG E 121 -77.12 -29.69 0.79
C ARG E 121 -76.96 -31.19 0.75
N CYS E 122 -76.14 -31.71 1.65
CA CYS E 122 -75.82 -33.12 1.71
C CYS E 122 -76.16 -33.67 3.09
N ASP E 123 -76.56 -34.94 3.11
CA ASP E 123 -76.54 -35.71 4.35
C ASP E 123 -75.95 -37.08 4.07
N MET E 124 -75.02 -37.51 4.91
CA MET E 124 -74.63 -38.90 4.96
C MET E 124 -75.27 -39.52 6.19
N LYS E 125 -76.15 -40.49 5.97
CA LYS E 125 -76.74 -41.26 7.06
C LYS E 125 -75.71 -42.27 7.55
N ARG E 126 -74.73 -41.75 8.28
CA ARG E 126 -73.61 -42.57 8.73
C ARG E 126 -74.10 -43.76 9.54
N SER E 127 -73.31 -44.84 9.51
CA SER E 127 -73.54 -45.94 10.41
C SER E 127 -73.47 -45.46 11.85
N LEU E 128 -74.34 -46.01 12.69
CA LEU E 128 -74.54 -45.44 14.02
C LEU E 128 -73.34 -45.64 14.93
N LEU E 129 -72.25 -46.10 14.34
CA LEU E 129 -70.92 -45.80 14.88
C LEU E 129 -70.79 -44.31 15.14
N ALA E 130 -71.45 -43.49 14.34
CA ALA E 130 -71.45 -42.05 14.49
C ALA E 130 -72.71 -41.49 13.86
N LYS E 131 -73.00 -40.23 14.19
CA LYS E 131 -74.22 -39.57 13.75
C LYS E 131 -74.26 -39.44 12.23
N ASP E 132 -75.48 -39.34 11.70
CA ASP E 132 -75.61 -38.90 10.32
C ASP E 132 -75.05 -37.49 10.18
N LEU E 133 -74.34 -37.25 9.09
CA LEU E 133 -73.73 -35.95 8.82
C LEU E 133 -74.60 -35.17 7.84
N THR E 134 -74.65 -33.85 8.05
CA THR E 134 -75.29 -32.93 7.11
C THR E 134 -74.29 -31.86 6.73
N LYS E 135 -74.18 -31.60 5.42
CA LYS E 135 -73.18 -30.68 4.90
C LYS E 135 -73.78 -29.87 3.76
N THR E 136 -73.29 -28.64 3.60
CA THR E 136 -73.79 -27.71 2.59
C THR E 136 -72.63 -27.08 1.82
N CYS E 137 -72.87 -26.85 0.53
CA CYS E 137 -71.96 -26.11 -0.34
C CYS E 137 -72.70 -24.94 -0.95
N GLU E 138 -71.95 -23.90 -1.32
CA GLU E 138 -72.49 -22.83 -2.15
C GLU E 138 -71.62 -22.63 -3.38
N PHE E 139 -72.28 -22.34 -4.50
CA PHE E 139 -71.63 -22.39 -5.79
C PHE E 139 -72.30 -21.39 -6.72
N ILE E 140 -71.57 -20.95 -7.72
CA ILE E 140 -71.98 -19.88 -8.62
C ILE E 140 -72.53 -20.46 -9.91
N VAL E 141 -73.64 -19.92 -10.37
CA VAL E 141 -74.09 -20.14 -11.73
C VAL E 141 -73.81 -18.88 -12.52
N HIS E 142 -73.27 -19.01 -13.73
CA HIS E 142 -73.12 -17.88 -14.65
C HIS E 142 -74.12 -17.92 -15.80
N SER E 143 -74.57 -16.74 -16.20
CA SER E 143 -75.41 -16.58 -17.39
C SER E 143 -74.71 -16.98 -18.67
N ALA E 144 -75.51 -17.44 -19.62
CA ALA E 144 -75.10 -17.70 -21.00
C ALA E 144 -74.78 -16.37 -21.71
N PRO E 145 -73.93 -16.41 -22.74
CA PRO E 145 -73.66 -15.18 -23.51
C PRO E 145 -74.93 -14.62 -24.15
N GLN E 146 -75.19 -13.36 -23.86
CA GLN E 146 -76.49 -12.74 -24.06
C GLN E 146 -76.86 -12.61 -25.53
N LYS E 147 -78.17 -12.59 -25.80
CA LYS E 147 -78.66 -12.46 -27.17
C LYS E 147 -78.22 -11.14 -27.76
N GLY E 148 -78.45 -10.06 -27.02
CA GLY E 148 -77.98 -8.74 -27.38
C GLY E 148 -76.50 -8.65 -27.11
N LYS E 149 -75.72 -8.52 -28.17
CA LYS E 149 -74.28 -8.49 -28.03
C LYS E 149 -73.85 -7.16 -27.42
N PHE E 150 -72.61 -7.12 -26.95
CA PHE E 150 -72.06 -5.91 -26.37
C PHE E 150 -71.72 -4.90 -27.45
N THR E 151 -71.82 -3.61 -27.09
CA THR E 151 -71.09 -2.55 -27.75
C THR E 151 -70.69 -1.53 -26.70
N PRO E 152 -69.54 -0.89 -26.88
CA PRO E 152 -69.08 0.07 -25.87
C PRO E 152 -69.86 1.37 -25.90
N SER E 153 -69.94 2.02 -24.73
CA SER E 153 -70.79 3.19 -24.54
C SER E 153 -69.93 4.25 -23.84
N PRO E 154 -69.06 4.93 -24.59
CA PRO E 154 -68.25 6.00 -24.02
C PRO E 154 -69.09 7.20 -23.58
N VAL E 155 -68.77 7.73 -22.39
CA VAL E 155 -69.44 8.93 -21.86
C VAL E 155 -68.41 9.83 -21.20
N ASP E 156 -68.64 11.15 -21.33
CA ASP E 156 -67.77 12.19 -20.82
C ASP E 156 -68.50 13.07 -19.80
N PHE E 157 -67.73 13.58 -18.84
CA PHE E 157 -68.25 14.59 -17.93
C PHE E 157 -67.16 15.61 -17.63
N THR E 158 -67.60 16.85 -17.43
CA THR E 158 -66.72 18.01 -17.22
C THR E 158 -67.10 18.60 -15.88
N ILE E 159 -66.11 18.97 -15.06
CA ILE E 159 -66.39 19.42 -13.71
C ILE E 159 -65.64 20.70 -13.38
N THR E 160 -66.39 21.69 -12.86
CA THR E 160 -65.98 22.88 -12.15
C THR E 160 -67.04 23.12 -11.08
N PRO E 161 -66.82 24.00 -10.10
CA PRO E 161 -67.85 24.20 -9.07
C PRO E 161 -69.19 24.60 -9.65
N GLU E 162 -69.18 25.33 -10.76
CA GLU E 162 -70.42 25.76 -11.39
C GLU E 162 -71.16 24.61 -12.05
N THR E 163 -70.43 23.59 -12.51
CA THR E 163 -71.09 22.46 -13.17
C THR E 163 -72.07 21.78 -12.23
N LEU E 164 -71.83 21.86 -10.93
CA LEU E 164 -72.43 20.98 -9.95
C LEU E 164 -73.93 21.25 -9.83
N GLN E 165 -74.68 20.19 -9.54
CA GLN E 165 -76.14 20.23 -9.45
C GLN E 165 -76.60 20.08 -8.01
N ASN E 166 -77.37 21.06 -7.52
CA ASN E 166 -77.95 21.08 -6.17
C ASN E 166 -76.90 20.95 -5.06
N VAL E 167 -75.63 21.20 -5.35
CA VAL E 167 -74.61 21.10 -4.30
C VAL E 167 -74.80 22.23 -3.30
N LYS E 168 -74.95 21.85 -2.02
CA LYS E 168 -75.13 22.83 -0.96
C LYS E 168 -73.92 23.75 -0.85
N GLU E 169 -72.76 23.26 -1.26
CA GLU E 169 -71.46 23.82 -0.91
C GLU E 169 -70.78 24.53 -2.06
N ARG E 170 -71.50 24.82 -3.15
CA ARG E 170 -70.86 25.28 -4.37
C ARG E 170 -69.94 26.46 -4.09
N ALA E 171 -70.41 27.42 -3.28
CA ALA E 171 -69.58 28.55 -2.90
C ALA E 171 -68.37 28.10 -2.10
N LEU E 172 -68.51 27.03 -1.33
CA LEU E 172 -67.38 26.52 -0.55
C LEU E 172 -66.34 25.89 -1.47
N LEU E 173 -66.79 25.23 -2.52
CA LEU E 173 -65.89 24.51 -3.41
C LEU E 173 -64.95 25.50 -4.12
N PRO E 174 -63.64 25.30 -4.02
CA PRO E 174 -62.69 26.22 -4.66
C PRO E 174 -62.64 26.02 -6.17
N LYS E 175 -61.90 26.92 -6.81
CA LYS E 175 -61.81 26.94 -8.26
C LYS E 175 -61.12 25.68 -8.76
N PHE E 176 -61.68 25.08 -9.80
CA PHE E 176 -60.99 24.01 -10.50
C PHE E 176 -61.68 23.79 -11.83
N LEU E 177 -60.98 23.11 -12.72
CA LEU E 177 -61.58 22.66 -13.96
C LEU E 177 -61.13 21.24 -14.23
N LEU E 178 -62.10 20.39 -14.52
CA LEU E 178 -61.90 18.96 -14.63
C LEU E 178 -62.71 18.47 -15.82
N ARG E 179 -62.26 17.39 -16.43
CA ARG E 179 -63.11 16.64 -17.33
C ARG E 179 -62.90 15.15 -17.13
N GLY E 180 -64.00 14.42 -17.08
CA GLY E 180 -63.98 12.99 -16.85
C GLY E 180 -64.61 12.24 -18.00
N HIS E 181 -64.11 11.04 -18.24
CA HIS E 181 -64.50 10.20 -19.36
C HIS E 181 -64.51 8.75 -18.94
N LEU E 182 -65.52 8.01 -19.40
CA LEU E 182 -65.53 6.56 -19.32
C LEU E 182 -65.50 5.95 -20.70
N ASN E 183 -64.52 5.08 -20.94
CA ASN E 183 -64.26 4.57 -22.28
C ASN E 183 -65.42 3.72 -22.80
N SER E 184 -66.07 2.99 -21.90
CA SER E 184 -67.36 2.39 -22.21
C SER E 184 -68.19 2.26 -20.95
N THR E 185 -69.27 3.04 -20.85
CA THR E 185 -70.21 2.78 -19.76
C THR E 185 -70.95 1.47 -19.97
N ASN E 186 -70.69 0.78 -21.08
CA ASN E 186 -71.06 -0.61 -21.27
C ASN E 186 -69.85 -1.46 -20.97
N CYS E 187 -70.01 -2.39 -20.02
CA CYS E 187 -68.88 -3.09 -19.43
C CYS E 187 -69.37 -4.49 -19.10
N VAL E 188 -68.45 -5.44 -19.07
CA VAL E 188 -68.85 -6.82 -18.83
C VAL E 188 -68.59 -7.12 -17.36
N ILE E 189 -69.58 -7.75 -16.74
CA ILE E 189 -69.67 -8.13 -15.33
C ILE E 189 -68.33 -8.50 -14.70
N THR E 190 -67.57 -9.36 -15.38
CA THR E 190 -66.33 -9.90 -14.86
C THR E 190 -65.07 -9.19 -15.36
N GLN E 191 -65.20 -8.07 -16.05
CA GLN E 191 -64.16 -7.64 -16.98
C GLN E 191 -63.93 -6.15 -16.75
N PRO E 192 -62.93 -5.51 -17.38
CA PRO E 192 -62.37 -4.33 -16.74
C PRO E 192 -62.89 -3.01 -17.28
N LEU E 193 -62.84 -1.99 -16.43
CA LEU E 193 -63.28 -0.66 -16.83
C LEU E 193 -62.06 0.16 -17.19
N THR E 194 -62.23 1.03 -18.18
CA THR E 194 -61.24 2.05 -18.47
C THR E 194 -61.90 3.41 -18.58
N GLY E 195 -61.19 4.43 -18.10
CA GLY E 195 -61.72 5.76 -18.04
C GLY E 195 -60.60 6.77 -17.97
N GLU E 196 -60.89 7.99 -18.43
CA GLU E 196 -59.97 9.12 -18.32
C GLU E 196 -60.59 10.24 -17.51
N LEU E 197 -59.71 10.97 -16.83
CA LEU E 197 -60.12 11.97 -15.86
C LEU E 197 -59.02 13.04 -15.80
N VAL E 198 -59.36 14.23 -16.21
CA VAL E 198 -58.43 15.33 -16.33
C VAL E 198 -58.55 16.23 -15.11
N VAL E 199 -57.42 16.70 -14.62
CA VAL E 199 -57.41 17.89 -13.79
C VAL E 199 -56.69 18.93 -14.62
N GLU E 200 -57.38 20.03 -14.86
CA GLU E 200 -56.85 21.10 -15.67
C GLU E 200 -57.07 22.48 -15.10
N SER E 201 -57.66 22.58 -13.91
CA SER E 201 -57.46 23.72 -13.05
C SER E 201 -57.70 23.30 -11.61
N SER E 202 -57.01 23.96 -10.69
CA SER E 202 -57.37 23.87 -9.28
C SER E 202 -56.76 25.05 -8.56
N GLU E 203 -57.60 25.72 -7.76
CA GLU E 203 -57.18 26.69 -6.75
C GLU E 203 -56.64 26.01 -5.50
N ALA E 204 -56.93 24.73 -5.35
CA ALA E 204 -56.75 23.97 -4.12
C ALA E 204 -55.97 22.71 -4.39
N ALA E 205 -55.13 22.32 -3.44
CA ALA E 205 -54.55 21.01 -3.53
C ALA E 205 -55.57 19.99 -3.04
N ILE E 206 -55.21 18.71 -3.09
CA ILE E 206 -56.12 17.63 -2.78
C ILE E 206 -55.37 16.61 -1.93
N ARG E 207 -56.03 16.11 -0.89
CA ARG E 207 -55.49 14.94 -0.21
C ARG E 207 -56.05 13.63 -0.76
N SER E 208 -57.35 13.54 -1.00
CA SER E 208 -57.90 12.35 -1.62
C SER E 208 -58.84 12.67 -2.77
N VAL E 209 -58.56 12.04 -3.90
CA VAL E 209 -59.54 11.86 -4.97
C VAL E 209 -59.91 10.38 -4.94
N GLU E 210 -61.16 10.10 -4.64
CA GLU E 210 -61.65 8.73 -4.55
C GLU E 210 -62.35 8.33 -5.83
N LEU E 211 -62.27 7.05 -6.15
CA LEU E 211 -62.96 6.46 -7.28
C LEU E 211 -63.65 5.19 -6.80
N GLN E 212 -64.98 5.20 -6.85
CA GLN E 212 -65.76 4.40 -5.93
C GLN E 212 -66.94 3.80 -6.68
N LEU E 213 -67.43 2.68 -6.17
CA LEU E 213 -68.55 1.97 -6.76
C LEU E 213 -69.69 1.80 -5.76
N VAL E 214 -70.91 1.84 -6.29
CA VAL E 214 -72.10 1.60 -5.50
C VAL E 214 -72.86 0.47 -6.19
N ARG E 215 -73.31 -0.49 -5.40
CA ARG E 215 -74.29 -1.49 -5.81
C ARG E 215 -75.63 -1.16 -5.17
N VAL E 216 -76.70 -1.27 -5.96
CA VAL E 216 -78.02 -0.82 -5.56
C VAL E 216 -79.02 -1.90 -5.90
N GLU E 217 -79.77 -2.35 -4.90
CA GLU E 217 -80.61 -3.53 -5.03
C GLU E 217 -81.97 -3.17 -4.48
N THR E 218 -83.01 -3.69 -5.12
CA THR E 218 -84.39 -3.36 -4.83
C THR E 218 -85.18 -4.65 -4.71
N CYS E 219 -86.05 -4.71 -3.71
CA CYS E 219 -86.99 -5.81 -3.60
C CYS E 219 -88.41 -5.25 -3.69
N GLY E 220 -89.30 -6.08 -4.22
CA GLY E 220 -90.69 -5.74 -4.36
C GLY E 220 -91.58 -6.31 -3.27
N CYS E 221 -92.62 -5.55 -2.93
CA CYS E 221 -93.68 -6.03 -2.06
C CYS E 221 -95.01 -5.61 -2.69
N ALA E 222 -96.06 -6.35 -2.36
CA ALA E 222 -97.34 -6.20 -3.04
C ALA E 222 -97.83 -4.75 -3.05
N GLU E 223 -97.37 -3.93 -2.11
CA GLU E 223 -97.70 -2.51 -2.09
C GLU E 223 -96.63 -1.63 -2.71
N GLY E 224 -95.37 -2.05 -2.67
CA GLY E 224 -94.27 -1.12 -2.90
C GLY E 224 -93.00 -1.83 -3.31
N TYR E 225 -92.14 -1.09 -3.99
CA TYR E 225 -90.75 -1.48 -4.14
C TYR E 225 -89.88 -0.65 -3.21
N ALA E 226 -88.96 -1.33 -2.53
CA ALA E 226 -87.97 -0.68 -1.69
C ALA E 226 -86.60 -0.86 -2.32
N ARG E 227 -85.88 0.25 -2.46
CA ARG E 227 -84.66 0.31 -3.25
C ARG E 227 -83.54 0.81 -2.35
N ASP E 228 -82.46 0.03 -2.28
CA ASP E 228 -81.36 0.37 -1.39
C ASP E 228 -80.03 0.12 -2.07
N ALA E 229 -79.08 0.99 -1.76
CA ALA E 229 -77.77 1.02 -2.37
C ALA E 229 -76.70 0.74 -1.34
N THR E 230 -75.67 -0.01 -1.72
CA THR E 230 -74.47 -0.07 -0.91
C THR E 230 -73.27 0.22 -1.79
N GLU E 231 -72.27 0.79 -1.16
CA GLU E 231 -71.02 1.19 -1.79
C GLU E 231 -69.94 0.19 -1.41
N ILE E 232 -69.24 -0.32 -2.41
CA ILE E 232 -68.00 -1.03 -2.11
C ILE E 232 -67.11 -0.99 -3.33
N GLN E 233 -66.30 0.07 -3.39
CA GLN E 233 -65.01 0.14 -4.06
C GLN E 233 -64.27 1.34 -3.50
N ASN E 234 -62.94 1.25 -3.37
CA ASN E 234 -62.20 2.47 -3.49
C ASN E 234 -60.79 2.20 -3.99
N ILE E 235 -60.40 3.01 -4.97
CA ILE E 235 -59.02 3.41 -5.27
C ILE E 235 -58.94 4.91 -5.05
N GLN E 236 -58.09 5.34 -4.13
CA GLN E 236 -57.81 6.76 -3.96
C GLN E 236 -56.54 7.11 -4.72
N ILE E 237 -56.66 8.09 -5.61
CA ILE E 237 -55.76 8.32 -6.74
C ILE E 237 -55.11 9.69 -6.60
N ALA E 238 -54.84 10.09 -5.37
CA ALA E 238 -54.12 11.33 -5.12
C ALA E 238 -53.00 11.05 -4.13
N ASP E 239 -51.80 11.49 -4.47
CA ASP E 239 -50.70 11.63 -3.53
C ASP E 239 -49.82 12.77 -3.98
N GLY E 240 -49.75 13.83 -3.18
CA GLY E 240 -49.22 15.10 -3.62
C GLY E 240 -50.21 15.87 -4.48
N ASP E 241 -50.00 17.19 -4.55
CA ASP E 241 -50.96 18.07 -5.22
C ASP E 241 -50.95 17.84 -6.72
N VAL E 242 -52.16 17.62 -7.26
CA VAL E 242 -52.29 17.15 -8.64
C VAL E 242 -51.95 18.27 -9.60
N CYS E 243 -51.11 17.96 -10.57
CA CYS E 243 -50.75 18.90 -11.62
C CYS E 243 -51.98 19.33 -12.40
N ARG E 244 -52.08 20.61 -12.67
CA ARG E 244 -53.15 21.11 -13.50
C ARG E 244 -52.82 20.85 -14.96
N GLY E 245 -53.86 20.63 -15.75
CA GLY E 245 -53.73 20.39 -17.17
C GLY E 245 -53.46 18.96 -17.57
N LEU E 246 -53.40 18.04 -16.61
CA LEU E 246 -53.15 16.64 -16.90
C LEU E 246 -54.45 15.83 -16.86
N SER E 247 -54.44 14.72 -17.57
CA SER E 247 -55.42 13.65 -17.42
C SER E 247 -54.89 12.47 -16.63
N VAL E 248 -55.75 11.90 -15.80
CA VAL E 248 -55.44 10.75 -14.97
C VAL E 248 -56.38 9.64 -15.44
N PRO E 249 -56.00 8.36 -15.36
CA PRO E 249 -56.85 7.33 -15.95
C PRO E 249 -57.73 6.62 -14.92
N ILE E 250 -58.86 6.10 -15.39
CA ILE E 250 -59.81 5.36 -14.55
C ILE E 250 -59.71 3.88 -14.86
N TYR E 251 -59.61 3.06 -13.81
CA TYR E 251 -59.38 1.63 -13.90
C TYR E 251 -60.29 0.88 -12.95
N MET E 252 -60.88 -0.21 -13.42
CA MET E 252 -61.65 -1.08 -12.54
C MET E 252 -61.75 -2.47 -13.14
N VAL E 253 -61.36 -3.48 -12.38
CA VAL E 253 -61.59 -4.88 -12.75
C VAL E 253 -62.82 -5.34 -11.97
N PHE E 254 -63.95 -5.35 -12.65
CA PHE E 254 -65.26 -5.20 -12.04
C PHE E 254 -65.47 -6.21 -10.91
N PRO E 255 -65.99 -5.77 -9.75
CA PRO E 255 -65.96 -6.59 -8.53
C PRO E 255 -66.60 -7.96 -8.69
N ARG E 256 -65.87 -8.98 -8.20
CA ARG E 256 -65.98 -10.35 -8.70
C ARG E 256 -67.40 -10.90 -8.66
N LEU E 257 -68.01 -10.96 -7.46
CA LEU E 257 -69.38 -11.45 -7.36
C LEU E 257 -70.36 -10.46 -6.75
N PHE E 258 -69.90 -9.31 -6.28
CA PHE E 258 -70.79 -8.37 -5.61
C PHE E 258 -71.46 -7.46 -6.62
N THR E 259 -71.22 -7.71 -7.90
CA THR E 259 -71.64 -6.89 -9.03
C THR E 259 -72.21 -7.83 -10.07
N CYS E 260 -73.16 -7.34 -10.85
CA CYS E 260 -73.71 -8.12 -11.95
C CYS E 260 -74.16 -7.16 -13.04
N PRO E 261 -74.52 -7.68 -14.21
CA PRO E 261 -75.35 -6.89 -15.13
C PRO E 261 -76.53 -6.28 -14.39
N THR E 262 -76.90 -5.07 -14.80
CA THR E 262 -77.93 -4.34 -14.08
C THR E 262 -79.26 -5.08 -14.22
N LEU E 263 -79.84 -5.47 -13.08
CA LEU E 263 -81.00 -6.34 -13.03
C LEU E 263 -82.25 -5.56 -12.68
N GLU E 264 -83.34 -5.87 -13.39
CA GLU E 264 -84.65 -5.28 -13.16
C GLU E 264 -85.70 -6.36 -13.37
N THR E 265 -86.52 -6.63 -12.36
CA THR E 265 -87.50 -7.71 -12.42
C THR E 265 -88.80 -7.28 -11.77
N THR E 266 -89.84 -8.07 -12.02
CA THR E 266 -91.12 -7.87 -11.35
C THR E 266 -90.98 -7.93 -9.84
N ASN E 267 -90.14 -8.83 -9.34
CA ASN E 267 -90.04 -9.07 -7.91
C ASN E 267 -88.92 -8.26 -7.26
N PHE E 268 -87.90 -7.88 -8.03
CA PHE E 268 -86.68 -7.33 -7.45
C PHE E 268 -85.94 -6.56 -8.52
N LYS E 269 -85.13 -5.59 -8.08
CA LYS E 269 -84.29 -4.82 -8.99
C LYS E 269 -82.88 -4.75 -8.42
N VAL E 270 -81.90 -4.66 -9.31
CA VAL E 270 -80.49 -4.44 -8.95
C VAL E 270 -79.88 -3.53 -10.01
N GLU E 271 -79.53 -2.30 -9.62
CA GLU E 271 -78.90 -1.38 -10.53
C GLU E 271 -77.53 -1.03 -9.98
N PHE E 272 -76.66 -0.58 -10.87
CA PHE E 272 -75.29 -0.28 -10.47
C PHE E 272 -74.95 1.16 -10.85
N GLU E 273 -74.02 1.72 -10.09
CA GLU E 273 -73.64 3.11 -10.24
C GLU E 273 -72.15 3.27 -9.99
N VAL E 274 -71.59 4.32 -10.57
CA VAL E 274 -70.24 4.76 -10.28
C VAL E 274 -70.33 6.09 -9.57
N ASN E 275 -69.51 6.24 -8.53
CA ASN E 275 -69.55 7.40 -7.65
C ASN E 275 -68.20 8.08 -7.70
N ILE E 276 -68.20 9.39 -7.47
CA ILE E 276 -66.97 10.17 -7.33
C ILE E 276 -67.02 11.00 -6.06
N VAL E 277 -65.97 10.90 -5.26
CA VAL E 277 -65.81 11.69 -4.04
C VAL E 277 -64.39 12.21 -4.00
N VAL E 278 -64.23 13.53 -3.83
CA VAL E 278 -62.93 14.17 -3.81
C VAL E 278 -62.74 14.84 -2.46
N LEU E 279 -61.68 14.49 -1.77
CA LEU E 279 -61.30 15.09 -0.49
C LEU E 279 -60.09 15.98 -0.76
N LEU E 280 -60.35 17.26 -0.99
CA LEU E 280 -59.33 18.25 -1.25
C LEU E 280 -58.40 18.41 -0.05
N HIS E 281 -57.31 19.15 -0.27
CA HIS E 281 -56.47 19.55 0.85
C HIS E 281 -57.21 20.51 1.77
N PRO E 282 -57.85 21.58 1.28
CA PRO E 282 -58.88 22.22 2.12
C PRO E 282 -60.12 21.38 2.29
N ASP E 283 -60.20 20.25 1.57
CA ASP E 283 -61.28 19.27 1.73
C ASP E 283 -62.65 19.88 1.56
N HIS E 284 -62.79 20.78 0.59
CA HIS E 284 -64.10 21.02 0.03
C HIS E 284 -64.46 19.80 -0.80
N LEU E 285 -65.63 19.24 -0.56
CA LEU E 285 -65.94 17.95 -1.12
C LEU E 285 -66.97 18.10 -2.23
N ILE E 286 -66.72 17.41 -3.33
CA ILE E 286 -67.61 17.41 -4.48
C ILE E 286 -67.91 15.97 -4.81
N THR E 287 -69.13 15.71 -5.29
CA THR E 287 -69.50 14.35 -5.62
C THR E 287 -70.38 14.31 -6.85
N GLU E 288 -70.12 13.32 -7.70
CA GLU E 288 -70.90 13.07 -8.90
C GLU E 288 -71.07 11.57 -8.98
N ASN E 289 -72.23 11.14 -9.49
CA ASN E 289 -72.44 9.74 -9.72
C ASN E 289 -72.92 9.50 -11.15
N PHE E 290 -72.54 8.37 -11.72
CA PHE E 290 -73.23 7.89 -12.89
C PHE E 290 -73.70 6.46 -12.66
N PRO E 291 -74.86 6.11 -13.19
CA PRO E 291 -75.35 4.73 -13.07
C PRO E 291 -74.99 3.87 -14.26
N LEU E 292 -74.85 2.57 -14.02
CA LEU E 292 -74.23 1.66 -14.96
C LEU E 292 -75.21 0.56 -15.33
N LYS E 293 -75.10 0.10 -16.57
CA LYS E 293 -75.77 -1.13 -16.98
C LYS E 293 -74.77 -2.06 -17.64
N LEU E 294 -74.77 -3.30 -17.19
CA LEU E 294 -73.64 -4.22 -17.33
C LEU E 294 -74.09 -5.46 -18.08
N CYS E 295 -73.15 -6.12 -18.73
CA CYS E 295 -73.44 -7.23 -19.62
C CYS E 295 -72.51 -8.40 -19.31
N ARG E 296 -72.98 -9.61 -19.65
CA ARG E 296 -72.10 -10.77 -19.77
C ARG E 296 -72.20 -11.38 -21.15
N ILE E 297 -71.06 -11.78 -21.68
CA ILE E 297 -71.02 -12.58 -22.89
C ILE E 297 -70.06 -13.73 -22.64
#